data_2P7F
# 
_entry.id   2P7F 
# 
_audit_conform.dict_name       mmcif_pdbx.dic 
_audit_conform.dict_version    5.377 
_audit_conform.dict_location   http://mmcif.pdb.org/dictionaries/ascii/mmcif_pdbx.dic 
# 
loop_
_database_2.database_id 
_database_2.database_code 
_database_2.pdbx_database_accession 
_database_2.pdbx_DOI 
PDB   2P7F         pdb_00002p7f 10.2210/pdb2p7f/pdb 
NDB   UR0118       ?            ?                   
RCSB  RCSB042060   ?            ?                   
WWPDB D_1000042060 ?            ?                   
# 
loop_
_pdbx_database_related.db_name 
_pdbx_database_related.db_id 
_pdbx_database_related.details 
_pdbx_database_related.content_type 
PDB 2OUE 
;A related minimal, all-RNA hairpin ribozyme construct solved to 2.05 angstroms resolution with waters identified in the active site.
;
unspecified 
PDB 2P7D . unspecified 
PDB 2P7E . unspecified 
# 
_pdbx_database_status.entry_id                        2P7F 
_pdbx_database_status.status_code                     REL 
_pdbx_database_status.status_code_sf                  REL 
_pdbx_database_status.recvd_initial_deposition_date   2007-03-20 
_pdbx_database_status.deposit_site                    RCSB 
_pdbx_database_status.process_site                    RCSB 
_pdbx_database_status.SG_entry                        N 
_pdbx_database_status.status_code_mr                  ? 
_pdbx_database_status.status_code_cs                  ? 
_pdbx_database_status.methods_development_category    ? 
_pdbx_database_status.pdb_format_compatible           Y 
_pdbx_database_status.status_code_nmr_data            ? 
# 
loop_
_audit_author.name 
_audit_author.pdbx_ordinal 
'Torelli, A.T.'  1 
'Krucinska, J.'  2 
'Wedekind, J.E.' 3 
# 
loop_
_citation.id 
_citation.title 
_citation.journal_abbrev 
_citation.journal_volume 
_citation.page_first 
_citation.page_last 
_citation.year 
_citation.journal_id_ASTM 
_citation.country 
_citation.journal_id_ISSN 
_citation.journal_id_CSD 
_citation.book_publisher 
_citation.pdbx_database_id_PubMed 
_citation.pdbx_database_id_DOI 
primary 
;A comparison of vanadate to a 2'-5' linkage at the active site of a small ribozyme suggests a role for water in transition-state stabilization
;
Rna          13 1052  1070  2007 RNARFU UK 1355-8382 2122 ? 17488874 10.1261/rna.510807 
1       
'Water in the active site of an all-RNA hairpin ribozyme and effects of Gua8 base variants on the geometry of phosphoryl transfer.' 
Biochemistry 45 686   700   2006 BICHAW US 0006-2960 0033 ? 16411744 10.1021/bi051887k  
2       
;Conformational heterogeneity at position U37 of an all-RNA hairpin ribozyme with implications for metal binding and the catalytic structure of the S-turn.
;
Biochemistry 44 14396 14408 2005 BICHAW US 0006-2960 0033 ? 16262240 10.1021/bi051550i  
# 
loop_
_citation_author.citation_id 
_citation_author.name 
_citation_author.ordinal 
_citation_author.identifier_ORCID 
primary 'Torelli, A.T.'   1  ? 
primary 'Krucinska, J.'   2  ? 
primary 'Wedekind, J.E.'  3  ? 
1       'Salter, J.'      4  ? 
1       'Krucinska, J.'   5  ? 
1       'Alam, S.'        6  ? 
1       'Grum-Tokars, V.' 7  ? 
1       'Wedekind, J.E.'  8  ? 
2       'Alam, S.'        9  ? 
2       'Grum-Tokars, V.' 10 ? 
2       'Krucinska, J.'   11 ? 
2       'Kundracik, M.L.' 12 ? 
2       'Wedekind, J.E.'  13 ? 
# 
_cell.entry_id           2P7F 
_cell.length_a           94.1 
_cell.length_b           94.1 
_cell.length_c           127.2 
_cell.angle_alpha        90.0 
_cell.angle_beta         90.0 
_cell.angle_gamma        120.0 
_cell.Z_PDB              12 
_cell.pdbx_unique_axis   ? 
_cell.length_a_esd       ? 
_cell.length_b_esd       ? 
_cell.length_c_esd       ? 
_cell.angle_alpha_esd    ? 
_cell.angle_beta_esd     ? 
_cell.angle_gamma_esd    ? 
# 
_symmetry.entry_id                         2P7F 
_symmetry.space_group_name_H-M             'P 61 2 2' 
_symmetry.pdbx_full_space_group_name_H-M   ? 
_symmetry.Int_Tables_number                178 
_symmetry.cell_setting                     ? 
_symmetry.space_group_name_Hall            ? 
# 
loop_
_entity.id 
_entity.type 
_entity.src_method 
_entity.pdbx_description 
_entity.formula_weight 
_entity.pdbx_number_of_molecules 
_entity.pdbx_ec 
_entity.pdbx_mutation 
_entity.pdbx_fragment 
_entity.details 
1 polymer     syn 'substrate strand'       4036.471 1  ? ? ? 
;2',5' phosphodiester substitution at the site of cleavage
;
2 polymer     syn 'Loop A ribozyme strand' 3970.448 1  ? ? ? ?                                                           
3 polymer     syn 'Loop B ribozyme strand' 5535.445 1  ? ? ? ?                                                           
4 polymer     syn 'Loop B S-turn strand'   5991.568 1  ? ? ? 'contains the S-turn'                                       
5 non-polymer syn 'SULFATE ION'            96.063   1  ? ? ? ?                                                           
6 non-polymer syn 'COBALT HEXAMMINE(III)'  161.116  2  ? ? ? ?                                                           
7 water       nat water                    18.015   15 ? ? ? ?                                                           
# 
loop_
_entity_poly.entity_id 
_entity_poly.type 
_entity_poly.nstd_linkage 
_entity_poly.nstd_monomer 
_entity_poly.pdbx_seq_one_letter_code 
_entity_poly.pdbx_seq_one_letter_code_can 
_entity_poly.pdbx_strand_id 
_entity_poly.pdbx_target_identifier 
1 polyribonucleotide no yes 'UCCC(3DA)GUCCACCG' UCCCAGUCCACCG       A ? 
2 polyribonucleotide no no  CGGUGAGAAGGG        CGGUGAGAAGGG        B ? 
3 polyribonucleotide no no  GGCAGAGAAACACACGA   GGCAGAGAAACACACGA   C ? 
4 polyribonucleotide no no  UCGUGGUACAUUACCUGCC UCGUGGUACAUUACCUGCC D ? 
# 
loop_
_entity_poly_seq.entity_id 
_entity_poly_seq.num 
_entity_poly_seq.mon_id 
_entity_poly_seq.hetero 
1 1  U   n 
1 2  C   n 
1 3  C   n 
1 4  C   n 
1 5  3DA n 
1 6  G   n 
1 7  U   n 
1 8  C   n 
1 9  C   n 
1 10 A   n 
1 11 C   n 
1 12 C   n 
1 13 G   n 
2 1  C   n 
2 2  G   n 
2 3  G   n 
2 4  U   n 
2 5  G   n 
2 6  A   n 
2 7  G   n 
2 8  A   n 
2 9  A   n 
2 10 G   n 
2 11 G   n 
2 12 G   n 
3 1  G   n 
3 2  G   n 
3 3  C   n 
3 4  A   n 
3 5  G   n 
3 6  A   n 
3 7  G   n 
3 8  A   n 
3 9  A   n 
3 10 A   n 
3 11 C   n 
3 12 A   n 
3 13 C   n 
3 14 A   n 
3 15 C   n 
3 16 G   n 
3 17 A   n 
4 1  U   n 
4 2  C   n 
4 3  G   n 
4 4  U   n 
4 5  G   n 
4 6  G   n 
4 7  U   n 
4 8  A   n 
4 9  C   n 
4 10 A   n 
4 11 U   n 
4 12 U   n 
4 13 A   n 
4 14 C   n 
4 15 C   n 
4 16 U   n 
4 17 G   n 
4 18 C   n 
4 19 C   n 
# 
loop_
_pdbx_entity_src_syn.entity_id 
_pdbx_entity_src_syn.pdbx_src_id 
_pdbx_entity_src_syn.pdbx_alt_source_flag 
_pdbx_entity_src_syn.pdbx_beg_seq_num 
_pdbx_entity_src_syn.pdbx_end_seq_num 
_pdbx_entity_src_syn.organism_scientific 
_pdbx_entity_src_syn.organism_common_name 
_pdbx_entity_src_syn.ncbi_taxonomy_id 
_pdbx_entity_src_syn.details 
1 1 sample ? ? ? ? ? 'sequence occurs naturally in tobacco ringspot virus satellite RNA' 
2 1 sample ? ? ? ? ? 'sequence occurs naturally in tobacco ringspot virus satellite RNA' 
3 1 sample ? ? ? ? ? 'sequence occurs naturally in tobacco ringspot virus satellite RNA' 
4 1 sample ? ? ? ? ? 'sequence occurs naturally in tobacco ringspot virus satellite RNA' 
# 
loop_
_struct_ref.id 
_struct_ref.entity_id 
_struct_ref.db_name 
_struct_ref.db_code 
_struct_ref.pdbx_db_accession 
_struct_ref.pdbx_align_begin 
_struct_ref.pdbx_seq_one_letter_code 
_struct_ref.pdbx_db_isoform 
1 1 PDB 2P7F 2P7F ? ? ? 
2 2 PDB 2P7F 2P7F ? ? ? 
3 3 PDB 2P7F 2P7F ? ? ? 
4 4 PDB 2P7F 2P7F ? ? ? 
# 
loop_
_struct_ref_seq.align_id 
_struct_ref_seq.ref_id 
_struct_ref_seq.pdbx_PDB_id_code 
_struct_ref_seq.pdbx_strand_id 
_struct_ref_seq.seq_align_beg 
_struct_ref_seq.pdbx_seq_align_beg_ins_code 
_struct_ref_seq.seq_align_end 
_struct_ref_seq.pdbx_seq_align_end_ins_code 
_struct_ref_seq.pdbx_db_accession 
_struct_ref_seq.db_align_beg 
_struct_ref_seq.pdbx_db_align_beg_ins_code 
_struct_ref_seq.db_align_end 
_struct_ref_seq.pdbx_db_align_end_ins_code 
_struct_ref_seq.pdbx_auth_seq_align_beg 
_struct_ref_seq.pdbx_auth_seq_align_end 
1 1 2P7F A 1 ? 13 ? 2P7F 1  ? 13 ? 1  13 
2 2 2P7F B 1 ? 12 ? 2P7F 2  ? 13 ? 2  13 
3 3 2P7F C 1 ? 17 ? 2P7F 15 ? 31 ? 15 31 
4 4 2P7F D 1 ? 19 ? 2P7F 31 ? 49 ? 31 49 
# 
loop_
_chem_comp.id 
_chem_comp.type 
_chem_comp.mon_nstd_flag 
_chem_comp.name 
_chem_comp.pdbx_synonyms 
_chem_comp.formula 
_chem_comp.formula_weight 
3DA 'RNA linking' n "3'-DEOXYADENOSINE-5'-MONOPHOSPHATE" ? 'C10 H14 N5 O6 P' 331.222 
A   'RNA linking' y "ADENOSINE-5'-MONOPHOSPHATE"         ? 'C10 H14 N5 O7 P' 347.221 
C   'RNA linking' y "CYTIDINE-5'-MONOPHOSPHATE"          ? 'C9 H14 N3 O8 P'  323.197 
G   'RNA linking' y "GUANOSINE-5'-MONOPHOSPHATE"         ? 'C10 H14 N5 O8 P' 363.221 
HOH non-polymer   . WATER                                ? 'H2 O'            18.015  
NCO non-polymer   . 'COBALT HEXAMMINE(III)'              ? 'Co H18 N6 3'     161.116 
SO4 non-polymer   . 'SULFATE ION'                        ? 'O4 S -2'         96.063  
U   'RNA linking' y "URIDINE-5'-MONOPHOSPHATE"           ? 'C9 H13 N2 O9 P'  324.181 
# 
_exptl.entry_id          2P7F 
_exptl.method            'X-RAY DIFFRACTION' 
_exptl.crystals_number   1 
# 
_exptl_crystal.id                    1 
_exptl_crystal.density_meas          ? 
_exptl_crystal.density_Matthews      4.11 
_exptl_crystal.density_percent_sol   79.80 
_exptl_crystal.description           ? 
_exptl_crystal.F_000                 ? 
_exptl_crystal.preparation           ? 
# 
_exptl_crystal_grow.crystal_id      1 
_exptl_crystal_grow.method          'VAPOR DIFFUSION, HANGING DROP' 
_exptl_crystal_grow.temp            293 
_exptl_crystal_grow.pH              7.0 
_exptl_crystal_grow.pdbx_details    
;250 mM Li2SO4, 2.5 mM [Co(NH3)6]Cl3, 2 mM spermidine-HCl, 15 mM nicotinic acid, 100 mM sodium HEPES buffer and 20.5% PEG 2000 MME, pH 7.0, VAPOR DIFFUSION, HANGING DROP, temperature 293K
;
_exptl_crystal_grow.temp_details    ? 
_exptl_crystal_grow.pdbx_pH_range   . 
# 
loop_
_exptl_crystal_grow_comp.crystal_id 
_exptl_crystal_grow_comp.id 
_exptl_crystal_grow_comp.sol_id 
_exptl_crystal_grow_comp.name 
_exptl_crystal_grow_comp.conc 
_exptl_crystal_grow_comp.volume 
_exptl_crystal_grow_comp.details 
1 1  1 Li2SO4           ? ? ? 
1 2  1 '[Co(NH3)6]Cl3'  ? ? ? 
1 3  1 spermidine-HCl   ? ? ? 
1 4  1 'nicotinic acid' ? ? ? 
1 5  1 'sodium HEPES'   ? ? ? 
1 6  1 'PEG 2000 MME'   ? ? ? 
1 7  2 Li2SO4           ? ? ? 
1 8  2 spermidine-HCl   ? ? ? 
1 9  2 'PEG 2000 MME'   ? ? ? 
1 10 2 'sodium HEPES'   ? ? ? 
# 
_diffrn.id                     1 
_diffrn.ambient_temp           100 
_diffrn.ambient_temp_details   ? 
_diffrn.crystal_id             1 
# 
_diffrn_detector.diffrn_id              1 
_diffrn_detector.detector               CCD 
_diffrn_detector.type                   'ADSC QUANTUM 315' 
_diffrn_detector.pdbx_collection_date   2006-04-21 
_diffrn_detector.details                
'Flat mirror (vertical focusing); single crystal Si(111) bent monochromator (horizontal focusing)' 
# 
_diffrn_radiation.diffrn_id                        1 
_diffrn_radiation.wavelength_id                    1 
_diffrn_radiation.pdbx_monochromatic_or_laue_m_l   M 
_diffrn_radiation.monochromator                    
'Side scattering bent cube-root I-beam single crystal; asymmetric cut 4.965 degs' 
_diffrn_radiation.pdbx_diffrn_protocol             'SINGLE WAVELENGTH' 
_diffrn_radiation.pdbx_scattering_type             x-ray 
# 
_diffrn_radiation_wavelength.id           1 
_diffrn_radiation_wavelength.wavelength   0.97945 
_diffrn_radiation_wavelength.wt           1.0 
# 
_diffrn_source.diffrn_id                   1 
_diffrn_source.source                      SYNCHROTRON 
_diffrn_source.type                        'SSRL BEAMLINE BL11-1' 
_diffrn_source.pdbx_synchrotron_site       SSRL 
_diffrn_source.pdbx_synchrotron_beamline   BL11-1 
_diffrn_source.pdbx_wavelength             ? 
_diffrn_source.pdbx_wavelength_list        0.97945 
# 
_reflns.entry_id                     2P7F 
_reflns.observed_criterion_sigma_I   -3 
_reflns.observed_criterion_sigma_F   ? 
_reflns.d_resolution_low             40.76 
_reflns.d_resolution_high            2.35 
_reflns.number_obs                   14321 
_reflns.number_all                   14321 
_reflns.percent_possible_obs         99.1 
_reflns.pdbx_Rmerge_I_obs            ? 
_reflns.pdbx_Rsym_value              0.037 
_reflns.pdbx_netI_over_sigmaI        19.6 
_reflns.B_iso_Wilson_estimate        90.5 
_reflns.pdbx_redundancy              5.92 
_reflns.R_free_details               ? 
_reflns.pdbx_chi_squared             ? 
_reflns.pdbx_scaling_rejects         ? 
_reflns.pdbx_diffrn_id               1 
_reflns.pdbx_ordinal                 1 
# 
_reflns_shell.d_res_high             2.35 
_reflns_shell.d_res_low              2.43 
_reflns_shell.percent_possible_all   99.1 
_reflns_shell.Rmerge_I_obs           ? 
_reflns_shell.pdbx_Rsym_value        0.448 
_reflns_shell.meanI_over_sigI_obs    2.9 
_reflns_shell.pdbx_redundancy        5.32 
_reflns_shell.percent_possible_obs   ? 
_reflns_shell.number_unique_all      ? 
_reflns_shell.number_measured_all    ? 
_reflns_shell.number_measured_obs    ? 
_reflns_shell.number_unique_obs      ? 
_reflns_shell.pdbx_chi_squared       ? 
_reflns_shell.pdbx_diffrn_id         ? 
_reflns_shell.pdbx_ordinal           1 
# 
_refine.entry_id                                 2P7F 
_refine.ls_number_reflns_obs                     14313 
_refine.ls_number_reflns_all                     14313 
_refine.pdbx_ls_sigma_I                          ? 
_refine.pdbx_ls_sigma_F                          0.0 
_refine.pdbx_data_cutoff_high_absF               776924.60 
_refine.pdbx_data_cutoff_low_absF                0.000000 
_refine.pdbx_data_cutoff_high_rms_absF           ? 
_refine.ls_d_res_low                             29.38 
_refine.ls_d_res_high                            2.35 
_refine.ls_percent_reflns_obs                    99.0 
_refine.ls_R_factor_obs                          0.226 
_refine.ls_R_factor_all                          0.226 
_refine.ls_R_factor_R_work                       0.227 
_refine.ls_R_factor_R_free                       0.252 
_refine.ls_R_factor_R_free_error                 0.009 
_refine.ls_R_factor_R_free_error_details         ? 
_refine.ls_percent_reflns_R_free                 5.1 
_refine.ls_number_reflns_R_free                  724 
_refine.ls_number_parameters                     ? 
_refine.ls_number_restraints                     ? 
_refine.occupancy_min                            ? 
_refine.occupancy_max                            ? 
_refine.correlation_coeff_Fo_to_Fc               ? 
_refine.correlation_coeff_Fo_to_Fc_free          ? 
_refine.B_iso_mean                               81.7 
_refine.aniso_B[1][1]                            -13.01 
_refine.aniso_B[2][2]                            -13.01 
_refine.aniso_B[3][3]                            26.02 
_refine.aniso_B[1][2]                            -2.59 
_refine.aniso_B[1][3]                            0.00 
_refine.aniso_B[2][3]                            0.00 
_refine.solvent_model_details                    'FLAT MODEL' 
_refine.solvent_model_param_ksol                 0.35 
_refine.solvent_model_param_bsol                 40 
_refine.pdbx_solvent_vdw_probe_radii             ? 
_refine.pdbx_solvent_ion_probe_radii             ? 
_refine.pdbx_solvent_shrinkage_radii             ? 
_refine.pdbx_ls_cross_valid_method               THROUGHOUT 
_refine.details                                  ? 
_refine.pdbx_starting_model                      'PDB ENTRY 1ZFR' 
_refine.pdbx_method_to_determine_struct          'FOURIER SYNTHESIS' 
_refine.pdbx_isotropic_thermal_model             RESTRAINED 
_refine.pdbx_stereochemistry_target_values       'Parkinson et al. Acta Cryst.D,52,57 (1996)' 
_refine.pdbx_stereochem_target_val_spec_case     ? 
_refine.pdbx_R_Free_selection_details            RANDOM 
_refine.pdbx_overall_ESU_R_Free                  ? 
_refine.overall_SU_ML                            ? 
_refine.overall_SU_B                             ? 
_refine.ls_redundancy_reflns_obs                 ? 
_refine.overall_SU_R_Cruickshank_DPI             ? 
_refine.overall_SU_R_free                        ? 
_refine.ls_wR_factor_R_free                      ? 
_refine.ls_wR_factor_R_work                      ? 
_refine.overall_FOM_free_R_set                   ? 
_refine.overall_FOM_work_R_set                   ? 
_refine.pdbx_refine_id                           'X-RAY DIFFRACTION' 
_refine.pdbx_overall_ESU_R                       ? 
_refine.pdbx_overall_phase_error                 ? 
_refine.pdbx_diffrn_id                           1 
_refine.pdbx_TLS_residual_ADP_flag               ? 
_refine.pdbx_overall_SU_R_free_Cruickshank_DPI   ? 
_refine.pdbx_overall_SU_R_Blow_DPI               ? 
_refine.pdbx_overall_SU_R_free_Blow_DPI          ? 
# 
_refine_analyze.entry_id                        2P7F 
_refine_analyze.Luzzati_coordinate_error_obs    0.48 
_refine_analyze.Luzzati_sigma_a_obs             0.60 
_refine_analyze.Luzzati_d_res_low_obs           40.76 
_refine_analyze.Luzzati_coordinate_error_free   0.47 
_refine_analyze.Luzzati_sigma_a_free            0.67 
_refine_analyze.Luzzati_d_res_low_free          ? 
_refine_analyze.number_disordered_residues      ? 
_refine_analyze.occupancy_sum_hydrogen          ? 
_refine_analyze.occupancy_sum_non_hydrogen      ? 
_refine_analyze.pdbx_refine_id                  'X-RAY DIFFRACTION' 
# 
_refine_hist.pdbx_refine_id                   'X-RAY DIFFRACTION' 
_refine_hist.cycle_id                         LAST 
_refine_hist.pdbx_number_atoms_protein        0 
_refine_hist.pdbx_number_atoms_nucleic_acid   1310 
_refine_hist.pdbx_number_atoms_ligand         19 
_refine_hist.number_atoms_solvent             15 
_refine_hist.number_atoms_total               1344 
_refine_hist.d_res_high                       2.35 
_refine_hist.d_res_low                        29.38 
# 
loop_
_refine_ls_restr.type 
_refine_ls_restr.dev_ideal 
_refine_ls_restr.dev_ideal_target 
_refine_ls_restr.weight 
_refine_ls_restr.number 
_refine_ls_restr.pdbx_refine_id 
_refine_ls_restr.pdbx_restraint_function 
c_bond_d           0.008 ? ? ? 'X-RAY DIFFRACTION' ? 
c_angle_deg        1.4   ? ? ? 'X-RAY DIFFRACTION' ? 
c_dihedral_angle_d 17.3  ? ? ? 'X-RAY DIFFRACTION' ? 
c_improper_angle_d 1.86  ? ? ? 'X-RAY DIFFRACTION' ? 
c_mcbond_it        ?     ? ? ? 'X-RAY DIFFRACTION' ? 
c_mcangle_it       ?     ? ? ? 'X-RAY DIFFRACTION' ? 
c_scbond_it        ?     ? ? ? 'X-RAY DIFFRACTION' ? 
c_scangle_it       ?     ? ? ? 'X-RAY DIFFRACTION' ? 
# 
_refine_ls_shell.pdbx_total_number_of_bins_used   6 
_refine_ls_shell.d_res_high                       2.35 
_refine_ls_shell.d_res_low                        2.50 
_refine_ls_shell.number_reflns_R_work             2203 
_refine_ls_shell.R_factor_R_work                  0.475 
_refine_ls_shell.percent_reflns_obs               99.1 
_refine_ls_shell.R_factor_R_free                  0.516 
_refine_ls_shell.R_factor_R_free_error            0.049 
_refine_ls_shell.percent_reflns_R_free            4.9 
_refine_ls_shell.number_reflns_R_free             113 
_refine_ls_shell.number_reflns_all                ? 
_refine_ls_shell.R_factor_all                     ? 
_refine_ls_shell.number_reflns_obs                ? 
_refine_ls_shell.redundancy_reflns_obs            ? 
_refine_ls_shell.pdbx_refine_id                   'X-RAY DIFFRACTION' 
# 
loop_
_pdbx_xplor_file.serial_no 
_pdbx_xplor_file.param_file 
_pdbx_xplor_file.topol_file 
_pdbx_xplor_file.pdbx_refine_id 
1 dna-rnaATT             dna-rnaATT            'X-RAY DIFFRACTION' 
2 cobalt.par             cobalt.top            'X-RAY DIFFRACTION' 
3 water_rep.param        water.top             'X-RAY DIFFRACTION' 
4 ion.param              ion.top               'X-RAY DIFFRACTION' 
5 &_1_PARAMETER_INFILE_5 &_1_TOPOLOGY_INFILE_5 'X-RAY DIFFRACTION' 
# 
_struct.entry_id                  2P7F 
_struct.title                     
;The Novel Use of a 2',5'-Phosphodiester Linkage as a Reaction Intermediate at the Active Site of a Small Ribozyme
;
_struct.pdbx_model_details        ? 
_struct.pdbx_CASP_flag            N 
_struct.pdbx_model_type_details   ? 
# 
_struct_keywords.entry_id        2P7F 
_struct_keywords.pdbx_keywords   RNA 
_struct_keywords.text            
;hairpin ribozyme; 2', 5' phosphodiester; vanadate; reaction intermediate; transition-state stabilization; active site waters; induced fit, RNA
;
# 
loop_
_struct_asym.id 
_struct_asym.pdbx_blank_PDB_chainid_flag 
_struct_asym.pdbx_modified 
_struct_asym.entity_id 
_struct_asym.details 
A N N 1 ? 
B N N 2 ? 
C N N 3 ? 
D N N 4 ? 
E N N 5 ? 
F N N 6 ? 
G N N 6 ? 
H N N 7 ? 
I N N 7 ? 
J N N 7 ? 
K N N 7 ? 
# 
_struct_biol.id        1 
_struct_biol.details   'The ribozyme-substrate complex in the asymmetric unit also represents the biological unit' 
# 
loop_
_struct_conn.id 
_struct_conn.conn_type_id 
_struct_conn.pdbx_leaving_atom_flag 
_struct_conn.pdbx_PDB_id 
_struct_conn.ptnr1_label_asym_id 
_struct_conn.ptnr1_label_comp_id 
_struct_conn.ptnr1_label_seq_id 
_struct_conn.ptnr1_label_atom_id 
_struct_conn.pdbx_ptnr1_label_alt_id 
_struct_conn.pdbx_ptnr1_PDB_ins_code 
_struct_conn.pdbx_ptnr1_standard_comp_id 
_struct_conn.ptnr1_symmetry 
_struct_conn.ptnr2_label_asym_id 
_struct_conn.ptnr2_label_comp_id 
_struct_conn.ptnr2_label_seq_id 
_struct_conn.ptnr2_label_atom_id 
_struct_conn.pdbx_ptnr2_label_alt_id 
_struct_conn.pdbx_ptnr2_PDB_ins_code 
_struct_conn.ptnr1_auth_asym_id 
_struct_conn.ptnr1_auth_comp_id 
_struct_conn.ptnr1_auth_seq_id 
_struct_conn.ptnr2_auth_asym_id 
_struct_conn.ptnr2_auth_comp_id 
_struct_conn.ptnr2_auth_seq_id 
_struct_conn.ptnr2_symmetry 
_struct_conn.pdbx_ptnr3_label_atom_id 
_struct_conn.pdbx_ptnr3_label_seq_id 
_struct_conn.pdbx_ptnr3_label_comp_id 
_struct_conn.pdbx_ptnr3_label_asym_id 
_struct_conn.pdbx_ptnr3_label_alt_id 
_struct_conn.pdbx_ptnr3_PDB_ins_code 
_struct_conn.details 
_struct_conn.pdbx_dist_value 
_struct_conn.pdbx_value_order 
_struct_conn.pdbx_role 
covale1  covale both ? A C   4  "O3'" ? ? ? 1_555 A 3DA 5  P  ? ? A C   4  A 3DA 5  1_555 ? ? ? ? ? ? ?                    1.602 ? 
? 
covale2  covale one  ? A 3DA 5  "O2'" ? ? ? 1_555 A G   6  P  ? ? A 3DA 5  A G   6  1_555 ? ? ? ? ? ? ?                    1.609 ? 
? 
hydrog1  hydrog ?    ? A C   2  N3    ? ? ? 1_555 B G   12 N1 ? ? A C   2  B G   13 1_555 ? ? ? ? ? ? WATSON-CRICK         ?     ? 
? 
hydrog2  hydrog ?    ? A C   2  N4    ? ? ? 1_555 B G   12 O6 ? ? A C   2  B G   13 1_555 ? ? ? ? ? ? WATSON-CRICK         ?     ? 
? 
hydrog3  hydrog ?    ? A C   2  O2    ? ? ? 1_555 B G   12 N2 ? ? A C   2  B G   13 1_555 ? ? ? ? ? ? WATSON-CRICK         ?     ? 
? 
hydrog4  hydrog ?    ? A C   3  N3    ? ? ? 1_555 B G   11 N1 ? ? A C   3  B G   12 1_555 ? ? ? ? ? ? WATSON-CRICK         ?     ? 
? 
hydrog5  hydrog ?    ? A C   3  N4    ? ? ? 1_555 B G   11 O6 ? ? A C   3  B G   12 1_555 ? ? ? ? ? ? WATSON-CRICK         ?     ? 
? 
hydrog6  hydrog ?    ? A C   3  O2    ? ? ? 1_555 B G   11 N2 ? ? A C   3  B G   12 1_555 ? ? ? ? ? ? WATSON-CRICK         ?     ? 
? 
hydrog7  hydrog ?    ? A C   4  N3    ? ? ? 1_555 B G   10 N1 ? ? A C   4  B G   11 1_555 ? ? ? ? ? ? WATSON-CRICK         ?     ? 
? 
hydrog8  hydrog ?    ? A C   4  N4    ? ? ? 1_555 B G   10 O6 ? ? A C   4  B G   11 1_555 ? ? ? ? ? ? WATSON-CRICK         ?     ? 
? 
hydrog9  hydrog ?    ? A C   4  O2    ? ? ? 1_555 B G   10 N2 ? ? A C   4  B G   11 1_555 ? ? ? ? ? ? WATSON-CRICK         ?     ? 
? 
hydrog10 hydrog ?    ? A 3DA 5  N3    ? ? ? 1_555 B A   8  N6 ? ? A 3DA 5  B A   9  1_555 ? ? ? ? ? ? '3DA-A MISPAIR'      ?     ? 
? 
hydrog11 hydrog ?    ? A 3DA 5  N3    ? ? ? 1_555 B A   9  N6 ? ? A 3DA 5  B A   10 1_555 ? ? ? ? ? ? '3DA-A MISPAIR'      ?     ? 
? 
hydrog12 hydrog ?    ? A G   6  N1    ? ? ? 1_555 C C   11 N3 ? ? A G   6  C C   25 1_555 ? ? ? ? ? ? WATSON-CRICK         ?     ? 
? 
hydrog13 hydrog ?    ? A G   6  N2    ? ? ? 1_555 C C   11 O2 ? ? A G   6  C C   25 1_555 ? ? ? ? ? ? WATSON-CRICK         ?     ? 
? 
hydrog14 hydrog ?    ? A G   6  O6    ? ? ? 1_555 C C   11 N4 ? ? A G   6  C C   25 1_555 ? ? ? ? ? ? WATSON-CRICK         ?     ? 
? 
hydrog15 hydrog ?    ? A U   7  O4    ? ? ? 1_555 B G   7  N2 ? ? A U   7  B G   8  1_555 ? ? ? ? ? ? 'U-G MISPAIR'        ?     ? 
? 
hydrog16 hydrog ?    ? A C   8  N4    ? ? ? 1_555 B A   6  N1 ? ? A C   8  B A   7  1_555 ? ? ? ? ? ? 'C-A MISPAIR'        ?     ? 
? 
hydrog17 hydrog ?    ? A C   9  N3    ? ? ? 1_555 B G   5  N1 ? ? A C   9  B G   6  1_555 ? ? ? ? ? ? WATSON-CRICK         ?     ? 
? 
hydrog18 hydrog ?    ? A C   9  N4    ? ? ? 1_555 B G   5  O6 ? ? A C   9  B G   6  1_555 ? ? ? ? ? ? WATSON-CRICK         ?     ? 
? 
hydrog19 hydrog ?    ? A C   9  O2    ? ? ? 1_555 B G   5  N2 ? ? A C   9  B G   6  1_555 ? ? ? ? ? ? WATSON-CRICK         ?     ? 
? 
hydrog20 hydrog ?    ? A A   10 N1    ? ? ? 1_555 B U   4  N3 ? ? A A   10 B U   5  1_555 ? ? ? ? ? ? WATSON-CRICK         ?     ? 
? 
hydrog21 hydrog ?    ? A A   10 N6    ? ? ? 1_555 B U   4  O4 ? ? A A   10 B U   5  1_555 ? ? ? ? ? ? WATSON-CRICK         ?     ? 
? 
hydrog22 hydrog ?    ? A C   11 O2    ? ? ? 1_555 B G   3  N2 ? ? A C   11 B G   4  1_555 ? ? ? ? ? ? 'C-G PAIR'           ?     ? 
? 
hydrog23 hydrog ?    ? A C   12 N3    ? ? ? 1_555 B G   2  N1 ? ? A C   12 B G   3  1_555 ? ? ? ? ? ? WATSON-CRICK         ?     ? 
? 
hydrog24 hydrog ?    ? A C   12 N4    ? ? ? 1_555 B G   2  O6 ? ? A C   12 B G   3  1_555 ? ? ? ? ? ? WATSON-CRICK         ?     ? 
? 
hydrog25 hydrog ?    ? A C   12 O2    ? ? ? 1_555 B G   2  N2 ? ? A C   12 B G   3  1_555 ? ? ? ? ? ? WATSON-CRICK         ?     ? 
? 
hydrog26 hydrog ?    ? A G   13 N1    ? ? ? 1_555 B C   1  N3 ? ? A G   13 B C   2  1_555 ? ? ? ? ? ? WATSON-CRICK         ?     ? 
? 
hydrog27 hydrog ?    ? A G   13 N2    ? ? ? 1_555 B C   1  O2 ? ? A G   13 B C   2  1_555 ? ? ? ? ? ? WATSON-CRICK         ?     ? 
? 
hydrog28 hydrog ?    ? A G   13 O6    ? ? ? 1_555 B C   1  N4 ? ? A G   13 B C   2  1_555 ? ? ? ? ? ? WATSON-CRICK         ?     ? 
? 
hydrog29 hydrog ?    ? C G   1  N1    ? ? ? 1_555 D C   19 N3 ? ? C G   15 D C   49 1_555 ? ? ? ? ? ? WATSON-CRICK         ?     ? 
? 
hydrog30 hydrog ?    ? C G   1  N2    ? ? ? 1_555 D C   19 O2 ? ? C G   15 D C   49 1_555 ? ? ? ? ? ? WATSON-CRICK         ?     ? 
? 
hydrog31 hydrog ?    ? C G   1  O6    ? ? ? 1_555 D C   19 N4 ? ? C G   15 D C   49 1_555 ? ? ? ? ? ? WATSON-CRICK         ?     ? 
? 
hydrog32 hydrog ?    ? C G   2  N1    ? ? ? 1_555 D C   18 N3 ? ? C G   16 D C   48 1_555 ? ? ? ? ? ? WATSON-CRICK         ?     ? 
? 
hydrog33 hydrog ?    ? C G   2  N2    ? ? ? 1_555 D C   18 O2 ? ? C G   16 D C   48 1_555 ? ? ? ? ? ? WATSON-CRICK         ?     ? 
? 
hydrog34 hydrog ?    ? C G   2  O6    ? ? ? 1_555 D C   18 N4 ? ? C G   16 D C   48 1_555 ? ? ? ? ? ? WATSON-CRICK         ?     ? 
? 
hydrog35 hydrog ?    ? C C   3  N3    ? ? ? 1_555 D G   17 N1 ? ? C C   17 D G   47 1_555 ? ? ? ? ? ? WATSON-CRICK         ?     ? 
? 
hydrog36 hydrog ?    ? C C   3  N4    ? ? ? 1_555 D G   17 O6 ? ? C C   17 D G   47 1_555 ? ? ? ? ? ? WATSON-CRICK         ?     ? 
? 
hydrog37 hydrog ?    ? C C   3  O2    ? ? ? 1_555 D G   17 N2 ? ? C C   17 D G   47 1_555 ? ? ? ? ? ? WATSON-CRICK         ?     ? 
? 
hydrog38 hydrog ?    ? C A   4  N1    ? ? ? 1_555 D U   16 N3 ? ? C A   18 D U   46 1_555 ? ? ? ? ? ? WATSON-CRICK         ?     ? 
? 
hydrog39 hydrog ?    ? C A   4  N6    ? ? ? 1_555 D U   16 O4 ? ? C A   18 D U   46 1_555 ? ? ? ? ? ? WATSON-CRICK         ?     ? 
? 
hydrog40 hydrog ?    ? C G   5  N1    ? ? ? 1_555 D C   15 N3 ? ? C G   19 D C   45 1_555 ? ? ? ? ? ? WATSON-CRICK         ?     ? 
? 
hydrog41 hydrog ?    ? C G   5  N2    ? ? ? 1_555 D C   15 O2 ? ? C G   19 D C   45 1_555 ? ? ? ? ? ? WATSON-CRICK         ?     ? 
? 
hydrog42 hydrog ?    ? C G   5  O6    ? ? ? 1_555 D C   15 N4 ? ? C G   19 D C   45 1_555 ? ? ? ? ? ? WATSON-CRICK         ?     ? 
? 
hydrog43 hydrog ?    ? C A   6  N1    ? ? ? 1_555 D C   14 N4 ? ? C A   20 D C   44 1_555 ? ? ? ? ? ? 'A-C MISPAIR'        ?     ? 
? 
hydrog44 hydrog ?    ? C G   7  N2    ? ? ? 1_555 D A   13 N7 ? ? C G   21 D A   43 1_555 ? ? ? ? ? ? TYPE_11_PAIR         ?     ? 
? 
hydrog45 hydrog ?    ? C G   7  N3    ? ? ? 1_555 D A   13 N6 ? ? C G   21 D A   43 1_555 ? ? ? ? ? ? TYPE_11_PAIR         ?     ? 
? 
hydrog46 hydrog ?    ? C A   8  N6    ? ? ? 1_555 D U   11 O2 ? ? C A   22 D U   41 1_555 ? ? ? ? ? ? 'REVERSED HOOGSTEEN' ?     ? 
? 
hydrog47 hydrog ?    ? C A   8  N7    ? ? ? 1_555 D U   11 N3 ? ? C A   22 D U   41 1_555 ? ? ? ? ? ? 'REVERSED HOOGSTEEN' ?     ? 
? 
hydrog48 hydrog ?    ? C A   9  N6    ? ? ? 1_555 D A   10 N1 ? ? C A   23 D A   40 1_555 ? ? ? ? ? ? 'A-A MISPAIR'        ?     ? 
? 
hydrog49 hydrog ?    ? C A   10 N6    ? ? ? 1_555 D A   8  N7 ? ? C A   24 D A   38 1_555 ? ? ? ? ? ? 'A-A MISPAIR'        ?     ? 
? 
hydrog50 hydrog ?    ? C A   12 N1    ? ? ? 1_555 D G   6  N1 ? ? C A   26 D G   36 1_555 ? ? ? ? ? ? TYPE_8_PAIR          ?     ? 
? 
hydrog51 hydrog ?    ? C A   12 N6    ? ? ? 1_555 D G   6  O6 ? ? C A   26 D G   36 1_555 ? ? ? ? ? ? TYPE_8_PAIR          ?     ? 
? 
hydrog52 hydrog ?    ? C C   13 N3    ? ? ? 1_555 D G   5  N1 ? ? C C   27 D G   35 1_555 ? ? ? ? ? ? WATSON-CRICK         ?     ? 
? 
hydrog53 hydrog ?    ? C C   13 N4    ? ? ? 1_555 D G   5  O6 ? ? C C   27 D G   35 1_555 ? ? ? ? ? ? WATSON-CRICK         ?     ? 
? 
hydrog54 hydrog ?    ? C C   13 O2    ? ? ? 1_555 D G   5  N2 ? ? C C   27 D G   35 1_555 ? ? ? ? ? ? WATSON-CRICK         ?     ? 
? 
hydrog55 hydrog ?    ? C A   14 N1    ? ? ? 1_555 D U   4  N3 ? ? C A   28 D U   34 1_555 ? ? ? ? ? ? WATSON-CRICK         ?     ? 
? 
hydrog56 hydrog ?    ? C A   14 N6    ? ? ? 1_555 D U   4  O4 ? ? C A   28 D U   34 1_555 ? ? ? ? ? ? WATSON-CRICK         ?     ? 
? 
hydrog57 hydrog ?    ? C C   15 N3    ? ? ? 1_555 D G   3  N1 ? ? C C   29 D G   33 1_555 ? ? ? ? ? ? WATSON-CRICK         ?     ? 
? 
hydrog58 hydrog ?    ? C C   15 N4    ? ? ? 1_555 D G   3  O6 ? ? C C   29 D G   33 1_555 ? ? ? ? ? ? WATSON-CRICK         ?     ? 
? 
hydrog59 hydrog ?    ? C C   15 O2    ? ? ? 1_555 D G   3  N2 ? ? C C   29 D G   33 1_555 ? ? ? ? ? ? WATSON-CRICK         ?     ? 
? 
hydrog60 hydrog ?    ? C G   16 N1    ? ? ? 1_555 D C   2  N3 ? ? C G   30 D C   32 1_555 ? ? ? ? ? ? WATSON-CRICK         ?     ? 
? 
hydrog61 hydrog ?    ? C G   16 N2    ? ? ? 1_555 D C   2  O2 ? ? C G   30 D C   32 1_555 ? ? ? ? ? ? WATSON-CRICK         ?     ? 
? 
hydrog62 hydrog ?    ? C G   16 O6    ? ? ? 1_555 D C   2  N4 ? ? C G   30 D C   32 1_555 ? ? ? ? ? ? WATSON-CRICK         ?     ? 
? 
hydrog63 hydrog ?    ? C A   17 N1    ? ? ? 1_555 D U   1  N3 ? ? C A   31 D U   31 1_555 ? ? ? ? ? ? WATSON-CRICK         ?     ? 
? 
hydrog64 hydrog ?    ? C A   17 N6    ? ? ? 1_555 D U   1  O4 ? ? C A   31 D U   31 1_555 ? ? ? ? ? ? WATSON-CRICK         ?     ? 
? 
# 
loop_
_struct_conn_type.id 
_struct_conn_type.criteria 
_struct_conn_type.reference 
covale ? ? 
hydrog ? ? 
# 
loop_
_struct_site.id 
_struct_site.pdbx_evidence_code 
_struct_site.pdbx_auth_asym_id 
_struct_site.pdbx_auth_comp_id 
_struct_site.pdbx_auth_seq_id 
_struct_site.pdbx_auth_ins_code 
_struct_site.pdbx_num_residues 
_struct_site.details 
AC1 Software A SO4 103 ? 3 'BINDING SITE FOR RESIDUE SO4 A 103' 
AC2 Software D NCO 101 ? 4 'BINDING SITE FOR RESIDUE NCO D 101' 
AC3 Software B NCO 102 ? 5 'BINDING SITE FOR RESIDUE NCO B 102' 
# 
loop_
_struct_site_gen.id 
_struct_site_gen.site_id 
_struct_site_gen.pdbx_num_res 
_struct_site_gen.label_comp_id 
_struct_site_gen.label_asym_id 
_struct_site_gen.label_seq_id 
_struct_site_gen.pdbx_auth_ins_code 
_struct_site_gen.auth_comp_id 
_struct_site_gen.auth_asym_id 
_struct_site_gen.auth_seq_id 
_struct_site_gen.label_atom_id 
_struct_site_gen.label_alt_id 
_struct_site_gen.symmetry 
_struct_site_gen.details 
1  AC1 3 U   A 1  ? U   A 1   . ? 1_555 ? 
2  AC1 3 C   A 2  ? C   A 2   . ? 1_555 ? 
3  AC1 3 NCO F .  ? NCO B 102 . ? 1_555 ? 
4  AC2 4 A   C 6  ? A   C 20  . ? 1_555 ? 
5  AC2 4 G   C 7  ? G   C 21  . ? 1_555 ? 
6  AC2 4 A   D 10 ? A   D 40  . ? 1_555 ? 
7  AC2 4 U   D 11 ? U   D 41  . ? 1_555 ? 
8  AC3 5 C   A 2  ? C   A 2   . ? 1_555 ? 
9  AC3 5 SO4 E .  ? SO4 A 103 . ? 1_555 ? 
10 AC3 5 G   B 10 ? G   B 11  . ? 1_555 ? 
11 AC3 5 G   B 11 ? G   B 12  . ? 1_555 ? 
12 AC3 5 G   B 12 ? G   B 13  . ? 1_555 ? 
# 
_atom_sites.entry_id                    2P7F 
_atom_sites.fract_transf_matrix[1][1]   -0.00299398 
_atom_sites.fract_transf_matrix[1][2]   -0.00483614 
_atom_sites.fract_transf_matrix[1][3]   0.01087287 
_atom_sites.fract_transf_matrix[2][1]   0.00879875 
_atom_sites.fract_transf_matrix[2][2]   -0.00390576 
_atom_sites.fract_transf_matrix[2][3]   0.00760950 
_atom_sites.fract_transf_matrix[3][1]   0.00034161 
_atom_sites.fract_transf_matrix[3][2]   0.00714132 
_atom_sites.fract_transf_matrix[3][3]   0.00327045 
_atom_sites.fract_transf_vector[1]      0.431903 
_atom_sites.fract_transf_vector[2]      0.210128 
_atom_sites.fract_transf_vector[3]      0.386528 
# 
loop_
_atom_type.symbol 
C  
CO 
N  
O  
P  
S  
# 
loop_
_atom_site.group_PDB 
_atom_site.id 
_atom_site.type_symbol 
_atom_site.label_atom_id 
_atom_site.label_alt_id 
_atom_site.label_comp_id 
_atom_site.label_asym_id 
_atom_site.label_entity_id 
_atom_site.label_seq_id 
_atom_site.pdbx_PDB_ins_code 
_atom_site.Cartn_x 
_atom_site.Cartn_y 
_atom_site.Cartn_z 
_atom_site.occupancy 
_atom_site.B_iso_or_equiv 
_atom_site.pdbx_formal_charge 
_atom_site.auth_seq_id 
_atom_site.auth_comp_id 
_atom_site.auth_asym_id 
_atom_site.auth_atom_id 
_atom_site.pdbx_PDB_model_num 
ATOM   1    O  "O5'" A U   A 1 1  ? 4.118   3.199   18.519  0.50 84.46  ? 1   U   A "O5'" 1 
ATOM   2    O  "O5'" B U   A 1 1  ? 4.643   3.705   19.447  0.50 91.60  ? 1   U   A "O5'" 1 
ATOM   3    C  "C5'" A U   A 1 1  ? 4.924   2.104   18.957  0.50 84.16  ? 1   U   A "C5'" 1 
ATOM   4    C  "C5'" B U   A 1 1  ? 5.571   3.050   20.321  0.50 89.81  ? 1   U   A "C5'" 1 
ATOM   5    C  "C4'" A U   A 1 1  ? 6.370   2.452   19.260  0.50 83.47  ? 1   U   A "C4'" 1 
ATOM   6    C  "C4'" B U   A 1 1  ? 6.988   2.936   19.791  0.50 88.14  ? 1   U   A "C4'" 1 
ATOM   7    O  "O4'" A U   A 1 1  ? 7.070   1.250   19.676  0.50 82.91  ? 1   U   A "O4'" 1 
ATOM   8    O  "O4'" B U   A 1 1  ? 7.498   1.615   20.104  0.50 89.10  ? 1   U   A "O4'" 1 
ATOM   9    C  "C3'" A U   A 1 1  ? 7.205   2.962   18.092  0.50 84.17  ? 1   U   A "C3'" 1 
ATOM   10   C  "C3'" B U   A 1 1  ? 7.196   3.082   18.291  0.50 86.54  ? 1   U   A "C3'" 1 
ATOM   11   O  "O3'" A U   A 1 1  ? 7.107   4.358   17.932  0.50 85.35  ? 1   U   A "O3'" 1 
ATOM   12   O  "O3'" B U   A 1 1  ? 7.278   4.452   17.920  0.50 86.31  ? 1   U   A "O3'" 1 
ATOM   13   C  "C2'" A U   A 1 1  ? 8.626   2.618   18.506  0.50 82.12  ? 1   U   A "C2'" 1 
ATOM   14   C  "C2'" B U   A 1 1  ? 8.494   2.305   18.068  0.50 84.87  ? 1   U   A "C2'" 1 
ATOM   15   O  "O2'" A U   A 1 1  ? 9.223   3.545   19.390  0.50 84.54  ? 1   U   A "O2'" 1 
ATOM   16   O  "O2'" B U   A 1 1  ? 9.699   2.979   18.393  0.50 79.02  ? 1   U   A "O2'" 1 
ATOM   17   C  "C1'" A U   A 1 1  ? 8.408   1.275   19.187  0.50 80.14  ? 1   U   A "C1'" 1 
ATOM   18   C  "C1'" B U   A 1 1  ? 8.283   1.135   19.023  0.50 84.52  ? 1   U   A "C1'" 1 
ATOM   19   N  N1    A U   A 1 1  ? 8.553   0.190   18.219  0.50 75.07  ? 1   U   A N1    1 
ATOM   20   N  N1    B U   A 1 1  ? 7.480   0.103   18.360  0.50 83.15  ? 1   U   A N1    1 
ATOM   21   C  C2    A U   A 1 1  ? 9.789   0.007   17.635  0.50 74.37  ? 1   U   A C2    1 
ATOM   22   C  C2    B U   A 1 1  ? 8.121   -0.808  17.540  0.50 82.38  ? 1   U   A C2    1 
ATOM   23   O  O2    A U   A 1 1  ? 10.747  0.722   17.872  0.50 73.34  ? 1   U   A O2    1 
ATOM   24   O  O2    B U   A 1 1  ? 9.332   -0.813  17.347  0.50 83.10  ? 1   U   A O2    1 
ATOM   25   N  N3    A U   A 1 1  ? 9.867   -1.043  16.768  0.50 71.31  ? 1   U   A N3    1 
ATOM   26   N  N3    B U   A 1 1  ? 7.282   -1.723  16.957  0.50 80.05  ? 1   U   A N3    1 
ATOM   27   C  C4    A U   A 1 1  ? 8.864   -1.901  16.429  0.50 71.62  ? 1   U   A C4    1 
ATOM   28   C  C4    B U   A 1 1  ? 5.904   -1.811  17.116  0.50 79.23  ? 1   U   A C4    1 
ATOM   29   O  O4    A U   A 1 1  ? 9.099   -2.780  15.613  0.50 66.23  ? 1   U   A O4    1 
ATOM   30   O  O4    B U   A 1 1  ? 5.287   -2.716  16.562  0.50 79.60  ? 1   U   A O4    1 
ATOM   31   C  C5    A U   A 1 1  ? 7.605   -1.643  17.057  0.50 71.20  ? 1   U   A C5    1 
ATOM   32   C  C5    B U   A 1 1  ? 5.331   -0.830  17.977  0.50 79.51  ? 1   U   A C5    1 
ATOM   33   C  C6    A U   A 1 1  ? 7.496   -0.623  17.905  0.50 74.91  ? 1   U   A C6    1 
ATOM   34   C  C6    B U   A 1 1  ? 6.114   0.068   18.553  0.50 81.80  ? 1   U   A C6    1 
ATOM   35   P  P     . C   A 1 2  ? 6.657   4.943   16.519  1.00 86.38  ? 2   C   A P     1 
ATOM   36   O  OP1   . C   A 1 2  ? 7.157   6.341   16.367  1.00 83.59  ? 2   C   A OP1   1 
ATOM   37   O  OP2   . C   A 1 2  ? 5.184   4.646   16.471  1.00 79.62  ? 2   C   A OP2   1 
ATOM   38   O  "O5'" . C   A 1 2  ? 7.426   4.037   15.448  1.00 75.53  ? 2   C   A "O5'" 1 
ATOM   39   C  "C5'" . C   A 1 2  ? 8.797   4.284   15.183  1.00 67.95  ? 2   C   A "C5'" 1 
ATOM   40   C  "C4'" . C   A 1 2  ? 9.360   3.305   14.176  1.00 70.24  ? 2   C   A "C4'" 1 
ATOM   41   O  "O4'" . C   A 1 2  ? 9.202   1.958   14.685  1.00 75.58  ? 2   C   A "O4'" 1 
ATOM   42   C  "C3'" . C   A 1 2  ? 8.692   3.254   12.806  1.00 70.77  ? 2   C   A "C3'" 1 
ATOM   43   O  "O3'" . C   A 1 2  ? 9.129   4.284   11.925  1.00 68.82  ? 2   C   A "O3'" 1 
ATOM   44   C  "C2'" . C   A 1 2  ? 9.120   1.883   12.314  1.00 69.94  ? 2   C   A "C2'" 1 
ATOM   45   O  "O2'" . C   A 1 2  ? 10.464  1.874   11.870  1.00 71.04  ? 2   C   A "O2'" 1 
ATOM   46   C  "C1'" . C   A 1 2  ? 9.018   1.070   13.600  1.00 70.77  ? 2   C   A "C1'" 1 
ATOM   47   N  N1    . C   A 1 2  ? 7.707   0.414   13.738  1.00 66.41  ? 2   C   A N1    1 
ATOM   48   C  C2    . C   A 1 2  ? 7.520   -0.790  13.058  1.00 65.27  ? 2   C   A C2    1 
ATOM   49   O  O2    . C   A 1 2  ? 8.477   -1.280  12.411  1.00 65.62  ? 2   C   A O2    1 
ATOM   50   N  N3    . C   A 1 2  ? 6.307   -1.402  13.127  1.00 62.26  ? 2   C   A N3    1 
ATOM   51   C  C4    . C   A 1 2  ? 5.311   -0.855  13.849  1.00 65.05  ? 2   C   A C4    1 
ATOM   52   N  N4    . C   A 1 2  ? 4.099   -1.478  13.867  1.00 66.11  ? 2   C   A N4    1 
ATOM   53   C  C5    . C   A 1 2  ? 5.493   0.358   14.582  1.00 64.59  ? 2   C   A C5    1 
ATOM   54   C  C6    . C   A 1 2  ? 6.699   0.962   14.487  1.00 63.59  ? 2   C   A C6    1 
ATOM   55   P  P     . C   A 1 3  ? 8.134   4.831   10.783  1.00 70.22  ? 3   C   A P     1 
ATOM   56   O  OP1   . C   A 1 3  ? 8.717   6.091   10.278  1.00 68.97  ? 3   C   A OP1   1 
ATOM   57   O  OP2   . C   A 1 3  ? 6.749   4.820   11.307  1.00 64.79  ? 3   C   A OP2   1 
ATOM   58   O  "O5'" . C   A 1 3  ? 8.221   3.740   9.625   1.00 62.63  ? 3   C   A "O5'" 1 
ATOM   59   C  "C5'" . C   A 1 3  ? 9.458   3.442   8.999   1.00 55.99  ? 3   C   A "C5'" 1 
ATOM   60   C  "C4'" . C   A 1 3  ? 9.298   2.332   7.974   1.00 63.34  ? 3   C   A "C4'" 1 
ATOM   61   O  "O4'" . C   A 1 3  ? 9.017   1.085   8.661   1.00 64.39  ? 3   C   A "O4'" 1 
ATOM   62   C  "C3'" . C   A 1 3  ? 8.163   2.468   6.969   1.00 61.58  ? 3   C   A "C3'" 1 
ATOM   63   O  "O3'" . C   A 1 3  ? 8.523   3.288   5.878   1.00 62.71  ? 3   C   A "O3'" 1 
ATOM   64   C  "C2'" . C   A 1 3  ? 7.938   1.025   6.545   1.00 66.20  ? 3   C   A "C2'" 1 
ATOM   65   O  "O2'" . C   A 1 3  ? 8.883   0.565   5.592   1.00 67.67  ? 3   C   A "O2'" 1 
ATOM   66   C  "C1'" . C   A 1 3  ? 8.129   0.300   7.877   1.00 66.59  ? 3   C   A "C1'" 1 
ATOM   67   N  N1    . C   A 1 3  ? 6.863   0.136   8.610   1.00 66.28  ? 3   C   A N1    1 
ATOM   68   C  C2    . C   A 1 3  ? 5.986   -0.881  8.223   1.00 64.70  ? 3   C   A C2    1 
ATOM   69   O  O2    . C   A 1 3  ? 6.271   -1.574  7.221   1.00 65.25  ? 3   C   A O2    1 
ATOM   70   N  N3    . C   A 1 3  ? 4.853   -1.087  8.931   1.00 63.78  ? 3   C   A N3    1 
ATOM   71   C  C4    . C   A 1 3  ? 4.558   -0.306  9.970   1.00 65.63  ? 3   C   A C4    1 
ATOM   72   N  N4    . C   A 1 3  ? 3.429   -0.579  10.657  1.00 64.94  ? 3   C   A N4    1 
ATOM   73   C  C5    . C   A 1 3  ? 5.404   0.771   10.359  1.00 64.15  ? 3   C   A C5    1 
ATOM   74   C  C6    . C   A 1 3  ? 6.537   0.952   9.661   1.00 65.28  ? 3   C   A C6    1 
ATOM   75   P  P     . C   A 1 4  ? 7.469   4.357   5.319   1.00 67.87  ? 4   C   A P     1 
ATOM   76   O  OP1   . C   A 1 4  ? 8.213   5.292   4.438   1.00 69.46  ? 4   C   A OP1   1 
ATOM   77   O  OP2   . C   A 1 4  ? 6.658   4.864   6.452   1.00 63.78  ? 4   C   A OP2   1 
ATOM   78   O  "O5'" . C   A 1 4  ? 6.480   3.490   4.432   1.00 69.33  ? 4   C   A "O5'" 1 
ATOM   79   C  "C5'" . C   A 1 4  ? 6.990   2.574   3.503   1.00 64.94  ? 4   C   A "C5'" 1 
ATOM   80   C  "C4'" . C   A 1 4  ? 5.899   1.654   3.047   1.00 68.70  ? 4   C   A "C4'" 1 
ATOM   81   O  "O4'" . C   A 1 4  ? 5.486   0.827   4.164   1.00 67.60  ? 4   C   A "O4'" 1 
ATOM   82   C  "C3'" . C   A 1 4  ? 4.611   2.361   2.649   1.00 67.63  ? 4   C   A "C3'" 1 
ATOM   83   O  "O3'" . C   A 1 4  ? 4.704   2.726   1.282   1.00 68.93  ? 4   C   A "O3'" 1 
ATOM   84   C  "C2'" . C   A 1 4  ? 3.566   1.268   2.826   1.00 68.17  ? 4   C   A "C2'" 1 
ATOM   85   O  "O2'" . C   A 1 4  ? 3.477   0.394   1.725   1.00 67.82  ? 4   C   A "O2'" 1 
ATOM   86   C  "C1'" . C   A 1 4  ? 4.119   0.496   4.018   1.00 67.78  ? 4   C   A "C1'" 1 
ATOM   87   N  N1    . C   A 1 4  ? 3.391   0.669   5.282   1.00 67.73  ? 4   C   A N1    1 
ATOM   88   C  C2    . C   A 1 4  ? 2.271   -0.142  5.516   1.00 67.06  ? 4   C   A C2    1 
ATOM   89   O  O2    . C   A 1 4  ? 1.913   -0.920  4.643   1.00 66.18  ? 4   C   A O2    1 
ATOM   90   N  N3    . C   A 1 4  ? 1.606   -0.050  6.675   1.00 65.89  ? 4   C   A N3    1 
ATOM   91   C  C4    . C   A 1 4  ? 2.006   0.812   7.596   1.00 68.27  ? 4   C   A C4    1 
ATOM   92   N  N4    . C   A 1 4  ? 1.328   0.850   8.734   1.00 67.87  ? 4   C   A N4    1 
ATOM   93   C  C5    . C   A 1 4  ? 3.121   1.675   7.389   1.00 66.75  ? 4   C   A C5    1 
ATOM   94   C  C6    . C   A 1 4  ? 3.782   1.572   6.224   1.00 68.04  ? 4   C   A C6    1 
HETATM 95   P  P     . 3DA A 1 5  ? 4.235   4.184   0.809   1.00 70.94  ? 5   3DA A P     1 
HETATM 96   O  O1P   . 3DA A 1 5  ? 4.646   4.313   -0.620  1.00 68.06  ? 5   3DA A O1P   1 
HETATM 97   O  O2P   . 3DA A 1 5  ? 4.694   5.191   1.803   1.00 70.49  ? 5   3DA A O2P   1 
HETATM 98   O  "O5'" . 3DA A 1 5  ? 2.648   4.110   0.920   1.00 68.49  ? 5   3DA A "O5'" 1 
HETATM 99   C  "C5'" . 3DA A 1 5  ? 1.894   3.261   0.061   1.00 62.10  ? 5   3DA A "C5'" 1 
HETATM 100  C  "C4'" . 3DA A 1 5  ? 0.444   3.267   0.468   1.00 65.45  ? 5   3DA A "C4'" 1 
HETATM 101  O  "O4'" . 3DA A 1 5  ? 0.281   2.500   1.684   1.00 62.85  ? 5   3DA A "O4'" 1 
HETATM 102  C  "C1'" . 3DA A 1 5  ? -0.728  3.085   2.493   1.00 63.91  ? 5   3DA A "C1'" 1 
HETATM 103  N  N9    . 3DA A 1 5  ? -0.081  3.531   3.727   1.00 65.10  ? 5   3DA A N9    1 
HETATM 104  C  C4    . 3DA A 1 5  ? -0.579  3.601   5.009   1.00 67.47  ? 5   3DA A C4    1 
HETATM 105  N  N3    . 3DA A 1 5  ? -1.799  3.234   5.460   1.00 69.52  ? 5   3DA A N3    1 
HETATM 106  C  C2    . 3DA A 1 5  ? -1.905  3.454   6.772   1.00 67.88  ? 5   3DA A C2    1 
HETATM 107  N  N1    . 3DA A 1 5  ? -1.005  3.967   7.624   1.00 67.22  ? 5   3DA A N1    1 
HETATM 108  C  C6    . 3DA A 1 5  ? 0.204   4.327   7.153   1.00 68.14  ? 5   3DA A C6    1 
HETATM 109  N  N6    . 3DA A 1 5  ? 1.090   4.840   8.020   1.00 71.42  ? 5   3DA A N6    1 
HETATM 110  C  C5    . 3DA A 1 5  ? 0.452   4.139   5.780   1.00 67.60  ? 5   3DA A C5    1 
HETATM 111  N  N7    . 3DA A 1 5  ? 1.571   4.374   4.994   1.00 69.90  ? 5   3DA A N7    1 
HETATM 112  C  C8    . 3DA A 1 5  ? 1.209   3.995   3.793   1.00 66.67  ? 5   3DA A C8    1 
HETATM 113  C  "C2'" . 3DA A 1 5  ? -1.341  4.239   1.688   1.00 65.80  ? 5   3DA A "C2'" 1 
HETATM 114  O  "O2'" . 3DA A 1 5  ? -2.414  3.753   0.873   1.00 66.04  ? 5   3DA A "O2'" 1 
HETATM 115  C  "C3'" . 3DA A 1 5  ? -0.166  4.625   0.787   1.00 60.77  ? 5   3DA A "C3'" 1 
ATOM   116  P  P     . G   A 1 6  ? -3.925  3.717   1.425   1.00 69.17  ? 6   G   A P     1 
ATOM   117  O  OP1   . G   A 1 6  ? -4.147  2.404   2.072   1.00 72.81  ? 6   G   A OP1   1 
ATOM   118  O  OP2   . G   A 1 6  ? -4.177  4.957   2.189   1.00 67.86  ? 6   G   A OP2   1 
ATOM   119  O  "O5'" . G   A 1 6  ? -4.795  3.770   0.086   1.00 74.57  ? 6   G   A "O5'" 1 
ATOM   120  C  "C5'" . G   A 1 6  ? -4.431  4.654   -0.977  1.00 66.75  ? 6   G   A "C5'" 1 
ATOM   121  C  "C4'" . G   A 1 6  ? -5.480  4.647   -2.068  1.00 71.83  ? 6   G   A "C4'" 1 
ATOM   122  O  "O4'" . G   A 1 6  ? -5.272  3.531   -2.987  1.00 69.72  ? 6   G   A "O4'" 1 
ATOM   123  C  "C3'" . G   A 1 6  ? -6.870  4.429   -1.444  1.00 72.33  ? 6   G   A "C3'" 1 
ATOM   124  O  "O3'" . G   A 1 6  ? -7.849  5.232   -2.089  1.00 76.90  ? 6   G   A "O3'" 1 
ATOM   125  C  "C2'" . G   A 1 6  ? -7.172  2.940   -1.612  1.00 70.40  ? 6   G   A "C2'" 1 
ATOM   126  O  "O2'" . G   A 1 6  ? -8.514  2.669   -1.952  1.00 77.03  ? 6   G   A "O2'" 1 
ATOM   127  C  "C1'" . G   A 1 6  ? -6.355  2.640   -2.859  1.00 67.46  ? 6   G   A "C1'" 1 
ATOM   128  N  N9    . G   A 1 6  ? -6.013  1.285   -3.236  1.00 68.39  ? 6   G   A N9    1 
ATOM   129  C  C8    . G   A 1 6  ? -5.765  0.831   -4.514  1.00 67.74  ? 6   G   A C8    1 
ATOM   130  N  N7    . G   A 1 6  ? -5.595  -0.460  -4.574  1.00 65.25  ? 6   G   A N7    1 
ATOM   131  C  C5    . G   A 1 6  ? -5.702  -0.886  -3.252  1.00 63.53  ? 6   G   A C5    1 
ATOM   132  C  C6    . G   A 1 6  ? -5.588  -2.194  -2.675  1.00 62.44  ? 6   G   A C6    1 
ATOM   133  O  O6    . G   A 1 6  ? -5.409  -3.287  -3.248  1.00 62.24  ? 6   G   A O6    1 
ATOM   134  N  N1    . G   A 1 6  ? -5.721  -2.153  -1.284  1.00 62.17  ? 6   G   A N1    1 
ATOM   135  C  C2    . G   A 1 6  ? -5.951  -1.017  -0.541  1.00 61.63  ? 6   G   A C2    1 
ATOM   136  N  N2    . G   A 1 6  ? -6.030  -1.173  0.789   1.00 63.32  ? 6   G   A N2    1 
ATOM   137  N  N3    . G   A 1 6  ? -6.094  0.188   -1.063  1.00 62.27  ? 6   G   A N3    1 
ATOM   138  C  C4    . G   A 1 6  ? -5.942  0.181   -2.412  1.00 65.71  ? 6   G   A C4    1 
ATOM   139  P  P     . U   A 1 7  ? -8.611  6.403   -1.309  1.00 81.49  ? 7   U   A P     1 
ATOM   140  O  OP1   . U   A 1 7  ? -9.440  7.048   -2.343  1.00 84.09  ? 7   U   A OP1   1 
ATOM   141  O  OP2   . U   A 1 7  ? -7.663  7.219   -0.527  1.00 77.42  ? 7   U   A OP2   1 
ATOM   142  O  "O5'" . U   A 1 7  ? -9.651  5.662   -0.372  1.00 73.59  ? 7   U   A "O5'" 1 
ATOM   143  C  "C5'" . U   A 1 7  ? -10.885 5.233   -0.923  1.00 79.97  ? 7   U   A "C5'" 1 
ATOM   144  C  "C4'" . U   A 1 7  ? -11.884 4.916   0.158   1.00 85.19  ? 7   U   A "C4'" 1 
ATOM   145  O  "O4'" . U   A 1 7  ? -11.312 3.909   1.026   1.00 88.32  ? 7   U   A "O4'" 1 
ATOM   146  C  "C3'" . U   A 1 7  ? -12.216 6.059   1.098   1.00 86.25  ? 7   U   A "C3'" 1 
ATOM   147  O  "O3'" . U   A 1 7  ? -13.229 6.879   0.539   1.00 89.87  ? 7   U   A "O3'" 1 
ATOM   148  C  "C2'" . U   A 1 7  ? -12.706 5.318   2.335   1.00 86.25  ? 7   U   A "C2'" 1 
ATOM   149  O  "O2'" . U   A 1 7  ? -14.031 4.849   2.218   1.00 83.01  ? 7   U   A "O2'" 1 
ATOM   150  C  "C1'" . U   A 1 7  ? -11.768 4.114   2.354   1.00 87.48  ? 7   U   A "C1'" 1 
ATOM   151  N  N1    . U   A 1 7  ? -10.621 4.283   3.262   1.00 88.29  ? 7   U   A N1    1 
ATOM   152  C  C2    . U   A 1 7  ? -10.908 4.277   4.618   1.00 89.42  ? 7   U   A C2    1 
ATOM   153  O  O2    . U   A 1 7  ? -12.039 4.115   5.056   1.00 89.95  ? 7   U   A O2    1 
ATOM   154  N  N3    . U   A 1 7  ? -9.822  4.452   5.444   1.00 89.35  ? 7   U   A N3    1 
ATOM   155  C  C4    . U   A 1 7  ? -8.493  4.620   5.063   1.00 90.15  ? 7   U   A C4    1 
ATOM   156  O  O4    . U   A 1 7  ? -7.626  4.758   5.930   1.00 90.46  ? 7   U   A O4    1 
ATOM   157  C  C5    . U   A 1 7  ? -8.269  4.608   3.646   1.00 89.07  ? 7   U   A C5    1 
ATOM   158  C  C6    . U   A 1 7  ? -9.314  4.451   2.811   1.00 86.54  ? 7   U   A C6    1 
ATOM   159  P  P     . C   A 1 8  ? -13.192 8.474   0.769   1.00 91.70  ? 8   C   A P     1 
ATOM   160  O  OP1   . C   A 1 8  ? -14.454 8.972   0.169   1.00 93.50  ? 8   C   A OP1   1 
ATOM   161  O  OP2   . C   A 1 8  ? -11.887 9.028   0.317   1.00 82.79  ? 8   C   A OP2   1 
ATOM   162  O  "O5'" . C   A 1 8  ? -13.287 8.657   2.346   1.00 93.38  ? 8   C   A "O5'" 1 
ATOM   163  C  "C5'" . C   A 1 8  ? -14.420 8.182   3.058   1.00 96.65  ? 8   C   A "C5'" 1 
ATOM   164  C  "C4'" . C   A 1 8  ? -14.220 8.340   4.545   1.00 100.68 ? 8   C   A "C4'" 1 
ATOM   165  O  "O4'" . C   A 1 8  ? -13.250 7.365   5.007   1.00 97.55  ? 8   C   A "O4'" 1 
ATOM   166  C  "C3'" . C   A 1 8  ? -13.646 9.670   5.000   1.00 101.62 ? 8   C   A "C3'" 1 
ATOM   167  O  "O3'" . C   A 1 8  ? -14.642 10.676  5.087   1.00 104.90 ? 8   C   A "O3'" 1 
ATOM   168  C  "C2'" . C   A 1 8  ? -13.052 9.308   6.354   1.00 100.13 ? 8   C   A "C2'" 1 
ATOM   169  O  "O2'" . C   A 1 8  ? -14.019 9.214   7.382   1.00 104.57 ? 8   C   A "O2'" 1 
ATOM   170  C  "C1'" . C   A 1 8  ? -12.477 7.923   6.059   1.00 96.28  ? 8   C   A "C1'" 1 
ATOM   171  N  N1    . C   A 1 8  ? -11.081 8.023   5.604   1.00 92.73  ? 8   C   A N1    1 
ATOM   172  C  C2    . C   A 1 8  ? -10.055 8.085   6.563   1.00 92.72  ? 8   C   A C2    1 
ATOM   173  O  O2    . C   A 1 8  ? -10.347 8.046   7.769   1.00 94.21  ? 8   C   A O2    1 
ATOM   174  N  N3    . C   A 1 8  ? -8.769  8.189   6.146   1.00 90.16  ? 8   C   A N3    1 
ATOM   175  C  C4    . C   A 1 8  ? -8.487  8.232   4.839   1.00 88.52  ? 8   C   A C4    1 
ATOM   176  N  N4    . C   A 1 8  ? -7.204  8.337   4.480   1.00 84.65  ? 8   C   A N4    1 
ATOM   177  C  C5    . C   A 1 8  ? -9.512  8.169   3.846   1.00 87.54  ? 8   C   A C5    1 
ATOM   178  C  C6    . C   A 1 8  ? -10.780 8.064   4.269   1.00 88.11  ? 8   C   A C6    1 
ATOM   179  P  P     . C   A 1 9  ? -14.288 12.188  4.657   1.00 110.36 ? 9   C   A P     1 
ATOM   180  O  OP1   . C   A 1 9  ? -15.565 12.941  4.710   1.00 106.31 ? 9   C   A OP1   1 
ATOM   181  O  OP2   . C   A 1 9  ? -13.507 12.159  3.393   1.00 101.51 ? 9   C   A OP2   1 
ATOM   182  O  "O5'" . C   A 1 9  ? -13.321 12.699  5.820   1.00 111.13 ? 9   C   A "O5'" 1 
ATOM   183  C  "C5'" . C   A 1 9  ? -13.694 12.547  7.187   1.00 112.48 ? 9   C   A "C5'" 1 
ATOM   184  C  "C4'" . C   A 1 9  ? -12.599 13.049  8.100   1.00 114.48 ? 9   C   A "C4'" 1 
ATOM   185  O  "O4'" . C   A 1 9  ? -11.507 12.091  8.112   1.00 112.09 ? 9   C   A "O4'" 1 
ATOM   186  C  "C3'" . C   A 1 9  ? -11.935 14.366  7.711   1.00 116.94 ? 9   C   A "C3'" 1 
ATOM   187  O  "O3'" . C   A 1 9  ? -12.671 15.519  8.103   1.00 118.87 ? 9   C   A "O3'" 1 
ATOM   188  C  "C2'" . C   A 1 9  ? -10.585 14.262  8.409   1.00 114.59 ? 9   C   A "C2'" 1 
ATOM   189  O  "O2'" . C   A 1 9  ? -10.603 14.572  9.790   1.00 113.79 ? 9   C   A "O2'" 1 
ATOM   190  C  "C1'" . C   A 1 9  ? -10.270 12.780  8.213   1.00 110.25 ? 9   C   A "C1'" 1 
ATOM   191  N  N1    . C   A 1 9  ? -9.505  12.557  6.976   1.00 106.82 ? 9   C   A N1    1 
ATOM   192  C  C2    . C   A 1 9  ? -8.131  12.824  6.976   1.00 105.61 ? 9   C   A C2    1 
ATOM   193  O  O2    . C   A 1 9  ? -7.606  13.295  8.008   1.00 106.80 ? 9   C   A O2    1 
ATOM   194  N  N3    . C   A 1 9  ? -7.414  12.577  5.857   1.00 103.26 ? 9   C   A N3    1 
ATOM   195  C  C4    . C   A 1 9  ? -8.016  12.098  4.767   1.00 103.08 ? 9   C   A C4    1 
ATOM   196  N  N4    . C   A 1 9  ? -7.267  11.854  3.696   1.00 101.38 ? 9   C   A N4    1 
ATOM   197  C  C5    . C   A 1 9  ? -9.415  11.849  4.729   1.00 103.16 ? 9   C   A C5    1 
ATOM   198  C  C6    . C   A 1 9  ? -10.113 12.084  5.845   1.00 104.70 ? 9   C   A C6    1 
ATOM   199  P  P     . A   A 1 10 ? -12.567 16.867  7.225   1.00 123.25 ? 10  A   A P     1 
ATOM   200  O  OP1   . A   A 1 10 ? -13.604 17.778  7.743   1.00 121.47 ? 10  A   A OP1   1 
ATOM   201  O  OP2   . A   A 1 10 ? -12.516 16.557  5.774   1.00 120.58 ? 10  A   A OP2   1 
ATOM   202  O  "O5'" . A   A 1 10 ? -11.147 17.468  7.601   1.00 123.09 ? 10  A   A "O5'" 1 
ATOM   203  C  "C5'" . A   A 1 10 ? -10.847 17.809  8.939   1.00 124.53 ? 10  A   A "C5'" 1 
ATOM   204  C  "C4'" . A   A 1 10 ? -9.418  18.287  9.048   1.00 126.30 ? 10  A   A "C4'" 1 
ATOM   205  O  "O4'" . A   A 1 10 ? -8.510  17.164  8.850   1.00 124.40 ? 10  A   A "O4'" 1 
ATOM   206  C  "C3'" . A   A 1 10 ? -8.959  19.311  8.015   1.00 128.32 ? 10  A   A "C3'" 1 
ATOM   207  O  "O3'" . A   A 1 10 ? -9.350  20.653  8.290   1.00 131.36 ? 10  A   A "O3'" 1 
ATOM   208  C  "C2'" . A   A 1 10 ? -7.448  19.124  8.038   1.00 126.67 ? 10  A   A "C2'" 1 
ATOM   209  O  "O2'" . A   A 1 10 ? -6.844  19.742  9.158   1.00 126.13 ? 10  A   A "O2'" 1 
ATOM   210  C  "C1'" . A   A 1 10 ? -7.344  17.606  8.168   1.00 121.74 ? 10  A   A "C1'" 1 
ATOM   211  N  N9    . A   A 1 10 ? -7.328  16.981  6.846   1.00 116.51 ? 10  A   A N9    1 
ATOM   212  C  C8    . A   A 1 10 ? -8.383  16.422  6.174   1.00 114.81 ? 10  A   A C8    1 
ATOM   213  N  N7    . A   A 1 10 ? -8.064  15.948  4.995   1.00 113.21 ? 10  A   A N7    1 
ATOM   214  C  C5    . A   A 1 10 ? -6.705  16.211  4.883   1.00 112.33 ? 10  A   A C5    1 
ATOM   215  C  C6    . A   A 1 10 ? -5.763  15.951  3.858   1.00 111.53 ? 10  A   A C6    1 
ATOM   216  N  N6    . A   A 1 10 ? -6.058  15.336  2.705   1.00 109.86 ? 10  A   A N6    1 
ATOM   217  N  N1    . A   A 1 10 ? -4.488  16.349  4.066   1.00 111.87 ? 10  A   A N1    1 
ATOM   218  C  C2    . A   A 1 10 ? -4.187  16.959  5.225   1.00 112.80 ? 10  A   A C2    1 
ATOM   219  N  N3    . A   A 1 10 ? -4.980  17.252  6.259   1.00 112.99 ? 10  A   A N3    1 
ATOM   220  C  C4    . A   A 1 10 ? -6.241  16.849  6.021   1.00 113.64 ? 10  A   A C4    1 
ATOM   221  P  P     . C   A 1 11 ? -9.760  21.620  7.066   1.00 133.98 ? 11  C   A P     1 
ATOM   222  O  OP1   . C   A 1 11 ? -10.513 22.772  7.622   1.00 132.90 ? 11  C   A OP1   1 
ATOM   223  O  OP2   . C   A 1 11 ? -10.378 20.774  6.010   1.00 133.59 ? 11  C   A OP2   1 
ATOM   224  O  "O5'" . C   A 1 11 ? -8.372  22.150  6.497   1.00 131.53 ? 11  C   A "O5'" 1 
ATOM   225  C  "C5'" . C   A 1 11 ? -7.484  22.882  7.329   1.00 131.09 ? 11  C   A "C5'" 1 
ATOM   226  C  "C4'" . C   A 1 11 ? -6.118  22.965  6.694   1.00 132.94 ? 11  C   A "C4'" 1 
ATOM   227  O  "O4'" . C   A 1 11 ? -5.580  21.619  6.555   1.00 132.03 ? 11  C   A "O4'" 1 
ATOM   228  C  "C3'" . C   A 1 11 ? -6.060  23.518  5.280   1.00 134.54 ? 11  C   A "C3'" 1 
ATOM   229  O  "O3'" . C   A 1 11 ? -6.085  24.931  5.214   1.00 136.33 ? 11  C   A "O3'" 1 
ATOM   230  C  "C2'" . C   A 1 11 ? -4.755  22.932  4.758   1.00 133.65 ? 11  C   A "C2'" 1 
ATOM   231  O  "O2'" . C   A 1 11 ? -3.611  23.646  5.203   1.00 130.84 ? 11  C   A "O2'" 1 
ATOM   232  C  "C1'" . C   A 1 11 ? -4.807  21.526  5.361   1.00 131.26 ? 11  C   A "C1'" 1 
ATOM   233  N  N1    . C   A 1 11 ? -5.473  20.586  4.433   1.00 129.94 ? 11  C   A N1    1 
ATOM   234  C  C2    . C   A 1 11 ? -4.720  20.006  3.389   1.00 128.92 ? 11  C   A C2    1 
ATOM   235  O  O2    . C   A 1 11 ? -3.496  20.262  3.307   1.00 126.31 ? 11  C   A O2    1 
ATOM   236  N  N3    . C   A 1 11 ? -5.345  19.186  2.502   1.00 129.23 ? 11  C   A N3    1 
ATOM   237  C  C4    . C   A 1 11 ? -6.652  18.924  2.634   1.00 130.10 ? 11  C   A C4    1 
ATOM   238  N  N4    . C   A 1 11 ? -7.218  18.126  1.728   1.00 129.97 ? 11  C   A N4    1 
ATOM   239  C  C5    . C   A 1 11 ? -7.429  19.474  3.695   1.00 129.84 ? 11  C   A C5    1 
ATOM   240  C  C6    . C   A 1 11 ? -6.808  20.288  4.564   1.00 129.75 ? 11  C   A C6    1 
ATOM   241  P  P     . C   A 1 12 ? -6.660  25.638  3.895   1.00 137.42 ? 12  C   A P     1 
ATOM   242  O  OP1   . C   A 1 12 ? -6.754  27.083  4.152   1.00 135.69 ? 12  C   A OP1   1 
ATOM   243  O  OP2   . C   A 1 12 ? -7.869  24.884  3.481   1.00 134.81 ? 12  C   A OP2   1 
ATOM   244  O  "O5'" . C   A 1 12 ? -5.523  25.415  2.802   1.00 132.07 ? 12  C   A "O5'" 1 
ATOM   245  C  "C5'" . C   A 1 12 ? -4.197  25.896  3.025   1.00 129.10 ? 12  C   A "C5'" 1 
ATOM   246  C  "C4'" . C   A 1 12 ? -3.263  25.449  1.916   1.00 129.40 ? 12  C   A "C4'" 1 
ATOM   247  O  "O4'" . C   A 1 12 ? -3.147  23.998  1.930   1.00 127.14 ? 12  C   A "O4'" 1 
ATOM   248  C  "C3'" . C   A 1 12 ? -3.717  25.761  0.499   1.00 130.46 ? 12  C   A "C3'" 1 
ATOM   249  O  "O3'" . C   A 1 12 ? -3.442  27.099  0.113   1.00 133.37 ? 12  C   A "O3'" 1 
ATOM   250  C  "C2'" . C   A 1 12 ? -2.955  24.728  -0.329  1.00 127.22 ? 12  C   A "C2'" 1 
ATOM   251  O  "O2'" . C   A 1 12 ? -1.611  25.080  -0.616  1.00 123.01 ? 12  C   A "O2'" 1 
ATOM   252  C  "C1'" . C   A 1 12 ? -3.010  23.508  0.594   1.00 123.95 ? 12  C   A "C1'" 1 
ATOM   253  N  N1    . C   A 1 12 ? -4.159  22.626  0.274   1.00 119.35 ? 12  C   A N1    1 
ATOM   254  C  C2    . C   A 1 12 ? -4.066  21.755  -0.840  1.00 117.28 ? 12  C   A C2    1 
ATOM   255  O  O2    . C   A 1 12 ? -3.018  21.739  -1.515  1.00 113.58 ? 12  C   A O2    1 
ATOM   256  N  N3    . C   A 1 12 ? -5.126  20.960  -1.143  1.00 117.03 ? 12  C   A N3    1 
ATOM   257  C  C4    . C   A 1 12 ? -6.236  21.001  -0.395  1.00 117.80 ? 12  C   A C4    1 
ATOM   258  N  N4    . C   A 1 12 ? -7.250  20.200  -0.735  1.00 118.21 ? 12  C   A N4    1 
ATOM   259  C  C5    . C   A 1 12 ? -6.351  21.867  0.736   1.00 117.33 ? 12  C   A C5    1 
ATOM   260  C  C6    . C   A 1 12 ? -5.299  22.654  1.033   1.00 117.92 ? 12  C   A C6    1 
ATOM   261  P  P     . G   A 1 13 ? -4.366  27.800  -0.992  1.00 135.76 ? 13  G   A P     1 
ATOM   262  O  OP1   . G   A 1 13 ? -3.974  29.214  -1.047  1.00 134.03 ? 13  G   A OP1   1 
ATOM   263  O  OP2   . G   A 1 13 ? -5.780  27.444  -0.736  1.00 129.39 ? 13  G   A OP2   1 
ATOM   264  O  "O5'" . G   A 1 13 ? -3.899  27.128  -2.351  1.00 130.64 ? 13  G   A "O5'" 1 
ATOM   265  C  "C5'" . G   A 1 13 ? -2.587  27.360  -2.849  1.00 126.42 ? 13  G   A "C5'" 1 
ATOM   266  C  "C4'" . G   A 1 13 ? -2.412  26.658  -4.159  1.00 125.16 ? 13  G   A "C4'" 1 
ATOM   267  O  "O4'" . G   A 1 13 ? -2.453  25.229  -3.934  1.00 123.96 ? 13  G   A "O4'" 1 
ATOM   268  C  "C3'" . G   A 1 13 ? -3.547  26.900  -5.134  1.00 123.81 ? 13  G   A "C3'" 1 
ATOM   269  O  "O3'" . G   A 1 13 ? -3.470  28.177  -5.715  1.00 123.95 ? 13  G   A "O3'" 1 
ATOM   270  C  "C2'" . G   A 1 13 ? -3.469  25.681  -6.037  1.00 122.41 ? 13  G   A "C2'" 1 
ATOM   271  O  "O2'" . G   A 1 13 ? -2.456  25.747  -7.009  1.00 120.11 ? 13  G   A "O2'" 1 
ATOM   272  C  "C1'" . G   A 1 13 ? -3.095  24.598  -5.029  1.00 120.24 ? 13  G   A "C1'" 1 
ATOM   273  N  N9    . G   A 1 13 ? -4.267  23.888  -4.552  1.00 116.54 ? 13  G   A N9    1 
ATOM   274  C  C8    . G   A 1 13 ? -5.029  24.153  -3.432  1.00 114.61 ? 13  G   A C8    1 
ATOM   275  N  N7    . G   A 1 13 ? -6.034  23.331  -3.288  1.00 112.46 ? 13  G   A N7    1 
ATOM   276  C  C5    . G   A 1 13 ? -5.933  22.466  -4.375  1.00 112.62 ? 13  G   A C5    1 
ATOM   277  C  C6    . G   A 1 13 ? -6.750  21.360  -4.762  1.00 111.69 ? 13  G   A C6    1 
ATOM   278  O  O6    . G   A 1 13 ? -7.762  20.905  -4.195  1.00 111.24 ? 13  G   A O6    1 
ATOM   279  N  N1    . G   A 1 13 ? -6.285  20.772  -5.945  1.00 109.95 ? 13  G   A N1    1 
ATOM   280  C  C2    . G   A 1 13 ? -5.180  21.191  -6.665  1.00 109.91 ? 13  G   A C2    1 
ATOM   281  N  N2    . G   A 1 13 ? -4.889  20.505  -7.795  1.00 109.00 ? 13  G   A N2    1 
ATOM   282  N  N3    . G   A 1 13 ? -4.412  22.211  -6.306  1.00 110.49 ? 13  G   A N3    1 
ATOM   283  C  C4    . G   A 1 13 ? -4.848  22.799  -5.162  1.00 113.70 ? 13  G   A C4    1 
ATOM   284  O  "O5'" . C   B 2 1  ? -8.665  13.002  -9.196  1.00 122.63 ? 2   C   B "O5'" 1 
ATOM   285  C  "C5'" . C   B 2 1  ? -8.435  13.077  -10.603 1.00 125.41 ? 2   C   B "C5'" 1 
ATOM   286  C  "C4'" . C   B 2 1  ? -7.482  14.192  -10.957 1.00 127.11 ? 2   C   B "C4'" 1 
ATOM   287  O  "O4'" . C   B 2 1  ? -8.167  15.461  -10.807 1.00 126.16 ? 2   C   B "O4'" 1 
ATOM   288  C  "C3'" . C   B 2 1  ? -6.294  14.334  -10.024 1.00 128.75 ? 2   C   B "C3'" 1 
ATOM   289  O  "O3'" . C   B 2 1  ? -5.250  13.435  -10.317 1.00 130.75 ? 2   C   B "O3'" 1 
ATOM   290  C  "C2'" . C   B 2 1  ? -5.892  15.789  -10.221 1.00 126.40 ? 2   C   B "C2'" 1 
ATOM   291  O  "O2'" . C   B 2 1  ? -5.159  16.029  -11.404 1.00 127.26 ? 2   C   B "O2'" 1 
ATOM   292  C  "C1'" . C   B 2 1  ? -7.261  16.450  -10.319 1.00 121.64 ? 2   C   B "C1'" 1 
ATOM   293  N  N1    . C   B 2 1  ? -7.717  16.921  -8.988  1.00 116.00 ? 2   C   B N1    1 
ATOM   294  C  C2    . C   B 2 1  ? -7.061  18.017  -8.400  1.00 113.05 ? 2   C   B C2    1 
ATOM   295  O  O2    . C   B 2 1  ? -6.140  18.581  -9.026  1.00 108.75 ? 2   C   B O2    1 
ATOM   296  N  N3    . C   B 2 1  ? -7.451  18.432  -7.165  1.00 111.85 ? 2   C   B N3    1 
ATOM   297  C  C4    . C   B 2 1  ? -8.448  17.805  -6.526  1.00 113.14 ? 2   C   B C4    1 
ATOM   298  N  N4    . C   B 2 1  ? -8.784  18.232  -5.300  1.00 111.63 ? 2   C   B N4    1 
ATOM   299  C  C5    . C   B 2 1  ? -9.143  16.710  -7.109  1.00 112.81 ? 2   C   B C5    1 
ATOM   300  C  C6    . C   B 2 1  ? -8.746  16.302  -8.329  1.00 114.29 ? 2   C   B C6    1 
ATOM   301  P  P     . G   B 2 2  ? -4.323  12.892  -9.118  1.00 131.05 ? 3   G   B P     1 
ATOM   302  O  OP1   . G   B 2 2  ? -3.501  11.791  -9.660  1.00 130.13 ? 3   G   B OP1   1 
ATOM   303  O  OP2   . G   B 2 2  ? -5.194  12.640  -7.934  1.00 126.06 ? 3   G   B OP2   1 
ATOM   304  O  "O5'" . G   B 2 2  ? -3.346  14.114  -8.779  1.00 128.00 ? 3   G   B "O5'" 1 
ATOM   305  C  "C5'" . G   B 2 2  ? -2.337  14.540  -9.705  1.00 123.72 ? 3   G   B "C5'" 1 
ATOM   306  C  "C4'" . G   B 2 2  ? -1.597  15.751  -9.167  1.00 122.46 ? 3   G   B "C4'" 1 
ATOM   307  O  "O4'" . G   B 2 2  ? -2.530  16.864  -9.041  1.00 119.08 ? 3   G   B "O4'" 1 
ATOM   308  C  "C3'" . G   B 2 2  ? -1.020  15.617  -7.761  1.00 124.43 ? 3   G   B "C3'" 1 
ATOM   309  O  "O3'" . G   B 2 2  ? 0.212   14.910  -7.681  1.00 125.91 ? 3   G   B "O3'" 1 
ATOM   310  C  "C2'" . G   B 2 2  ? -0.911  17.068  -7.307  1.00 120.39 ? 3   G   B "C2'" 1 
ATOM   311  O  "O2'" . G   B 2 2  ? 0.223   17.793  -7.746  1.00 120.24 ? 3   G   B "O2'" 1 
ATOM   312  C  "C1'" . G   B 2 2  ? -2.189  17.649  -7.903  1.00 114.90 ? 3   G   B "C1'" 1 
ATOM   313  N  N9    . G   B 2 2  ? -3.245  17.534  -6.918  1.00 107.50 ? 3   G   B N9    1 
ATOM   314  C  C8    . G   B 2 2  ? -4.301  16.648  -6.901  1.00 106.04 ? 3   G   B C8    1 
ATOM   315  N  N7    . G   B 2 2  ? -5.058  16.772  -5.846  1.00 103.53 ? 3   G   B N7    1 
ATOM   316  C  C5    . G   B 2 2  ? -4.476  17.813  -5.125  1.00 101.99 ? 3   G   B C5    1 
ATOM   317  C  C6    . G   B 2 2  ? -4.857  18.411  -3.882  1.00 101.54 ? 3   G   B C6    1 
ATOM   318  O  O6    . G   B 2 2  ? -5.824  18.122  -3.138  1.00 101.91 ? 3   G   B O6    1 
ATOM   319  N  N1    . G   B 2 2  ? -3.978  19.443  -3.525  1.00 101.56 ? 3   G   B N1    1 
ATOM   320  C  C2    . G   B 2 2  ? -2.872  19.844  -4.260  1.00 103.53 ? 3   G   B C2    1 
ATOM   321  N  N2    . G   B 2 2  ? -2.139  20.850  -3.748  1.00 101.86 ? 3   G   B N2    1 
ATOM   322  N  N3    . G   B 2 2  ? -2.515  19.293  -5.414  1.00 102.82 ? 3   G   B N3    1 
ATOM   323  C  C4    . G   B 2 2  ? -3.360  18.291  -5.781  1.00 103.59 ? 3   G   B C4    1 
ATOM   324  P  P     . G   B 2 3  ? 0.610   14.175  -6.303  1.00 126.26 ? 4   G   B P     1 
ATOM   325  O  OP1   . G   B 2 3  ? 1.885   13.450  -6.519  1.00 124.73 ? 4   G   B OP1   1 
ATOM   326  O  OP2   . G   B 2 3  ? -0.579  13.445  -5.779  1.00 123.31 ? 4   G   B OP2   1 
ATOM   327  O  "O5'" . G   B 2 3  ? 0.892   15.373  -5.300  1.00 122.33 ? 4   G   B "O5'" 1 
ATOM   328  C  "C5'" . G   B 2 3  ? 1.863   16.355  -5.617  1.00 120.29 ? 4   G   B "C5'" 1 
ATOM   329  C  "C4'" . G   B 2 3  ? 2.000   17.324  -4.481  1.00 120.16 ? 4   G   B "C4'" 1 
ATOM   330  O  "O4'" . G   B 2 3  ? 0.796   18.133  -4.393  1.00 117.77 ? 4   G   B "O4'" 1 
ATOM   331  C  "C3'" . G   B 2 3  ? 2.086   16.675  -3.111  1.00 121.21 ? 4   G   B "C3'" 1 
ATOM   332  O  "O3'" . G   B 2 3  ? 3.378   16.173  -2.830  1.00 125.94 ? 4   G   B "O3'" 1 
ATOM   333  C  "C2'" . G   B 2 3  ? 1.624   17.796  -2.188  1.00 118.12 ? 4   G   B "C2'" 1 
ATOM   334  O  "O2'" . G   B 2 3  ? 2.579   18.790  -1.882  1.00 116.12 ? 4   G   B "O2'" 1 
ATOM   335  C  "C1'" . G   B 2 3  ? 0.511   18.412  -3.028  1.00 113.10 ? 4   G   B "C1'" 1 
ATOM   336  N  N9    . G   B 2 3  ? -0.759  17.794  -2.669  1.00 108.11 ? 4   G   B N9    1 
ATOM   337  C  C8    . G   B 2 3  ? -1.433  16.793  -3.332  1.00 106.08 ? 4   G   B C8    1 
ATOM   338  N  N7    . G   B 2 3  ? -2.547  16.450  -2.739  1.00 104.66 ? 4   G   B N7    1 
ATOM   339  C  C5    . G   B 2 3  ? -2.615  17.276  -1.622  1.00 103.41 ? 4   G   B C5    1 
ATOM   340  C  C6    . G   B 2 3  ? -3.605  17.378  -0.598  1.00 102.72 ? 4   G   B C6    1 
ATOM   341  O  O6    . G   B 2 3  ? -4.670  16.747  -0.481  1.00 102.72 ? 4   G   B O6    1 
ATOM   342  N  N1    . G   B 2 3  ? -3.258  18.336  0.351   1.00 102.11 ? 4   G   B N1    1 
ATOM   343  C  C2    . G   B 2 3  ? -2.116  19.107  0.319   1.00 101.63 ? 4   G   B C2    1 
ATOM   344  N  N2    . G   B 2 3  ? -1.948  19.960  1.340   1.00 99.53  ? 4   G   B N2    1 
ATOM   345  N  N3    . G   B 2 3  ? -1.202  19.038  -0.637  1.00 101.58 ? 4   G   B N3    1 
ATOM   346  C  C4    . G   B 2 3  ? -1.511  18.108  -1.566  1.00 104.65 ? 4   G   B C4    1 
ATOM   347  P  P     . U   B 2 4  ? 3.560   15.050  -1.694  1.00 129.74 ? 5   U   B P     1 
ATOM   348  O  OP1   . U   B 2 4  ? 4.646   14.137  -2.097  1.00 124.81 ? 5   U   B OP1   1 
ATOM   349  O  OP2   . U   B 2 4  ? 2.249   14.487  -1.323  1.00 123.87 ? 5   U   B OP2   1 
ATOM   350  O  "O5'" . U   B 2 4  ? 4.068   15.894  -0.454  1.00 122.67 ? 5   U   B "O5'" 1 
ATOM   351  C  "C5'" . U   B 2 4  ? 3.762   15.482  0.855   1.00 119.61 ? 5   U   B "C5'" 1 
ATOM   352  C  "C4'" . U   B 2 4  ? 3.215   16.632  1.647   1.00 118.77 ? 5   U   B "C4'" 1 
ATOM   353  O  "O4'" . U   B 2 4  ? 2.066   17.201  0.977   1.00 118.29 ? 5   U   B "O4'" 1 
ATOM   354  C  "C3'" . U   B 2 4  ? 2.669   16.192  2.979   1.00 119.79 ? 5   U   B "C3'" 1 
ATOM   355  O  "O3'" . U   B 2 4  ? 3.725   16.027  3.878   1.00 121.22 ? 5   U   B "O3'" 1 
ATOM   356  C  "C2'" . U   B 2 4  ? 1.696   17.300  3.322   1.00 116.37 ? 5   U   B "C2'" 1 
ATOM   357  O  "O2'" . U   B 2 4  ? 2.313   18.444  3.872   1.00 112.79 ? 5   U   B "O2'" 1 
ATOM   358  C  "C1'" . U   B 2 4  ? 1.098   17.579  1.944   1.00 115.95 ? 5   U   B "C1'" 1 
ATOM   359  N  N1    . U   B 2 4  ? -0.077  16.725  1.733   1.00 114.39 ? 5   U   B N1    1 
ATOM   360  C  C2    . U   B 2 4  ? -1.110  16.823  2.642   1.00 113.89 ? 5   U   B C2    1 
ATOM   361  O  O2    . U   B 2 4  ? -1.092  17.597  3.585   1.00 112.79 ? 5   U   B O2    1 
ATOM   362  N  N3    . U   B 2 4  ? -2.169  15.982  2.406   1.00 113.52 ? 5   U   B N3    1 
ATOM   363  C  C4    . U   B 2 4  ? -2.293  15.074  1.381   1.00 113.54 ? 5   U   B C4    1 
ATOM   364  O  O4    . U   B 2 4  ? -3.285  14.354  1.334   1.00 112.44 ? 5   U   B O4    1 
ATOM   365  C  C5    . U   B 2 4  ? -1.188  15.039  0.476   1.00 113.59 ? 5   U   B C5    1 
ATOM   366  C  C6    . U   B 2 4  ? -0.142  15.846  0.679   1.00 113.66 ? 5   U   B C6    1 
ATOM   367  P  P     . G   B 2 5  ? 3.998   14.578  4.478   1.00 122.25 ? 6   G   B P     1 
ATOM   368  O  OP1   . G   B 2 5  ? 5.439   14.521  4.798   1.00 118.78 ? 6   G   B OP1   1 
ATOM   369  O  OP2   . G   B 2 5  ? 3.399   13.577  3.563   1.00 119.12 ? 6   G   B OP2   1 
ATOM   370  O  "O5'" . G   B 2 5  ? 3.163   14.630  5.819   1.00 114.63 ? 6   G   B "O5'" 1 
ATOM   371  C  "C5'" . G   B 2 5  ? 3.322   15.751  6.657   1.00 108.79 ? 6   G   B "C5'" 1 
ATOM   372  C  "C4'" . G   B 2 5  ? 2.121   15.941  7.524   1.00 106.35 ? 6   G   B "C4'" 1 
ATOM   373  O  "O4'" . G   B 2 5  ? 0.993   16.354  6.709   1.00 104.34 ? 6   G   B "O4'" 1 
ATOM   374  C  "C3'" . G   B 2 5  ? 1.623   14.658  8.152   1.00 107.08 ? 6   G   B "C3'" 1 
ATOM   375  O  "O3'" . G   B 2 5  ? 2.404   14.234  9.246   1.00 107.08 ? 6   G   B "O3'" 1 
ATOM   376  C  "C2'" . G   B 2 5  ? 0.187   15.012  8.496   1.00 104.51 ? 6   G   B "C2'" 1 
ATOM   377  O  "O2'" . G   B 2 5  ? 0.074   15.803  9.667   1.00 103.63 ? 6   G   B "O2'" 1 
ATOM   378  C  "C1'" . G   B 2 5  ? -0.200  15.829  7.269   1.00 101.50 ? 6   G   B "C1'" 1 
ATOM   379  N  N9    . G   B 2 5  ? -0.882  14.988  6.292   1.00 99.10  ? 6   G   B N9    1 
ATOM   380  C  C8    . G   B 2 5  ? -0.397  14.464  5.114   1.00 99.38  ? 6   G   B C8    1 
ATOM   381  N  N7    . G   B 2 5  ? -1.281  13.734  4.478   1.00 98.10  ? 6   G   B N7    1 
ATOM   382  C  C5    . G   B 2 5  ? -2.418  13.786  5.289   1.00 96.54  ? 6   G   B C5    1 
ATOM   383  C  C6    . G   B 2 5  ? -3.712  13.188  5.129   1.00 94.72  ? 6   G   B C6    1 
ATOM   384  O  O6    . G   B 2 5  ? -4.125  12.483  4.191   1.00 94.87  ? 6   G   B O6    1 
ATOM   385  N  N1    . G   B 2 5  ? -4.559  13.484  6.206   1.00 93.37  ? 6   G   B N1    1 
ATOM   386  C  C2    . G   B 2 5  ? -4.218  14.257  7.296   1.00 94.41  ? 6   G   B C2    1 
ATOM   387  N  N2    . G   B 2 5  ? -5.168  14.408  8.251   1.00 92.70  ? 6   G   B N2    1 
ATOM   388  N  N3    . G   B 2 5  ? -3.028  14.835  7.444   1.00 95.01  ? 6   G   B N3    1 
ATOM   389  C  C4    . G   B 2 5  ? -2.187  14.552  6.411   1.00 96.65  ? 6   G   B C4    1 
ATOM   390  P  P     . A   B 2 6  ? 2.681   12.667  9.444   1.00 108.27 ? 7   A   B P     1 
ATOM   391  O  OP1   . A   B 2 6  ? 3.754   12.519  10.451  1.00 106.96 ? 7   A   B OP1   1 
ATOM   392  O  OP2   . A   B 2 6  ? 2.853   12.071  8.097   1.00 97.89  ? 7   A   B OP2   1 
ATOM   393  O  "O5'" . A   B 2 6  ? 1.328   12.143  10.101  1.00 100.70 ? 7   A   B "O5'" 1 
ATOM   394  C  "C5'" . A   B 2 6  ? 0.810   12.791  11.265  1.00 95.15  ? 7   A   B "C5'" 1 
ATOM   395  C  "C4'" . A   B 2 6  ? -0.659  12.489  11.447  1.00 96.20  ? 7   A   B "C4'" 1 
ATOM   396  O  "O4'" . A   B 2 6  ? -1.393  13.009  10.312  1.00 94.53  ? 7   A   B "O4'" 1 
ATOM   397  C  "C3'" . A   B 2 6  ? -1.025  11.016  11.481  1.00 95.38  ? 7   A   B "C3'" 1 
ATOM   398  O  "O3'" . A   B 2 6  ? -0.836  10.439  12.761  1.00 97.44  ? 7   A   B "O3'" 1 
ATOM   399  C  "C2'" . A   B 2 6  ? -2.486  11.037  11.057  1.00 94.49  ? 7   A   B "C2'" 1 
ATOM   400  O  "O2'" . A   B 2 6  ? -3.370  11.416  12.089  1.00 89.37  ? 7   A   B "O2'" 1 
ATOM   401  C  "C1'" . A   B 2 6  ? -2.457  12.126  9.991   1.00 91.97  ? 7   A   B "C1'" 1 
ATOM   402  N  N9    . A   B 2 6  ? -2.219  11.550  8.670   1.00 91.17  ? 7   A   B N9    1 
ATOM   403  C  C8    . A   B 2 6  ? -1.047  11.486  7.943   1.00 91.36  ? 7   A   B C8    1 
ATOM   404  N  N7    . A   B 2 6  ? -1.183  10.907  6.772   1.00 90.12  ? 7   A   B N7    1 
ATOM   405  C  C5    . A   B 2 6  ? -2.533  10.560  6.723   1.00 89.31  ? 7   A   B C5    1 
ATOM   406  C  C6    . A   B 2 6  ? -3.322  9.917   5.737   1.00 87.45  ? 7   A   B C6    1 
ATOM   407  N  N6    . A   B 2 6  ? -2.830  9.501   4.560   1.00 86.64  ? 7   A   B N6    1 
ATOM   408  N  N1    . A   B 2 6  ? -4.643  9.717   6.010   1.00 86.93  ? 7   A   B N1    1 
ATOM   409  C  C2    . A   B 2 6  ? -5.128  10.141  7.190   1.00 88.36  ? 7   A   B C2    1 
ATOM   410  N  N3    . A   B 2 6  ? -4.488  10.762  8.191   1.00 90.44  ? 7   A   B N3    1 
ATOM   411  C  C4    . A   B 2 6  ? -3.182  10.943  7.888   1.00 90.32  ? 7   A   B C4    1 
ATOM   412  P  P     . G   B 2 7  ? -0.474  8.882   12.873  1.00 100.98 ? 8   G   B P     1 
ATOM   413  O  OP1   . G   B 2 7  ? -0.434  8.514   14.307  1.00 98.15  ? 8   G   B OP1   1 
ATOM   414  O  OP2   . G   B 2 7  ? 0.720   8.658   12.031  1.00 91.52  ? 8   G   B OP2   1 
ATOM   415  O  "O5'" . G   B 2 7  ? -1.713  8.153   12.176  1.00 98.96  ? 8   G   B "O5'" 1 
ATOM   416  C  "C5'" . G   B 2 7  ? -3.058  8.381   12.625  1.00 95.17  ? 8   G   B "C5'" 1 
ATOM   417  C  "C4'" . G   B 2 7  ? -4.029  7.424   11.951  1.00 96.19  ? 8   G   B "C4'" 1 
ATOM   418  O  "O4'" . G   B 2 7  ? -4.063  7.680   10.528  1.00 95.75  ? 8   G   B "O4'" 1 
ATOM   419  C  "C3'" . G   B 2 7  ? -3.559  5.982   12.098  1.00 92.68  ? 8   G   B "C3'" 1 
ATOM   420  O  "O3'" . G   B 2 7  ? -4.606  5.111   12.414  1.00 87.23  ? 8   G   B "O3'" 1 
ATOM   421  C  "C2'" . G   B 2 7  ? -2.798  5.658   10.828  1.00 93.48  ? 8   G   B "C2'" 1 
ATOM   422  O  "O2'" . G   B 2 7  ? -2.864  4.306   10.413  1.00 93.09  ? 8   G   B "O2'" 1 
ATOM   423  C  "C1'" . G   B 2 7  ? -3.498  6.585   9.841   1.00 91.35  ? 8   G   B "C1'" 1 
ATOM   424  N  N9    . G   B 2 7  ? -2.696  6.999   8.704   1.00 88.20  ? 8   G   B N9    1 
ATOM   425  C  C8    . G   B 2 7  ? -1.461  7.605   8.707   1.00 86.42  ? 8   G   B C8    1 
ATOM   426  N  N7    . G   B 2 7  ? -0.925  7.670   7.519   1.00 84.94  ? 8   G   B N7    1 
ATOM   427  C  C5    . G   B 2 7  ? -1.877  7.106   6.674   1.00 85.91  ? 8   G   B C5    1 
ATOM   428  C  C6    . G   B 2 7  ? -1.851  6.868   5.262   1.00 86.29  ? 8   G   B C6    1 
ATOM   429  O  O6    . G   B 2 7  ? -0.929  7.092   4.455   1.00 89.43  ? 8   G   B O6    1 
ATOM   430  N  N1    . G   B 2 7  ? -3.044  6.299   4.814   1.00 85.95  ? 8   G   B N1    1 
ATOM   431  C  C2    . G   B 2 7  ? -4.120  5.986   5.611   1.00 86.88  ? 8   G   B C2    1 
ATOM   432  N  N2    . G   B 2 7  ? -5.176  5.464   4.987   1.00 86.01  ? 8   G   B N2    1 
ATOM   433  N  N3    . G   B 2 7  ? -4.152  6.179   6.923   1.00 86.25  ? 8   G   B N3    1 
ATOM   434  C  C4    . G   B 2 7  ? -3.000  6.736   7.384   1.00 87.09  ? 8   G   B C4    1 
ATOM   435  P  P     . A   B 2 8  ? -4.315  3.685   13.063  1.00 88.26  ? 9   A   B P     1 
ATOM   436  O  OP1   . A   B 2 8  ? -4.581  3.832   14.493  1.00 85.02  ? 9   A   B OP1   1 
ATOM   437  O  OP2   . A   B 2 8  ? -3.011  3.048   12.590  1.00 78.59  ? 9   A   B OP2   1 
ATOM   438  O  "O5'" . A   B 2 8  ? -5.570  2.865   12.548  1.00 85.31  ? 9   A   B "O5'" 1 
ATOM   439  C  "C5'" . A   B 2 8  ? -6.868  3.216   13.003  1.00 81.68  ? 9   A   B "C5'" 1 
ATOM   440  C  "C4'" . A   B 2 8  ? -7.917  2.697   12.060  1.00 80.00  ? 9   A   B "C4'" 1 
ATOM   441  O  "O4'" . A   B 2 8  ? -7.910  3.442   10.805  1.00 82.34  ? 9   A   B "O4'" 1 
ATOM   442  C  "C3'" . A   B 2 8  ? -7.762  1.247   11.637  1.00 80.97  ? 9   A   B "C3'" 1 
ATOM   443  O  "O3'" . A   B 2 8  ? -8.249  0.408   12.654  1.00 80.02  ? 9   A   B "O3'" 1 
ATOM   444  C  "C2'" . A   B 2 8  ? -8.620  1.218   10.385  1.00 78.31  ? 9   A   B "C2'" 1 
ATOM   445  O  "O2'" . A   B 2 8  ? -10.008 1.161   10.712  1.00 81.98  ? 9   A   B "O2'" 1 
ATOM   446  C  "C1'" . A   B 2 8  ? -8.279  2.575   9.763   1.00 80.37  ? 9   A   B "C1'" 1 
ATOM   447  N  N9    . A   B 2 8  ? -7.187  2.548   8.803   1.00 78.50  ? 9   A   B N9    1 
ATOM   448  C  C8    . A   B 2 8  ? -5.916  3.028   8.975   1.00 77.75  ? 9   A   B C8    1 
ATOM   449  N  N7    . A   B 2 8  ? -5.174  2.939   7.899   1.00 75.31  ? 9   A   B N7    1 
ATOM   450  C  C5    . A   B 2 8  ? -6.011  2.341   6.960   1.00 77.63  ? 9   A   B C5    1 
ATOM   451  C  C6    . A   B 2 8  ? -5.830  1.990   5.595   1.00 77.14  ? 9   A   B C6    1 
ATOM   452  N  N6    . A   B 2 8  ? -4.708  2.224   4.908   1.00 71.76  ? 9   A   B N6    1 
ATOM   453  N  N1    . A   B 2 8  ? -6.866  1.393   4.953   1.00 78.88  ? 9   A   B N1    1 
ATOM   454  C  C2    . A   B 2 8  ? -8.002  1.182   5.627   1.00 79.52  ? 9   A   B C2    1 
ATOM   455  N  N3    . A   B 2 8  ? -8.299  1.481   6.897   1.00 78.63  ? 9   A   B N3    1 
ATOM   456  C  C4    . A   B 2 8  ? -7.248  2.067   7.515   1.00 78.40  ? 9   A   B C4    1 
ATOM   457  P  P     . A   B 2 9  ? -7.431  -0.905  13.040  1.00 86.02  ? 10  A   B P     1 
ATOM   458  O  OP1   . A   B 2 9  ? -8.098  -1.502  14.214  1.00 84.43  ? 10  A   B OP1   1 
ATOM   459  O  OP2   . A   B 2 9  ? -5.989  -0.582  13.080  1.00 80.72  ? 10  A   B OP2   1 
ATOM   460  O  "O5'" . A   B 2 9  ? -7.633  -1.839  11.782  1.00 83.39  ? 10  A   B "O5'" 1 
ATOM   461  C  "C5'" . A   B 2 9  ? -8.927  -2.230  11.386  1.00 74.73  ? 10  A   B "C5'" 1 
ATOM   462  C  "C4'" . A   B 2 9  ? -8.851  -2.935  10.058  1.00 74.19  ? 10  A   B "C4'" 1 
ATOM   463  O  "O4'" . A   B 2 9  ? -8.623  -1.952  9.009   1.00 71.73  ? 10  A   B "O4'" 1 
ATOM   464  C  "C3'" . A   B 2 9  ? -7.707  -3.929  9.902   1.00 70.90  ? 10  A   B "C3'" 1 
ATOM   465  O  "O3'" . A   B 2 9  ? -8.045  -5.212  10.421  1.00 70.11  ? 10  A   B "O3'" 1 
ATOM   466  C  "C2'" . A   B 2 9  ? -7.552  -3.973  8.391   1.00 72.28  ? 10  A   B "C2'" 1 
ATOM   467  O  "O2'" . A   B 2 9  ? -8.538  -4.792  7.804   1.00 73.55  ? 10  A   B "O2'" 1 
ATOM   468  C  "C1'" . A   B 2 9  ? -7.805  -2.515  8.005   1.00 72.95  ? 10  A   B "C1'" 1 
ATOM   469  N  N9    . A   B 2 9  ? -6.573  -1.732  7.887   1.00 73.09  ? 10  A   B N9    1 
ATOM   470  C  C8    . A   B 2 9  ? -5.929  -0.965  8.830   1.00 73.91  ? 10  A   B C8    1 
ATOM   471  N  N7    . A   B 2 9  ? -4.820  -0.416  8.392   1.00 72.18  ? 10  A   B N7    1 
ATOM   472  C  C5    . A   B 2 9  ? -4.726  -0.851  7.075   1.00 74.18  ? 10  A   B C5    1 
ATOM   473  C  C6    . A   B 2 9  ? -3.753  -0.659  6.065   1.00 72.75  ? 10  A   B C6    1 
ATOM   474  N  N6    . A   B 2 9  ? -2.634  0.059   6.223   1.00 73.00  ? 10  A   B N6    1 
ATOM   475  N  N1    . A   B 2 9  ? -3.966  -1.252  4.867   1.00 72.19  ? 10  A   B N1    1 
ATOM   476  C  C2    . A   B 2 9  ? -5.068  -1.994  4.707   1.00 72.78  ? 10  A   B C2    1 
ATOM   477  N  N3    . A   B 2 9  ? -6.040  -2.258  5.573   1.00 72.97  ? 10  A   B N3    1 
ATOM   478  C  C4    . A   B 2 9  ? -5.810  -1.653  6.751   1.00 73.59  ? 10  A   B C4    1 
ATOM   479  P  P     . G   B 2 10 ? -6.911  -6.148  11.072  1.00 75.16  ? 11  G   B P     1 
ATOM   480  O  OP1   . G   B 2 10 ? -7.607  -7.372  11.527  1.00 73.53  ? 11  G   B OP1   1 
ATOM   481  O  OP2   . G   B 2 10 ? -6.102  -5.368  12.036  1.00 73.33  ? 11  G   B OP2   1 
ATOM   482  O  "O5'" . G   B 2 10 ? -5.982  -6.540  9.844   1.00 69.26  ? 11  G   B "O5'" 1 
ATOM   483  C  "C5'" . G   B 2 10 ? -6.481  -7.327  8.776   1.00 64.43  ? 11  G   B "C5'" 1 
ATOM   484  C  "C4'" . G   B 2 10 ? -5.506  -7.315  7.627   1.00 66.96  ? 11  G   B "C4'" 1 
ATOM   485  O  "O4'" . G   B 2 10 ? -5.394  -5.949  7.136   1.00 60.25  ? 11  G   B "O4'" 1 
ATOM   486  C  "C3'" . G   B 2 10 ? -4.080  -7.677  7.976   1.00 65.16  ? 11  G   B "C3'" 1 
ATOM   487  O  "O3'" . G   B 2 10 ? -3.899  -9.076  7.958   1.00 62.95  ? 11  G   B "O3'" 1 
ATOM   488  C  "C2'" . G   B 2 10 ? -3.321  -7.013  6.837   1.00 61.56  ? 11  G   B "C2'" 1 
ATOM   489  O  "O2'" . G   B 2 10 ? -3.495  -7.730  5.630   1.00 59.19  ? 11  G   B "O2'" 1 
ATOM   490  C  "C1'" . G   B 2 10 ? -4.070  -5.690  6.698   1.00 66.65  ? 11  G   B "C1'" 1 
ATOM   491  N  N9    . G   B 2 10 ? -3.500  -4.604  7.497   1.00 67.02  ? 11  G   B N9    1 
ATOM   492  C  C8    . G   B 2 10 ? -3.962  -4.136  8.709   1.00 69.03  ? 11  G   B C8    1 
ATOM   493  N  N7    . G   B 2 10 ? -3.247  -3.149  9.195   1.00 69.09  ? 11  G   B N7    1 
ATOM   494  C  C5    . G   B 2 10 ? -2.261  -2.935  8.234   1.00 66.87  ? 11  G   B C5    1 
ATOM   495  C  C6    . G   B 2 10 ? -1.220  -1.976  8.175   1.00 66.41  ? 11  G   B C6    1 
ATOM   496  O  O6    . G   B 2 10 ? -0.924  -1.098  8.995   1.00 62.40  ? 11  G   B O6    1 
ATOM   497  N  N1    . G   B 2 10 ? -0.468  -2.110  7.013   1.00 61.09  ? 11  G   B N1    1 
ATOM   498  C  C2    . G   B 2 10 ? -0.659  -3.048  6.049   1.00 63.03  ? 11  G   B C2    1 
ATOM   499  N  N2    . G   B 2 10 ? 0.185   -3.026  5.022   1.00 58.55  ? 11  G   B N2    1 
ATOM   500  N  N3    . G   B 2 10 ? -1.610  -3.950  6.086   1.00 63.15  ? 11  G   B N3    1 
ATOM   501  C  C4    . G   B 2 10 ? -2.382  -3.828  7.194   1.00 66.37  ? 11  G   B C4    1 
ATOM   502  P  P     . G   B 2 11 ? -2.682  -9.730  8.780   1.00 67.28  ? 12  G   B P     1 
ATOM   503  O  OP1   . G   B 2 11 ? -2.844  -11.202 8.697   1.00 69.60  ? 12  G   B OP1   1 
ATOM   504  O  OP2   . G   B 2 11 ? -2.607  -9.071  10.113  1.00 63.43  ? 12  G   B OP2   1 
ATOM   505  O  "O5'" . G   B 2 11 ? -1.401  -9.357  7.912   1.00 64.80  ? 12  G   B "O5'" 1 
ATOM   506  C  "C5'" . G   B 2 11 ? -1.200  -9.985  6.657   1.00 61.73  ? 12  G   B "C5'" 1 
ATOM   507  C  "C4'" . G   B 2 11 ? -0.048  -9.365  5.922   1.00 63.34  ? 12  G   B "C4'" 1 
ATOM   508  O  "O4'" . G   B 2 11 ? -0.319  -7.959  5.727   1.00 66.00  ? 12  G   B "O4'" 1 
ATOM   509  C  "C3'" . G   B 2 11 ? 1.282   -9.360  6.647   1.00 67.65  ? 12  G   B "C3'" 1 
ATOM   510  O  "O3'" . G   B 2 11 ? 1.946   -10.591 6.553   1.00 68.46  ? 12  G   B "O3'" 1 
ATOM   511  C  "C2'" . G   B 2 11 ? 2.017   -8.247  5.922   1.00 62.39  ? 12  G   B "C2'" 1 
ATOM   512  O  "O2'" . G   B 2 11 ? 2.439   -8.603  4.619   1.00 59.24  ? 12  G   B "O2'" 1 
ATOM   513  C  "C1'" . G   B 2 11 ? 0.894   -7.227  5.794   1.00 62.81  ? 12  G   B "C1'" 1 
ATOM   514  N  N9    . G   B 2 11 ? 0.866   -6.344  6.944   1.00 63.69  ? 12  G   B N9    1 
ATOM   515  C  C8    . G   B 2 11 ? -0.011  -6.342  8.030   1.00 61.84  ? 12  G   B C8    1 
ATOM   516  N  N7    . G   B 2 11 ? 0.245   -5.407  8.908   1.00 62.22  ? 12  G   B N7    1 
ATOM   517  C  C5    . G   B 2 11 ? 1.347   -4.729  8.369   1.00 60.64  ? 12  G   B C5    1 
ATOM   518  C  C6    . G   B 2 11 ? 2.046   -3.586  8.841   1.00 61.90  ? 12  G   B C6    1 
ATOM   519  O  O6    . G   B 2 11 ? 1.827   -2.919  9.870   1.00 60.48  ? 12  G   B O6    1 
ATOM   520  N  N1    . G   B 2 11 ? 3.103   -3.232  7.976   1.00 61.32  ? 12  G   B N1    1 
ATOM   521  C  C2    . G   B 2 11 ? 3.452   -3.899  6.814   1.00 63.87  ? 12  G   B C2    1 
ATOM   522  N  N2    . G   B 2 11 ? 4.517   -3.443  6.155   1.00 64.18  ? 12  G   B N2    1 
ATOM   523  N  N3    . G   B 2 11 ? 2.795   -4.950  6.351   1.00 60.45  ? 12  G   B N3    1 
ATOM   524  C  C4    . G   B 2 11 ? 1.752   -5.303  7.179   1.00 60.14  ? 12  G   B C4    1 
ATOM   525  P  P     . G   B 2 12 ? 2.823   -11.105 7.793   1.00 71.20  ? 13  G   B P     1 
ATOM   526  O  OP1   . G   B 2 12 ? 3.233   -12.488 7.443   1.00 72.78  ? 13  G   B OP1   1 
ATOM   527  O  OP2   . G   B 2 12 ? 2.097   -10.834 9.070   1.00 66.41  ? 13  G   B OP2   1 
ATOM   528  O  "O5'" . G   B 2 12 ? 4.096   -10.161 7.721   1.00 67.50  ? 13  G   B "O5'" 1 
ATOM   529  C  "C5'" . G   B 2 12 ? 4.837   -10.081 6.509   1.00 66.03  ? 13  G   B "C5'" 1 
ATOM   530  C  "C4'" . G   B 2 12 ? 5.885   -9.004  6.590   1.00 68.80  ? 13  G   B "C4'" 1 
ATOM   531  O  "O4'" . G   B 2 12 ? 5.230   -7.712  6.697   1.00 72.24  ? 13  G   B "O4'" 1 
ATOM   532  C  "C3'" . G   B 2 12 ? 6.784   -9.068  7.813   1.00 68.80  ? 13  G   B "C3'" 1 
ATOM   533  O  "O3'" . G   B 2 12 ? 7.844   -10.023 7.761   1.00 69.63  ? 13  G   B "O3'" 1 
ATOM   534  C  "C2'" . G   B 2 12 ? 7.270   -7.636  7.912   1.00 68.63  ? 13  G   B "C2'" 1 
ATOM   535  O  "O2'" . G   B 2 12 ? 8.303   -7.394  6.987   1.00 73.70  ? 13  G   B "O2'" 1 
ATOM   536  C  "C1'" . G   B 2 12 ? 6.021   -6.859  7.491   1.00 66.08  ? 13  G   B "C1'" 1 
ATOM   537  N  N9    . G   B 2 12 ? 5.240   -6.375  8.621   1.00 65.14  ? 13  G   B N9    1 
ATOM   538  C  C8    . G   B 2 12 ? 4.069   -6.873  9.153   1.00 62.05  ? 13  G   B C8    1 
ATOM   539  N  N7    . G   B 2 12 ? 3.661   -6.212  10.210  1.00 60.94  ? 13  G   B N7    1 
ATOM   540  C  C5    . G   B 2 12 ? 4.605   -5.212  10.358  1.00 63.91  ? 13  G   B C5    1 
ATOM   541  C  C6    . G   B 2 12 ? 4.709   -4.181  11.332  1.00 65.41  ? 13  G   B C6    1 
ATOM   542  O  O6    . G   B 2 12 ? 3.934   -3.954  12.304  1.00 65.85  ? 13  G   B O6    1 
ATOM   543  N  N1    . G   B 2 12 ? 5.845   -3.379  11.105  1.00 63.62  ? 13  G   B N1    1 
ATOM   544  C  C2    . G   B 2 12 ? 6.771   -3.566  10.086  1.00 64.34  ? 13  G   B C2    1 
ATOM   545  N  N2    . G   B 2 12 ? 7.793   -2.699  10.017  1.00 64.65  ? 13  G   B N2    1 
ATOM   546  N  N3    . G   B 2 12 ? 6.687   -4.530  9.193   1.00 63.38  ? 13  G   B N3    1 
ATOM   547  C  C4    . G   B 2 12 ? 5.589   -5.297  9.387   1.00 64.80  ? 13  G   B C4    1 
ATOM   548  O  "O5'" . G   C 3 1  ? 17.658  -5.874  8.198   1.00 65.22  ? 15  G   C "O5'" 1 
ATOM   549  C  "C5'" . G   C 3 1  ? 17.839  -5.098  9.372   1.00 64.40  ? 15  G   C "C5'" 1 
ATOM   550  C  "C4'" . G   C 3 1  ? 18.787  -3.957  9.119   1.00 73.41  ? 15  G   C "C4'" 1 
ATOM   551  O  "O4'" . G   C 3 1  ? 20.115  -4.513  9.035   1.00 75.87  ? 15  G   C "O4'" 1 
ATOM   552  C  "C3'" . G   C 3 1  ? 18.604  -3.198  7.807   1.00 69.35  ? 15  G   C "C3'" 1 
ATOM   553  O  "O3'" . G   C 3 1  ? 17.699  -2.107  7.998   1.00 70.06  ? 15  G   C "O3'" 1 
ATOM   554  C  "C2'" . G   C 3 1  ? 20.001  -2.646  7.575   1.00 71.69  ? 15  G   C "C2'" 1 
ATOM   555  O  "O2'" . G   C 3 1  ? 20.235  -1.490  8.344   1.00 70.59  ? 15  G   C "O2'" 1 
ATOM   556  C  "C1'" . G   C 3 1  ? 20.874  -3.786  8.094   1.00 75.24  ? 15  G   C "C1'" 1 
ATOM   557  N  N9    . G   C 3 1  ? 21.320  -4.702  7.052   1.00 75.16  ? 15  G   C N9    1 
ATOM   558  C  C8    . G   C 3 1  ? 20.913  -5.997  6.848   1.00 73.76  ? 15  G   C C8    1 
ATOM   559  N  N7    . G   C 3 1  ? 21.506  -6.573  5.839   1.00 75.08  ? 15  G   C N7    1 
ATOM   560  C  C5    . G   C 3 1  ? 22.346  -5.588  5.338   1.00 77.02  ? 15  G   C C5    1 
ATOM   561  C  C6    . G   C 3 1  ? 23.234  -5.616  4.240   1.00 76.87  ? 15  G   C C6    1 
ATOM   562  O  O6    . G   C 3 1  ? 23.466  -6.548  3.450   1.00 75.88  ? 15  G   C O6    1 
ATOM   563  N  N1    . G   C 3 1  ? 23.891  -4.394  4.094   1.00 74.74  ? 15  G   C N1    1 
ATOM   564  C  C2    . G   C 3 1  ? 23.720  -3.293  4.904   1.00 75.26  ? 15  G   C C2    1 
ATOM   565  N  N2    . G   C 3 1  ? 24.442  -2.200  4.607   1.00 72.47  ? 15  G   C N2    1 
ATOM   566  N  N3    . G   C 3 1  ? 22.898  -3.260  5.929   1.00 74.31  ? 15  G   C N3    1 
ATOM   567  C  C4    . G   C 3 1  ? 22.242  -4.430  6.086   1.00 75.08  ? 15  G   C C4    1 
ATOM   568  P  P     . G   C 3 2  ? 16.798  -1.555  6.771   1.00 64.43  ? 16  G   C P     1 
ATOM   569  O  OP1   . G   C 3 2  ? 15.715  -0.753  7.392   1.00 74.22  ? 16  G   C OP1   1 
ATOM   570  O  OP2   . G   C 3 2  ? 16.446  -2.650  5.839   1.00 62.49  ? 16  G   C OP2   1 
ATOM   571  O  "O5'" . G   C 3 2  ? 17.750  -0.540  6.008   1.00 71.15  ? 16  G   C "O5'" 1 
ATOM   572  C  "C5'" . G   C 3 2  ? 18.182  0.650   6.636   1.00 70.58  ? 16  G   C "C5'" 1 
ATOM   573  C  "C4'" . G   C 3 2  ? 19.183  1.342   5.752   1.00 76.56  ? 16  G   C "C4'" 1 
ATOM   574  O  "O4'" . G   C 3 2  ? 20.421  0.582   5.750   1.00 77.93  ? 16  G   C "O4'" 1 
ATOM   575  C  "C3'" . G   C 3 2  ? 18.802  1.400   4.281   1.00 76.58  ? 16  G   C "C3'" 1 
ATOM   576  O  "O3'" . G   C 3 2  ? 17.985  2.507   3.991   1.00 72.50  ? 16  G   C "O3'" 1 
ATOM   577  C  "C2'" . G   C 3 2  ? 20.150  1.571   3.609   1.00 77.01  ? 16  G   C "C2'" 1 
ATOM   578  O  "O2'" . G   C 3 2  ? 20.610  2.910   3.676   1.00 76.45  ? 16  G   C "O2'" 1 
ATOM   579  C  "C1'" . G   C 3 2  ? 21.012  0.636   4.457   1.00 79.81  ? 16  G   C "C1'" 1 
ATOM   580  N  N9    . G   C 3 2  ? 21.010  -0.712  3.892   1.00 82.37  ? 16  G   C N9    1 
ATOM   581  C  C8    . G   C 3 2  ? 20.207  -1.772  4.260   1.00 80.86  ? 16  G   C C8    1 
ATOM   582  N  N7    . G   C 3 2  ? 20.430  -2.861  3.569   1.00 80.83  ? 16  G   C N7    1 
ATOM   583  C  C5    . G   C 3 2  ? 21.446  -2.507  2.686   1.00 80.92  ? 16  G   C C5    1 
ATOM   584  C  C6    . G   C 3 2  ? 22.101  -3.281  1.678   1.00 81.33  ? 16  G   C C6    1 
ATOM   585  O  O6    . G   C 3 2  ? 21.923  -4.476  1.372   1.00 78.35  ? 16  G   C O6    1 
ATOM   586  N  N1    . G   C 3 2  ? 23.056  -2.514  0.995   1.00 82.18  ? 16  G   C N1    1 
ATOM   587  C  C2    . G   C 3 2  ? 23.349  -1.185  1.247   1.00 82.17  ? 16  G   C C2    1 
ATOM   588  N  N2    . G   C 3 2  ? 24.292  -0.623  0.484   1.00 79.44  ? 16  G   C N2    1 
ATOM   589  N  N3    . G   C 3 2  ? 22.756  -0.464  2.188   1.00 82.89  ? 16  G   C N3    1 
ATOM   590  C  C4    . G   C 3 2  ? 21.815  -1.186  2.863   1.00 81.79  ? 16  G   C C4    1 
ATOM   591  P  P     . C   C 3 3  ? 16.904  2.406   2.816   1.00 72.00  ? 17  C   C P     1 
ATOM   592  O  OP1   . C   C 3 3  ? 16.135  3.670   2.932   1.00 69.92  ? 17  C   C OP1   1 
ATOM   593  O  OP2   . C   C 3 3  ? 16.184  1.098   2.888   1.00 70.78  ? 17  C   C OP2   1 
ATOM   594  O  "O5'" . C   C 3 3  ? 17.779  2.454   1.484   1.00 71.88  ? 17  C   C "O5'" 1 
ATOM   595  C  "C5'" . C   C 3 3  ? 18.379  3.670   1.064   1.00 74.49  ? 17  C   C "C5'" 1 
ATOM   596  C  "C4'" . C   C 3 3  ? 19.287  3.426   -0.104  1.00 76.51  ? 17  C   C "C4'" 1 
ATOM   597  O  "O4'" . C   C 3 3  ? 20.293  2.466   0.304   1.00 80.39  ? 17  C   C "O4'" 1 
ATOM   598  C  "C3'" . C   C 3 3  ? 18.658  2.782   -1.326  1.00 76.87  ? 17  C   C "C3'" 1 
ATOM   599  O  "O3'" . C   C 3 3  ? 17.968  3.697   -2.151  1.00 75.41  ? 17  C   C "O3'" 1 
ATOM   600  C  "C2'" . C   C 3 3  ? 19.866  2.156   -2.005  1.00 76.04  ? 17  C   C "C2'" 1 
ATOM   601  O  "O2'" . C   C 3 3  ? 20.661  3.088   -2.720  1.00 74.42  ? 17  C   C "O2'" 1 
ATOM   602  C  "C1'" . C   C 3 3  ? 20.626  1.633   -0.791  1.00 76.08  ? 17  C   C "C1'" 1 
ATOM   603  N  N1    . C   C 3 3  ? 20.193  0.273   -0.484  1.00 78.37  ? 17  C   C N1    1 
ATOM   604  C  C2    . C   C 3 3  ? 20.727  -0.773  -1.219  1.00 77.62  ? 17  C   C C2    1 
ATOM   605  O  O2    . C   C 3 3  ? 21.570  -0.520  -2.111  1.00 80.32  ? 17  C   C O2    1 
ATOM   606  N  N3    . C   C 3 3  ? 20.319  -2.025  -0.959  1.00 77.48  ? 17  C   C N3    1 
ATOM   607  C  C4    . C   C 3 3  ? 19.422  -2.254  -0.009  1.00 77.65  ? 17  C   C C4    1 
ATOM   608  N  N4    . C   C 3 3  ? 19.069  -3.510  0.200   1.00 73.11  ? 17  C   C N4    1 
ATOM   609  C  C5    . C   C 3 3  ? 18.861  -1.204  0.759   1.00 76.96  ? 17  C   C C5    1 
ATOM   610  C  C6    . C   C 3 3  ? 19.273  0.032   0.496   1.00 77.74  ? 17  C   C C6    1 
ATOM   611  P  P     . A   C 3 4  ? 16.628  3.220   -2.879  1.00 82.35  ? 18  A   C P     1 
ATOM   612  O  OP1   . A   C 3 4  ? 15.939  4.408   -3.412  1.00 76.88  ? 18  A   C OP1   1 
ATOM   613  O  OP2   . A   C 3 4  ? 15.923  2.311   -1.952  1.00 77.56  ? 18  A   C OP2   1 
ATOM   614  O  "O5'" . A   C 3 4  ? 17.154  2.361   -4.100  1.00 81.59  ? 18  A   C "O5'" 1 
ATOM   615  C  "C5'" . A   C 3 4  ? 17.990  2.954   -5.069  1.00 77.55  ? 18  A   C "C5'" 1 
ATOM   616  C  "C4'" . A   C 3 4  ? 18.533  1.898   -5.985  1.00 78.13  ? 18  A   C "C4'" 1 
ATOM   617  O  "O4'" . A   C 3 4  ? 19.383  1.004   -5.222  1.00 76.89  ? 18  A   C "O4'" 1 
ATOM   618  C  "C3'" . A   C 3 4  ? 17.490  0.969   -6.567  1.00 79.81  ? 18  A   C "C3'" 1 
ATOM   619  O  "O3'" . A   C 3 4  ? 16.845  1.520   -7.693  1.00 83.48  ? 18  A   C "O3'" 1 
ATOM   620  C  "C2'" . A   C 3 4  ? 18.317  -0.246  -6.923  1.00 78.77  ? 18  A   C "C2'" 1 
ATOM   621  O  "O2'" . A   C 3 4  ? 19.068  -0.003  -8.087  1.00 81.06  ? 18  A   C "O2'" 1 
ATOM   622  C  "C1'" . A   C 3 4  ? 19.264  -0.306  -5.734  1.00 77.22  ? 18  A   C "C1'" 1 
ATOM   623  N  N9    . A   C 3 4  ? 18.712  -1.158  -4.694  1.00 77.86  ? 18  A   C N9    1 
ATOM   624  C  C8    . A   C 3 4  ? 18.102  -0.798  -3.520  1.00 77.28  ? 18  A   C C8    1 
ATOM   625  N  N7    . A   C 3 4  ? 17.690  -1.821  -2.812  1.00 73.76  ? 18  A   C N7    1 
ATOM   626  C  C5    . A   C 3 4  ? 18.065  -2.924  -3.568  1.00 72.64  ? 18  A   C C5    1 
ATOM   627  C  C6    . A   C 3 4  ? 17.917  -4.306  -3.374  1.00 71.91  ? 18  A   C C6    1 
ATOM   628  N  N6    . A   C 3 4  ? 17.325  -4.831  -2.309  1.00 68.33  ? 18  A   C N6    1 
ATOM   629  N  N1    . A   C 3 4  ? 18.401  -5.141  -4.322  1.00 72.68  ? 18  A   C N1    1 
ATOM   630  C  C2    . A   C 3 4  ? 18.979  -4.612  -5.396  1.00 73.26  ? 18  A   C C2    1 
ATOM   631  N  N3    . A   C 3 4  ? 19.175  -3.329  -5.698  1.00 73.79  ? 18  A   C N3    1 
ATOM   632  C  C4    . A   C 3 4  ? 18.694  -2.530  -4.729  1.00 74.79  ? 18  A   C C4    1 
ATOM   633  P  P     . G   C 3 5  ? 15.331  1.107   -8.005  1.00 87.07  ? 19  G   C P     1 
ATOM   634  O  OP1   . G   C 3 5  ? 14.824  2.091   -8.992  1.00 79.91  ? 19  G   C OP1   1 
ATOM   635  O  OP2   . G   C 3 5  ? 14.617  0.910   -6.726  1.00 87.86  ? 19  G   C OP2   1 
ATOM   636  O  "O5'" . G   C 3 5  ? 15.461  -0.345  -8.643  1.00 82.88  ? 19  G   C "O5'" 1 
ATOM   637  C  "C5'" . G   C 3 5  ? 16.260  -0.552  -9.791  1.00 77.71  ? 19  G   C "C5'" 1 
ATOM   638  C  "C4'" . G   C 3 5  ? 16.400  -2.030  -10.105 1.00 80.62  ? 19  G   C "C4'" 1 
ATOM   639  O  "O4'" . G   C 3 5  ? 17.112  -2.683  -9.017  1.00 75.91  ? 19  G   C "O4'" 1 
ATOM   640  C  "C3'" . G   C 3 5  ? 15.097  -2.814  -10.167 1.00 85.28  ? 19  G   C "C3'" 1 
ATOM   641  O  "O3'" . G   C 3 5  ? 14.380  -2.655  -11.384 1.00 90.59  ? 19  G   C "O3'" 1 
ATOM   642  C  "C2'" . G   C 3 5  ? 15.560  -4.244  -9.912  1.00 84.85  ? 19  G   C "C2'" 1 
ATOM   643  O  "O2'" . G   C 3 5  ? 16.096  -4.909  -11.040 1.00 83.42  ? 19  G   C "O2'" 1 
ATOM   644  C  "C1'" . G   C 3 5  ? 16.659  -4.017  -8.882  1.00 81.98  ? 19  G   C "C1'" 1 
ATOM   645  N  N9    . G   C 3 5  ? 16.163  -4.218  -7.533  1.00 82.34  ? 19  G   C N9    1 
ATOM   646  C  C8    . G   C 3 5  ? 15.875  -3.260  -6.592  1.00 82.25  ? 19  G   C C8    1 
ATOM   647  N  N7    . G   C 3 5  ? 15.398  -3.763  -5.487  1.00 81.99  ? 19  G   C N7    1 
ATOM   648  C  C5    . G   C 3 5  ? 15.387  -5.138  -5.709  1.00 81.18  ? 19  G   C C5    1 
ATOM   649  C  C6    . G   C 3 5  ? 14.972  -6.211  -4.875  1.00 80.27  ? 19  G   C C6    1 
ATOM   650  O  O6    . G   C 3 5  ? 14.510  -6.156  -3.714  1.00 80.28  ? 19  G   C O6    1 
ATOM   651  N  N1    . G   C 3 5  ? 15.124  -7.450  -5.513  1.00 81.15  ? 19  G   C N1    1 
ATOM   652  C  C2    . G   C 3 5  ? 15.603  -7.636  -6.787  1.00 80.14  ? 19  G   C C2    1 
ATOM   653  N  N2    . G   C 3 5  ? 15.637  -8.907  -7.237  1.00 77.04  ? 19  G   C N2    1 
ATOM   654  N  N3    . G   C 3 5  ? 16.004  -6.644  -7.566  1.00 80.17  ? 19  G   C N3    1 
ATOM   655  C  C4    . G   C 3 5  ? 15.866  -5.431  -6.968  1.00 81.71  ? 19  G   C C4    1 
ATOM   656  P  P     . A   C 3 6  ? 12.775  -2.595  -11.351 1.00 95.90  ? 20  A   C P     1 
ATOM   657  O  OP1   . A   C 3 6  ? 12.312  -2.343  -12.742 1.00 92.08  ? 20  A   C OP1   1 
ATOM   658  O  OP2   . A   C 3 6  ? 12.388  -1.665  -10.257 1.00 96.48  ? 20  A   C OP2   1 
ATOM   659  O  "O5'" . A   C 3 6  ? 12.331  -4.070  -10.940 1.00 90.03  ? 20  A   C "O5'" 1 
ATOM   660  C  "C5'" . A   C 3 6  ? 12.487  -5.145  -11.852 1.00 83.80  ? 20  A   C "C5'" 1 
ATOM   661  C  "C4'" . A   C 3 6  ? 12.325  -6.468  -11.151 1.00 82.58  ? 20  A   C "C4'" 1 
ATOM   662  O  "O4'" . A   C 3 6  ? 13.228  -6.501  -10.020 1.00 80.65  ? 20  A   C "O4'" 1 
ATOM   663  C  "C3'" . A   C 3 6  ? 10.964  -6.733  -10.534 1.00 83.58  ? 20  A   C "C3'" 1 
ATOM   664  O  "O3'" . A   C 3 6  ? 10.068  -7.260  -11.478 1.00 79.95  ? 20  A   C "O3'" 1 
ATOM   665  C  "C2'" . A   C 3 6  ? 11.291  -7.755  -9.455  1.00 82.54  ? 20  A   C "C2'" 1 
ATOM   666  O  "O2'" . A   C 3 6  ? 11.452  -9.079  -9.909  1.00 79.79  ? 20  A   C "O2'" 1 
ATOM   667  C  "C1'" . A   C 3 6  ? 12.630  -7.226  -8.957  1.00 83.00  ? 20  A   C "C1'" 1 
ATOM   668  N  N9    . A   C 3 6  ? 12.399  -6.324  -7.834  1.00 81.76  ? 20  A   C N9    1 
ATOM   669  C  C8    . A   C 3 6  ? 12.498  -4.945  -7.744  1.00 81.16  ? 20  A   C C8    1 
ATOM   670  N  N7    . A   C 3 6  ? 12.191  -4.478  -6.557  1.00 79.49  ? 20  A   C N7    1 
ATOM   671  C  C5    . A   C 3 6  ? 11.890  -5.622  -5.814  1.00 77.37  ? 20  A   C C5    1 
ATOM   672  C  C6    . A   C 3 6  ? 11.509  -5.819  -4.472  1.00 76.54  ? 20  A   C C6    1 
ATOM   673  N  N6    . A   C 3 6  ? 11.371  -4.812  -3.583  1.00 72.27  ? 20  A   C N6    1 
ATOM   674  N  N1    . A   C 3 6  ? 11.266  -7.101  -4.064  1.00 75.03  ? 20  A   C N1    1 
ATOM   675  C  C2    . A   C 3 6  ? 11.391  -8.103  -4.952  1.00 78.33  ? 20  A   C C2    1 
ATOM   676  N  N3    . A   C 3 6  ? 11.748  -8.043  -6.228  1.00 79.05  ? 20  A   C N3    1 
ATOM   677  C  C4    . A   C 3 6  ? 11.996  -6.763  -6.595  1.00 79.05  ? 20  A   C C4    1 
ATOM   678  P  P     . G   C 3 7  ? 8.553   -6.776  -11.462 1.00 87.00  ? 21  G   C P     1 
ATOM   679  O  OP1   . G   C 3 7  ? 7.857   -7.476  -12.556 1.00 84.80  ? 21  G   C OP1   1 
ATOM   680  O  OP2   . G   C 3 7  ? 8.561   -5.307  -11.406 1.00 76.33  ? 21  G   C OP2   1 
ATOM   681  O  "O5'" . G   C 3 7  ? 7.985   -7.371  -10.108 1.00 85.22  ? 21  G   C "O5'" 1 
ATOM   682  C  "C5'" . G   C 3 7  ? 7.887   -8.775  -9.968  1.00 82.56  ? 21  G   C "C5'" 1 
ATOM   683  C  "C4'" . G   C 3 7  ? 7.470   -9.149  -8.573  1.00 80.07  ? 21  G   C "C4'" 1 
ATOM   684  O  "O4'" . G   C 3 7  ? 8.489   -8.687  -7.648  1.00 79.86  ? 21  G   C "O4'" 1 
ATOM   685  C  "C3'" . G   C 3 7  ? 6.186   -8.519  -8.056  1.00 79.40  ? 21  G   C "C3'" 1 
ATOM   686  O  "O3'" . G   C 3 7  ? 5.060   -9.293  -8.431  1.00 80.68  ? 21  G   C "O3'" 1 
ATOM   687  C  "C2'" . G   C 3 7  ? 6.391   -8.612  -6.555  1.00 79.14  ? 21  G   C "C2'" 1 
ATOM   688  O  "O2'" . G   C 3 7  ? 6.209   -9.940  -6.120  1.00 75.48  ? 21  G   C "O2'" 1 
ATOM   689  C  "C1'" . G   C 3 7  ? 7.877   -8.283  -6.435  1.00 77.04  ? 21  G   C "C1'" 1 
ATOM   690  N  N9    . G   C 3 7  ? 8.115   -6.859  -6.208  1.00 72.68  ? 21  G   C N9    1 
ATOM   691  C  C8    . G   C 3 7  ? 8.351   -5.866  -7.148  1.00 71.63  ? 21  G   C C8    1 
ATOM   692  N  N7    . G   C 3 7  ? 8.527   -4.676  -6.621  1.00 70.88  ? 21  G   C N7    1 
ATOM   693  C  C5    . G   C 3 7  ? 8.408   -4.892  -5.242  1.00 70.40  ? 21  G   C C5    1 
ATOM   694  C  C6    . G   C 3 7  ? 8.531   -3.973  -4.134  1.00 68.94  ? 21  G   C C6    1 
ATOM   695  O  O6    . G   C 3 7  ? 8.760   -2.745  -4.161  1.00 71.66  ? 21  G   C O6    1 
ATOM   696  N  N1    . G   C 3 7  ? 8.342   -4.624  -2.903  1.00 63.58  ? 21  G   C N1    1 
ATOM   697  C  C2    . G   C 3 7  ? 8.059   -5.974  -2.743  1.00 66.03  ? 21  G   C C2    1 
ATOM   698  N  N2    . G   C 3 7  ? 7.870   -6.414  -1.479  1.00 62.32  ? 21  G   C N2    1 
ATOM   699  N  N3    . G   C 3 7  ? 7.951   -6.835  -3.758  1.00 67.30  ? 21  G   C N3    1 
ATOM   700  C  C4    . G   C 3 7  ? 8.143   -6.227  -4.970  1.00 70.19  ? 21  G   C C4    1 
ATOM   701  P  P     . A   C 3 8  ? 3.859   -8.615  -9.250  1.00 82.83  ? 22  A   C P     1 
ATOM   702  O  OP1   . A   C 3 8  ? 4.178   -8.738  -10.692 1.00 83.47  ? 22  A   C OP1   1 
ATOM   703  O  OP2   . A   C 3 8  ? 3.510   -7.290  -8.678  1.00 78.50  ? 22  A   C OP2   1 
ATOM   704  O  "O5'" . A   C 3 8  ? 2.638   -9.575  -8.943  1.00 79.94  ? 22  A   C "O5'" 1 
ATOM   705  C  "C5'" . A   C 3 8  ? 1.885   -9.428  -7.752  1.00 78.04  ? 22  A   C "C5'" 1 
ATOM   706  C  "C4'" . A   C 3 8  ? 2.057   -10.640 -6.882  1.00 77.80  ? 22  A   C "C4'" 1 
ATOM   707  O  "O4'" . A   C 3 8  ? 3.304   -10.503 -6.147  1.00 75.86  ? 22  A   C "O4'" 1 
ATOM   708  C  "C3'" . A   C 3 8  ? 1.023   -10.765 -5.780  1.00 77.54  ? 22  A   C "C3'" 1 
ATOM   709  O  "O3'" . A   C 3 8  ? -0.133  -11.392 -6.272  1.00 77.55  ? 22  A   C "O3'" 1 
ATOM   710  C  "C2'" . A   C 3 8  ? 1.739   -11.632 -4.756  1.00 75.92  ? 22  A   C "C2'" 1 
ATOM   711  O  "O2'" . A   C 3 8  ? 1.718   -13.012 -5.069  1.00 74.66  ? 22  A   C "O2'" 1 
ATOM   712  C  "C1'" . A   C 3 8  ? 3.159   -11.073 -4.848  1.00 74.60  ? 22  A   C "C1'" 1 
ATOM   713  N  N9    . A   C 3 8  ? 3.386   -10.031 -3.841  1.00 73.16  ? 22  A   C N9    1 
ATOM   714  C  C8    . A   C 3 8  ? 3.566   -8.674  -4.018  1.00 71.89  ? 22  A   C C8    1 
ATOM   715  N  N7    . A   C 3 8  ? 3.685   -8.010  -2.894  1.00 70.80  ? 22  A   C N7    1 
ATOM   716  C  C5    . A   C 3 8  ? 3.591   -8.991  -1.910  1.00 71.05  ? 22  A   C C5    1 
ATOM   717  C  C6    . A   C 3 8  ? 3.631   -8.926  -0.498  1.00 72.54  ? 22  A   C C6    1 
ATOM   718  N  N6    . A   C 3 8  ? 3.761   -7.783  0.184   1.00 71.28  ? 22  A   C N6    1 
ATOM   719  N  N1    . A   C 3 8  ? 3.523   -10.088 0.197   1.00 73.07  ? 22  A   C N1    1 
ATOM   720  C  C2    . A   C 3 8  ? 3.377   -11.233 -0.491  1.00 71.28  ? 22  A   C C2    1 
ATOM   721  N  N3    . A   C 3 8  ? 3.315   -11.419 -1.821  1.00 71.63  ? 22  A   C N3    1 
ATOM   722  C  C4    . A   C 3 8  ? 3.427   -10.242 -2.478  1.00 70.78  ? 22  A   C C4    1 
ATOM   723  P  P     . A   C 3 9  ? -1.572  -10.862 -5.811  1.00 80.00  ? 23  A   C P     1 
ATOM   724  O  OP1   . A   C 3 9  ? -2.607  -11.603 -6.574  1.00 81.76  ? 23  A   C OP1   1 
ATOM   725  O  OP2   . A   C 3 9  ? -1.562  -9.379  -5.821  1.00 74.00  ? 23  A   C OP2   1 
ATOM   726  O  "O5'" . A   C 3 9  ? -1.676  -11.349 -4.308  1.00 79.66  ? 23  A   C "O5'" 1 
ATOM   727  C  "C5'" . A   C 3 9  ? -1.477  -12.712 -3.984  1.00 75.32  ? 23  A   C "C5'" 1 
ATOM   728  C  "C4'" . A   C 3 9  ? -1.263  -12.852 -2.511  1.00 75.69  ? 23  A   C "C4'" 1 
ATOM   729  O  "O4'" . A   C 3 9  ? -0.047  -12.139 -2.160  1.00 78.03  ? 23  A   C "O4'" 1 
ATOM   730  C  "C3'" . A   C 3 9  ? -2.333  -12.172 -1.670  1.00 74.20  ? 23  A   C "C3'" 1 
ATOM   731  O  "O3'" . A   C 3 9  ? -3.451  -13.028 -1.482  1.00 70.64  ? 23  A   C "O3'" 1 
ATOM   732  C  "C2'" . A   C 3 9  ? -1.593  -11.938 -0.363  1.00 73.01  ? 23  A   C "C2'" 1 
ATOM   733  O  "O2'" . A   C 3 9  ? -1.515  -13.116 0.407   1.00 70.71  ? 23  A   C "O2'" 1 
ATOM   734  C  "C1'" . A   C 3 9  ? -0.201  -11.568 -0.870  1.00 76.18  ? 23  A   C "C1'" 1 
ATOM   735  N  N9    . A   C 3 9  ? -0.025  -10.119 -0.970  1.00 73.25  ? 23  A   C N9    1 
ATOM   736  C  C8    . A   C 3 9  ? 0.058   -9.355  -2.103  1.00 73.23  ? 23  A   C C8    1 
ATOM   737  N  N7    . A   C 3 9  ? 0.186   -8.074  -1.858  1.00 72.55  ? 23  A   C N7    1 
ATOM   738  C  C5    . A   C 3 9  ? 0.180   -7.993  -0.469  1.00 70.72  ? 23  A   C C5    1 
ATOM   739  C  C6    . A   C 3 9  ? 0.241   -6.898  0.413   1.00 68.94  ? 23  A   C C6    1 
ATOM   740  N  N6    . A   C 3 9  ? 0.299   -5.621  0.017   1.00 65.10  ? 23  A   C N6    1 
ATOM   741  N  N1    . A   C 3 9  ? 0.225   -7.164  1.741   1.00 67.82  ? 23  A   C N1    1 
ATOM   742  C  C2    . A   C 3 9  ? 0.140   -8.445  2.143   1.00 67.65  ? 23  A   C C2    1 
ATOM   743  N  N3    . A   C 3 9  ? 0.054   -9.557  1.402   1.00 71.49  ? 23  A   C N3    1 
ATOM   744  C  C4    . A   C 3 9  ? 0.075   -9.256  0.087   1.00 69.93  ? 23  A   C C4    1 
ATOM   745  P  P     . A   C 3 10 ? -4.913  -12.404 -1.235  1.00 74.21  ? 24  A   C P     1 
ATOM   746  O  OP1   . A   C 3 10 ? -5.884  -13.528 -1.125  1.00 75.85  ? 24  A   C OP1   1 
ATOM   747  O  OP2   . A   C 3 10 ? -5.150  -11.331 -2.224  1.00 69.13  ? 24  A   C OP2   1 
ATOM   748  O  "O5'" . A   C 3 10 ? -4.803  -11.719 0.190   1.00 70.23  ? 24  A   C "O5'" 1 
ATOM   749  C  "C5'" . A   C 3 10 ? -4.648  -12.517 1.346   1.00 69.49  ? 24  A   C "C5'" 1 
ATOM   750  C  "C4'" . A   C 3 10 ? -4.526  -11.644 2.556   1.00 70.37  ? 24  A   C "C4'" 1 
ATOM   751  O  "O4'" . A   C 3 10 ? -3.311  -10.873 2.424   1.00 69.50  ? 24  A   C "O4'" 1 
ATOM   752  C  "C3'" . A   C 3 10 ? -5.609  -10.599 2.713   1.00 69.67  ? 24  A   C "C3'" 1 
ATOM   753  O  "O3'" . A   C 3 10 ? -6.712  -11.150 3.396   1.00 68.90  ? 24  A   C "O3'" 1 
ATOM   754  C  "C2'" . A   C 3 10 ? -4.908  -9.565  3.570   1.00 68.48  ? 24  A   C "C2'" 1 
ATOM   755  O  "O2'" . A   C 3 10 ? -4.854  -9.977  4.922   1.00 75.81  ? 24  A   C "O2'" 1 
ATOM   756  C  "C1'" . A   C 3 10 ? -3.504  -9.589  2.968   1.00 67.95  ? 24  A   C "C1'" 1 
ATOM   757  N  N9    . A   C 3 10 ? -3.342  -8.623  1.893   1.00 66.29  ? 24  A   C N9    1 
ATOM   758  C  C8    . A   C 3 10 ? -3.343  -8.844  0.528   1.00 66.50  ? 24  A   C C8    1 
ATOM   759  N  N7    . A   C 3 10 ? -3.203  -7.753  -0.189  1.00 61.68  ? 24  A   C N7    1 
ATOM   760  C  C5    . A   C 3 10 ? -3.095  -6.740  0.765   1.00 62.71  ? 24  A   C C5    1 
ATOM   761  C  C6    . A   C 3 10 ? -2.943  -5.329  0.660   1.00 62.80  ? 24  A   C C6    1 
ATOM   762  N  N6    . A   C 3 10 ? -2.887  -4.668  -0.506  1.00 57.16  ? 24  A   C N6    1 
ATOM   763  N  N1    . A   C 3 10 ? -2.859  -4.614  1.816   1.00 62.79  ? 24  A   C N1    1 
ATOM   764  C  C2    . A   C 3 10 ? -2.928  -5.271  2.985   1.00 62.11  ? 24  A   C C2    1 
ATOM   765  N  N3    . A   C 3 10 ? -3.081  -6.578  3.211   1.00 64.90  ? 24  A   C N3    1 
ATOM   766  C  C4    . A   C 3 10 ? -3.162  -7.262  2.046   1.00 64.35  ? 24  A   C C4    1 
ATOM   767  P  P     . C   C 3 11 ? -8.190  -10.666 3.020   1.00 71.92  ? 25  C   C P     1 
ATOM   768  O  OP1   . C   C 3 11 ? -9.143  -11.370 3.898   1.00 69.30  ? 25  C   C OP1   1 
ATOM   769  O  OP2   . C   C 3 11 ? -8.351  -10.754 1.551   1.00 69.27  ? 25  C   C OP2   1 
ATOM   770  O  "O5'" . C   C 3 11 ? -8.181  -9.136  3.440   1.00 66.62  ? 25  C   C "O5'" 1 
ATOM   771  C  "C5'" . C   C 3 11 ? -8.151  -8.776  4.809   1.00 65.61  ? 25  C   C "C5'" 1 
ATOM   772  C  "C4'" . C   C 3 11 ? -7.886  -7.303  4.952   1.00 67.28  ? 25  C   C "C4'" 1 
ATOM   773  O  "O4'" . C   C 3 11 ? -6.656  -7.009  4.246   1.00 68.90  ? 25  C   C "O4'" 1 
ATOM   774  C  "C3'" . C   C 3 11 ? -8.900  -6.379  4.297   1.00 67.30  ? 25  C   C "C3'" 1 
ATOM   775  O  "O3'" . C   C 3 11 ? -9.963  -6.095  5.193   1.00 71.95  ? 25  C   C "O3'" 1 
ATOM   776  C  "C2'" . C   C 3 11 ? -8.077  -5.123  4.078   1.00 64.65  ? 25  C   C "C2'" 1 
ATOM   777  O  "O2'" . C   C 3 11 ? -7.924  -4.363  5.251   1.00 65.15  ? 25  C   C "O2'" 1 
ATOM   778  C  "C1'" . C   C 3 11 ? -6.730  -5.715  3.696   1.00 66.24  ? 25  C   C "C1'" 1 
ATOM   779  N  N1    . C   C 3 11 ? -6.585  -5.795  2.237   1.00 63.44  ? 25  C   C N1    1 
ATOM   780  C  C2    . C   C 3 11 ? -6.346  -4.612  1.560   1.00 65.24  ? 25  C   C C2    1 
ATOM   781  O  O2    . C   C 3 11 ? -6.298  -3.557  2.206   1.00 62.76  ? 25  C   C O2    1 
ATOM   782  N  N3    . C   C 3 11 ? -6.183  -4.636  0.214   1.00 64.27  ? 25  C   C N3    1 
ATOM   783  C  C4    . C   C 3 11 ? -6.252  -5.793  -0.448  1.00 65.27  ? 25  C   C C4    1 
ATOM   784  N  N4    . C   C 3 11 ? -6.075  -5.764  -1.781  1.00 63.40  ? 25  C   C N4    1 
ATOM   785  C  C5    . C   C 3 11 ? -6.508  -7.026  0.222   1.00 64.83  ? 25  C   C C5    1 
ATOM   786  C  C6    . C   C 3 11 ? -6.667  -6.978  1.564   1.00 64.19  ? 25  C   C C6    1 
ATOM   787  P  P     . A   C 3 12 ? -11.413 -5.702  4.618   1.00 71.22  ? 26  A   C P     1 
ATOM   788  O  OP1   . A   C 3 12 ? -12.326 -5.690  5.779   1.00 66.36  ? 26  A   C OP1   1 
ATOM   789  O  OP2   . A   C 3 12 ? -11.736 -6.530  3.431   1.00 68.73  ? 26  A   C OP2   1 
ATOM   790  O  "O5'" . A   C 3 12 ? -11.247 -4.210  4.095   1.00 65.12  ? 26  A   C "O5'" 1 
ATOM   791  C  "C5'" . A   C 3 12 ? -11.120 -3.125  4.991   1.00 65.51  ? 26  A   C "C5'" 1 
ATOM   792  C  "C4'" . A   C 3 12 ? -10.774 -1.884  4.215   1.00 69.74  ? 26  A   C "C4'" 1 
ATOM   793  O  "O4'" . A   C 3 12 ? -9.563  -2.156  3.478   1.00 70.63  ? 26  A   C "O4'" 1 
ATOM   794  C  "C3'" . A   C 3 12 ? -11.745 -1.469  3.124   1.00 70.31  ? 26  A   C "C3'" 1 
ATOM   795  O  "O3'" . A   C 3 12 ? -12.811 -0.731  3.644   1.00 77.59  ? 26  A   C "O3'" 1 
ATOM   796  C  "C2'" . A   C 3 12 ? -10.872 -0.649  2.188   1.00 68.49  ? 26  A   C "C2'" 1 
ATOM   797  O  "O2'" . A   C 3 12 ? -10.589 0.679   2.574   1.00 68.45  ? 26  A   C "O2'" 1 
ATOM   798  C  "C1'" . A   C 3 12 ? -9.598  -1.468  2.239   1.00 67.99  ? 26  A   C "C1'" 1 
ATOM   799  N  N9    . A   C 3 12 ? -9.614  -2.449  1.174   1.00 66.84  ? 26  A   C N9    1 
ATOM   800  C  C8    . A   C 3 12 ? -9.823  -3.802  1.256   1.00 65.73  ? 26  A   C C8    1 
ATOM   801  N  N7    . A   C 3 12 ? -9.705  -4.421  0.106   1.00 64.48  ? 26  A   C N7    1 
ATOM   802  C  C5    . A   C 3 12 ? -9.412  -3.399  -0.793  1.00 64.61  ? 26  A   C C5    1 
ATOM   803  C  C6    . A   C 3 12 ? -9.170  -3.398  -2.178  1.00 64.12  ? 26  A   C C6    1 
ATOM   804  N  N6    . A   C 3 12 ? -9.138  -4.512  -2.921  1.00 59.96  ? 26  A   C N6    1 
ATOM   805  N  N1    . A   C 3 12 ? -8.954  -2.201  -2.782  1.00 63.80  ? 26  A   C N1    1 
ATOM   806  C  C2    . A   C 3 12 ? -8.976  -1.087  -2.027  1.00 63.57  ? 26  A   C C2    1 
ATOM   807  N  N3    . A   C 3 12 ? -9.175  -0.966  -0.710  1.00 65.77  ? 26  A   C N3    1 
ATOM   808  C  C4    . A   C 3 12 ? -9.387  -2.175  -0.152  1.00 65.20  ? 26  A   C C4    1 
ATOM   809  P  P     . C   C 3 13 ? -14.282 -0.984  3.068   1.00 75.08  ? 27  C   C P     1 
ATOM   810  O  OP1   . C   C 3 13 ? -15.171 -0.187  3.921   1.00 73.49  ? 27  C   C OP1   1 
ATOM   811  O  OP2   . C   C 3 13 ? -14.487 -2.448  2.914   1.00 70.14  ? 27  C   C OP2   1 
ATOM   812  O  "O5'" . C   C 3 13 ? -14.243 -0.324  1.622   1.00 67.96  ? 27  C   C "O5'" 1 
ATOM   813  C  "C5'" . C   C 3 13 ? -14.002 1.063   1.490   1.00 68.62  ? 27  C   C "C5'" 1 
ATOM   814  C  "C4'" . C   C 3 13 ? -13.662 1.425   0.066   1.00 68.39  ? 27  C   C "C4'" 1 
ATOM   815  O  "O4'" . C   C 3 13 ? -12.486 0.687   -0.362  1.00 69.75  ? 27  C   C "O4'" 1 
ATOM   816  C  "C3'" . C   C 3 13 ? -14.701 1.089   -0.985  1.00 68.90  ? 27  C   C "C3'" 1 
ATOM   817  O  "O3'" . C   C 3 13 ? -15.707 2.079   -1.030  1.00 76.59  ? 27  C   C "O3'" 1 
ATOM   818  C  "C2'" . C   C 3 13 ? -13.870 1.050   -2.257  1.00 67.69  ? 27  C   C "C2'" 1 
ATOM   819  O  "O2'" . C   C 3 13 ? -13.553 2.336   -2.752  1.00 65.93  ? 27  C   C "O2'" 1 
ATOM   820  C  "C1'" . C   C 3 13 ? -12.587 0.406   -1.748  1.00 66.34  ? 27  C   C "C1'" 1 
ATOM   821  N  N1    . C   C 3 13 ? -12.565 -1.039  -1.979  1.00 64.10  ? 27  C   C N1    1 
ATOM   822  C  C2    . C   C 3 13 ? -12.142 -1.512  -3.253  1.00 64.01  ? 27  C   C C2    1 
ATOM   823  O  O2    . C   C 3 13 ? -11.802 -0.682  -4.136  1.00 63.34  ? 27  C   C O2    1 
ATOM   824  N  N3    . C   C 3 13 ? -12.109 -2.847  -3.486  1.00 63.58  ? 27  C   C N3    1 
ATOM   825  C  C4    . C   C 3 13 ? -12.457 -3.701  -2.516  1.00 64.02  ? 27  C   C C4    1 
ATOM   826  N  N4    . C   C 3 13 ? -12.395 -5.009  -2.789  1.00 61.40  ? 27  C   C N4    1 
ATOM   827  C  C5    . C   C 3 13 ? -12.885 -3.255  -1.221  1.00 61.83  ? 27  C   C C5    1 
ATOM   828  C  C6    . C   C 3 13 ? -12.931 -1.929  -1.003  1.00 65.17  ? 27  C   C C6    1 
ATOM   829  P  P     . A   C 3 14 ? -17.201 1.659   -1.420  1.00 76.86  ? 28  A   C P     1 
ATOM   830  O  OP1   . A   C 3 14 ? -18.017 2.858   -1.221  1.00 74.77  ? 28  A   C OP1   1 
ATOM   831  O  OP2   . A   C 3 14 ? -17.580 0.409   -0.734  1.00 69.93  ? 28  A   C OP2   1 
ATOM   832  O  "O5'" . A   C 3 14 ? -17.082 1.420   -2.985  1.00 68.06  ? 28  A   C "O5'" 1 
ATOM   833  C  "C5'" . A   C 3 14 ? -16.739 2.509   -3.828  1.00 67.58  ? 28  A   C "C5'" 1 
ATOM   834  C  "C4'" . A   C 3 14 ? -16.542 2.052   -5.252  1.00 70.89  ? 28  A   C "C4'" 1 
ATOM   835  O  "O4'" . A   C 3 14 ? -15.355 1.226   -5.342  1.00 71.54  ? 28  A   C "O4'" 1 
ATOM   836  C  "C3'" . A   C 3 14 ? -17.636 1.196   -5.861  1.00 73.00  ? 28  A   C "C3'" 1 
ATOM   837  O  "O3'" . A   C 3 14 ? -18.722 1.978   -6.323  1.00 75.95  ? 28  A   C "O3'" 1 
ATOM   838  C  "C2'" . A   C 3 14 ? -16.885 0.518   -6.997  1.00 72.49  ? 28  A   C "C2'" 1 
ATOM   839  O  "O2'" . A   C 3 14 ? -16.676 1.405   -8.084  1.00 67.76  ? 28  A   C "O2'" 1 
ATOM   840  C  "C1'" . A   C 3 14 ? -15.547 0.226   -6.323  1.00 72.12  ? 28  A   C "C1'" 1 
ATOM   841  N  N9    . A   C 3 14 ? -15.515 -1.072  -5.653  1.00 69.09  ? 28  A   C N9    1 
ATOM   842  C  C8    . A   C 3 14 ? -15.774 -1.342  -4.334  1.00 68.72  ? 28  A   C C8    1 
ATOM   843  N  N7    . A   C 3 14 ? -15.622 -2.605  -4.016  1.00 67.57  ? 28  A   C N7    1 
ATOM   844  C  C5    . A   C 3 14 ? -15.252 -3.208  -5.210  1.00 66.60  ? 28  A   C C5    1 
ATOM   845  C  C6    . A   C 3 14 ? -14.955 -4.545  -5.539  1.00 66.76  ? 28  A   C C6    1 
ATOM   846  N  N6    . A   C 3 14 ? -14.946 -5.548  -4.661  1.00 63.96  ? 28  A   C N6    1 
ATOM   847  N  N1    . A   C 3 14 ? -14.656 -4.819  -6.822  1.00 68.17  ? 28  A   C N1    1 
ATOM   848  C  C2    . A   C 3 14 ? -14.640 -3.812  -7.705  1.00 65.57  ? 28  A   C C2    1 
ATOM   849  N  N3    . A   C 3 14 ? -14.885 -2.517  -7.513  1.00 68.76  ? 28  A   C N3    1 
ATOM   850  C  C4    . A   C 3 14 ? -15.193 -2.276  -6.225  1.00 67.34  ? 28  A   C C4    1 
ATOM   851  P  P     . C   C 3 15 ? -20.207 1.379   -6.248  1.00 78.72  ? 29  C   C P     1 
ATOM   852  O  OP1   . C   C 3 15 ? -21.094 2.465   -6.742  1.00 79.32  ? 29  C   C OP1   1 
ATOM   853  O  OP2   . C   C 3 15 ? -20.416 0.797   -4.897  1.00 69.90  ? 29  C   C OP2   1 
ATOM   854  O  "O5'" . C   C 3 15 ? -20.204 0.233   -7.354  1.00 73.00  ? 29  C   C "O5'" 1 
ATOM   855  C  "C5'" . C   C 3 15 ? -20.088 0.604   -8.724  1.00 70.19  ? 29  C   C "C5'" 1 
ATOM   856  C  "C4'" . C   C 3 15 ? -19.737 -0.575  -9.611  1.00 72.21  ? 29  C   C "C4'" 1 
ATOM   857  O  "O4'" . C   C 3 15 ? -18.449 -1.113  -9.211  1.00 75.64  ? 29  C   C "O4'" 1 
ATOM   858  C  "C3'" . C   C 3 15 ? -20.662 -1.784  -9.585  1.00 71.76  ? 29  C   C "C3'" 1 
ATOM   859  O  "O3'" . C   C 3 15 ? -21.770 -1.596  -10.435 1.00 70.37  ? 29  C   C "O3'" 1 
ATOM   860  C  "C2'" . C   C 3 15 ? -19.746 -2.879  -10.109 1.00 71.95  ? 29  C   C "C2'" 1 
ATOM   861  O  "O2'" . C   C 3 15 ? -19.567 -2.819  -11.507 1.00 69.71  ? 29  C   C "O2'" 1 
ATOM   862  C  "C1'" . C   C 3 15 ? -18.437 -2.514  -9.419  1.00 71.74  ? 29  C   C "C1'" 1 
ATOM   863  N  N1    . C   C 3 15 ? -18.410 -3.194  -8.126  1.00 67.01  ? 29  C   C N1    1 
ATOM   864  C  C2    . C   C 3 15 ? -17.973 -4.511  -8.100  1.00 65.91  ? 29  C   C C2    1 
ATOM   865  O  O2    . C   C 3 15 ? -17.560 -5.041  -9.163  1.00 62.97  ? 29  C   C O2    1 
ATOM   866  N  N3    . C   C 3 15 ? -17.997 -5.189  -6.930  1.00 63.46  ? 29  C   C N3    1 
ATOM   867  C  C4    . C   C 3 15 ? -18.434 -4.596  -5.816  1.00 65.58  ? 29  C   C C4    1 
ATOM   868  N  N4    . C   C 3 15 ? -18.450 -5.317  -4.681  1.00 64.61  ? 29  C   C N4    1 
ATOM   869  C  C5    . C   C 3 15 ? -18.869 -3.245  -5.809  1.00 64.39  ? 29  C   C C5    1 
ATOM   870  C  C6    . C   C 3 15 ? -18.835 -2.583  -6.975  1.00 64.48  ? 29  C   C C6    1 
ATOM   871  P  P     . G   C 3 16 ? -23.153 -2.355  -10.129 1.00 76.73  ? 30  G   C P     1 
ATOM   872  O  OP1   . G   C 3 16 ? -24.068 -1.865  -11.193 1.00 78.55  ? 30  G   C OP1   1 
ATOM   873  O  OP2   . G   C 3 16 ? -23.535 -2.224  -8.706  1.00 63.73  ? 30  G   C OP2   1 
ATOM   874  O  "O5'" . G   C 3 16 ? -22.844 -3.878  -10.455 1.00 68.57  ? 30  G   C "O5'" 1 
ATOM   875  C  "C5'" . G   C 3 16 ? -22.516 -4.229  -11.787 1.00 70.03  ? 30  G   C "C5'" 1 
ATOM   876  C  "C4'" . G   C 3 16 ? -22.199 -5.697  -11.913 1.00 76.99  ? 30  G   C "C4'" 1 
ATOM   877  O  "O4'" . G   C 3 16 ? -20.930 -5.957  -11.267 1.00 78.37  ? 30  G   C "O4'" 1 
ATOM   878  C  "C3'" . G   C 3 16 ? -23.156 -6.703  -11.286 1.00 78.21  ? 30  G   C "C3'" 1 
ATOM   879  O  "O3'" . G   C 3 16 ? -24.242 -6.984  -12.146 1.00 74.60  ? 30  G   C "O3'" 1 
ATOM   880  C  "C2'" . G   C 3 16 ? -22.245 -7.911  -11.153 1.00 76.53  ? 30  G   C "C2'" 1 
ATOM   881  O  "O2'" . G   C 3 16 ? -21.974 -8.498  -12.423 1.00 69.86  ? 30  G   C "O2'" 1 
ATOM   882  C  "C1'" . G   C 3 16 ? -20.959 -7.242  -10.676 1.00 76.51  ? 30  G   C "C1'" 1 
ATOM   883  N  N9    . G   C 3 16 ? -20.954 -7.103  -9.223  1.00 77.36  ? 30  G   C N9    1 
ATOM   884  C  C8    . G   C 3 16 ? -21.218 -5.969  -8.479  1.00 74.25  ? 30  G   C C8    1 
ATOM   885  N  N7    . G   C 3 16 ? -21.165 -6.177  -7.185  1.00 72.01  ? 30  G   C N7    1 
ATOM   886  C  C5    . G   C 3 16 ? -20.830 -7.524  -7.070  1.00 71.80  ? 30  G   C C5    1 
ATOM   887  C  C6    . G   C 3 16 ? -20.622 -8.337  -5.921  1.00 71.70  ? 30  G   C C6    1 
ATOM   888  O  O6    . G   C 3 16 ? -20.679 -8.018  -4.732  1.00 69.57  ? 30  G   C O6    1 
ATOM   889  N  N1    . G   C 3 16 ? -20.324 -9.656  -6.267  1.00 70.74  ? 30  G   C N1    1 
ATOM   890  C  C2    . G   C 3 16 ? -20.228 -10.143 -7.553  1.00 75.25  ? 30  G   C C2    1 
ATOM   891  N  N2    . G   C 3 16 ? -19.956 -11.450 -7.705  1.00 74.28  ? 30  G   C N2    1 
ATOM   892  N  N3    . G   C 3 16 ? -20.396 -9.398  -8.629  1.00 72.61  ? 30  G   C N3    1 
ATOM   893  C  C4    . G   C 3 16 ? -20.696 -8.113  -8.314  1.00 73.88  ? 30  G   C C4    1 
ATOM   894  P  P     . A   C 3 17 ? -25.692 -7.303  -11.536 1.00 80.89  ? 31  A   C P     1 
ATOM   895  O  OP1   . A   C 3 17 ? -26.524 -7.384  -12.766 1.00 80.01  ? 31  A   C OP1   1 
ATOM   896  O  OP2   . A   C 3 17 ? -26.067 -6.355  -10.467 1.00 70.31  ? 31  A   C OP2   1 
ATOM   897  O  "O5'" . A   C 3 17 ? -25.540 -8.726  -10.816 1.00 76.59  ? 31  A   C "O5'" 1 
ATOM   898  C  "C5'" . A   C 3 17 ? -25.086 -9.876  -11.523 1.00 75.86  ? 31  A   C "C5'" 1 
ATOM   899  C  "C4'" . A   C 3 17 ? -24.793 -11.018 -10.567 1.00 78.63  ? 31  A   C "C4'" 1 
ATOM   900  O  "O4'" . A   C 3 17 ? -23.659 -10.666 -9.723  1.00 78.39  ? 31  A   C "O4'" 1 
ATOM   901  C  "C3'" . A   C 3 17 ? -25.884 -11.370 -9.561  1.00 77.37  ? 31  A   C "C3'" 1 
ATOM   902  O  "O3'" . A   C 3 17 ? -26.989 -12.117 -10.068 1.00 81.58  ? 31  A   C "O3'" 1 
ATOM   903  C  "C2'" . A   C 3 17 ? -25.103 -12.086 -8.471  1.00 76.78  ? 31  A   C "C2'" 1 
ATOM   904  O  "O2'" . A   C 3 17 ? -24.808 -13.424 -8.823  1.00 78.48  ? 31  A   C "O2'" 1 
ATOM   905  C  "C1'" . A   C 3 17 ? -23.813 -11.273 -8.448  1.00 76.64  ? 31  A   C "C1'" 1 
ATOM   906  N  N9    . A   C 3 17 ? -23.807 -10.267 -7.384  1.00 74.84  ? 31  A   C N9    1 
ATOM   907  C  C8    . A   C 3 17 ? -24.130 -8.924  -7.410  1.00 76.40  ? 31  A   C C8    1 
ATOM   908  N  N7    . A   C 3 17 ? -24.047 -8.336  -6.235  1.00 74.23  ? 31  A   C N7    1 
ATOM   909  C  C5    . A   C 3 17 ? -23.629 -9.358  -5.382  1.00 74.98  ? 31  A   C C5    1 
ATOM   910  C  C6    . A   C 3 17 ? -23.362 -9.398  -3.999  1.00 73.03  ? 31  A   C C6    1 
ATOM   911  N  N6    . A   C 3 17 ? -23.512 -8.340  -3.192  1.00 70.72  ? 31  A   C N6    1 
ATOM   912  N  N1    . A   C 3 17 ? -22.955 -10.577 -3.465  1.00 71.69  ? 31  A   C N1    1 
ATOM   913  C  C2    . A   C 3 17 ? -22.850 -11.641 -4.263  1.00 72.30  ? 31  A   C C2    1 
ATOM   914  N  N3    . A   C 3 17 ? -23.086 -11.735 -5.565  1.00 72.94  ? 31  A   C N3    1 
ATOM   915  C  C4    . A   C 3 17 ? -23.471 -10.547 -6.073  1.00 74.66  ? 31  A   C C4    1 
ATOM   916  O  "O5'" . U   D 4 1  ? -19.238 -12.045 4.070   1.00 77.36  ? 31  U   D "O5'" 1 
ATOM   917  C  "C5'" . U   D 4 1  ? -19.222 -13.454 4.330   1.00 78.30  ? 31  U   D "C5'" 1 
ATOM   918  C  "C4'" . U   D 4 1  ? -19.637 -14.308 3.149   1.00 77.99  ? 31  U   D "C4'" 1 
ATOM   919  O  "O4'" . U   D 4 1  ? -21.015 -13.988 2.807   1.00 82.18  ? 31  U   D "O4'" 1 
ATOM   920  C  "C3'" . U   D 4 1  ? -18.856 -14.122 1.851   1.00 73.08  ? 31  U   D "C3'" 1 
ATOM   921  O  "O3'" . U   D 4 1  ? -17.712 -14.979 1.839   1.00 69.06  ? 31  U   D "O3'" 1 
ATOM   922  C  "C2'" . U   D 4 1  ? -19.870 -14.581 0.808   1.00 74.03  ? 31  U   D "C2'" 1 
ATOM   923  O  "O2'" . U   D 4 1  ? -19.906 -15.986 0.711   1.00 78.94  ? 31  U   D "O2'" 1 
ATOM   924  C  "C1'" . U   D 4 1  ? -21.187 -14.059 1.395   1.00 78.68  ? 31  U   D "C1'" 1 
ATOM   925  N  N1    . U   D 4 1  ? -21.539 -12.720 0.886   1.00 78.37  ? 31  U   D N1    1 
ATOM   926  C  C2    . U   D 4 1  ? -21.906 -12.598 -0.446  1.00 75.61  ? 31  U   D C2    1 
ATOM   927  O  O2    . U   D 4 1  ? -22.059 -13.568 -1.194  1.00 70.71  ? 31  U   D O2    1 
ATOM   928  N  N3    . U   D 4 1  ? -22.112 -11.301 -0.868  1.00 74.94  ? 31  U   D N3    1 
ATOM   929  C  C4    . U   D 4 1  ? -22.026 -10.146 -0.111  1.00 77.22  ? 31  U   D C4    1 
ATOM   930  O  O4    . U   D 4 1  ? -22.112 -9.048  -0.663  1.00 72.53  ? 31  U   D O4    1 
ATOM   931  C  C5    . U   D 4 1  ? -21.713 -10.363 1.258   1.00 77.11  ? 31  U   D C5    1 
ATOM   932  C  C6    . U   D 4 1  ? -21.477 -11.606 1.698   1.00 76.75  ? 31  U   D C6    1 
ATOM   933  P  P     . C   D 4 2  ? -16.321 -14.469 1.204   1.00 74.42  ? 32  C   D P     1 
ATOM   934  O  OP1   . C   D 4 2  ? -15.262 -15.362 1.713   1.00 75.69  ? 32  C   D OP1   1 
ATOM   935  O  OP2   . C   D 4 2  ? -16.168 -13.013 1.388   1.00 63.13  ? 32  C   D OP2   1 
ATOM   936  O  "O5'" . C   D 4 2  ? -16.480 -14.796 -0.341  1.00 63.42  ? 32  C   D "O5'" 1 
ATOM   937  C  "C5'" . C   D 4 2  ? -16.675 -16.140 -0.755  1.00 65.19  ? 32  C   D "C5'" 1 
ATOM   938  C  "C4'" . C   D 4 2  ? -17.274 -16.183 -2.128  1.00 71.83  ? 32  C   D "C4'" 1 
ATOM   939  O  "O4'" . C   D 4 2  ? -18.574 -15.536 -2.067  1.00 71.77  ? 32  C   D "O4'" 1 
ATOM   940  C  "C3'" . C   D 4 2  ? -16.524 -15.391 -3.184  1.00 69.75  ? 32  C   D "C3'" 1 
ATOM   941  O  "O3'" . C   D 4 2  ? -15.491 -16.160 -3.759  1.00 67.73  ? 32  C   D "O3'" 1 
ATOM   942  C  "C2'" . C   D 4 2  ? -17.623 -15.120 -4.198  1.00 68.85  ? 32  C   D "C2'" 1 
ATOM   943  O  "O2'" . C   D 4 2  ? -17.881 -16.265 -4.987  1.00 65.03  ? 32  C   D "O2'" 1 
ATOM   944  C  "C1'" . C   D 4 2  ? -18.812 -14.838 -3.278  1.00 70.11  ? 32  C   D "C1'" 1 
ATOM   945  N  N1    . C   D 4 2  ? -18.954 -13.399 -2.982  1.00 71.84  ? 32  C   D N1    1 
ATOM   946  C  C2    . C   D 4 2  ? -19.335 -12.539 -4.003  1.00 70.82  ? 32  C   D C2    1 
ATOM   947  O  O2    . C   D 4 2  ? -19.488 -12.990 -5.147  1.00 66.29  ? 32  C   D O2    1 
ATOM   948  N  N3    . C   D 4 2  ? -19.510 -11.224 -3.727  1.00 68.20  ? 32  C   D N3    1 
ATOM   949  C  C4    . C   D 4 2  ? -19.323 -10.767 -2.491  1.00 71.66  ? 32  C   D C4    1 
ATOM   950  N  N4    . C   D 4 2  ? -19.543 -9.470  -2.265  1.00 69.24  ? 32  C   D N4    1 
ATOM   951  C  C5    . C   D 4 2  ? -18.905 -11.613 -1.437  1.00 73.87  ? 32  C   D C5    1 
ATOM   952  C  C6    . C   D 4 2  ? -18.736 -12.915 -1.724  1.00 71.90  ? 32  C   D C6    1 
ATOM   953  P  P     . G   D 4 3  ? -14.161 -15.433 -4.259  1.00 72.51  ? 33  G   D P     1 
ATOM   954  O  OP1   . G   D 4 3  ? -13.103 -16.445 -4.383  1.00 68.68  ? 33  G   D OP1   1 
ATOM   955  O  OP2   . G   D 4 3  ? -13.948 -14.282 -3.368  1.00 68.07  ? 33  G   D OP2   1 
ATOM   956  O  "O5'" . G   D 4 3  ? -14.535 -14.881 -5.702  1.00 74.41  ? 33  G   D "O5'" 1 
ATOM   957  C  "C5'" . G   D 4 3  ? -14.915 -15.752 -6.766  1.00 73.09  ? 33  G   D "C5'" 1 
ATOM   958  C  "C4'" . G   D 4 3  ? -15.340 -14.915 -7.943  1.00 72.84  ? 33  G   D "C4'" 1 
ATOM   959  O  "O4'" . G   D 4 3  ? -16.472 -14.102 -7.539  1.00 69.92  ? 33  G   D "O4'" 1 
ATOM   960  C  "C3'" . G   D 4 3  ? -14.301 -13.908 -8.401  1.00 73.01  ? 33  G   D "C3'" 1 
ATOM   961  O  "O3'" . G   D 4 3  ? -13.444 -14.522 -9.352  1.00 71.54  ? 33  G   D "O3'" 1 
ATOM   962  C  "C2'" . G   D 4 3  ? -15.157 -12.820 -9.045  1.00 67.61  ? 33  G   D "C2'" 1 
ATOM   963  O  "O2'" . G   D 4 3  ? -15.561 -13.099 -10.371 1.00 72.12  ? 33  G   D "O2'" 1 
ATOM   964  C  "C1'" . G   D 4 3  ? -16.384 -12.827 -8.136  1.00 67.72  ? 33  G   D "C1'" 1 
ATOM   965  N  N9    . G   D 4 3  ? -16.422 -11.849 -7.070  1.00 71.03  ? 33  G   D N9    1 
ATOM   966  C  C8    . G   D 4 3  ? -16.253 -12.079 -5.721  1.00 71.08  ? 33  G   D C8    1 
ATOM   967  N  N7    . G   D 4 3  ? -16.445 -11.019 -4.980  1.00 69.92  ? 33  G   D N7    1 
ATOM   968  C  C5    . G   D 4 3  ? -16.741 -10.018 -5.897  1.00 68.88  ? 33  G   D C5    1 
ATOM   969  C  C6    . G   D 4 3  ? -17.042 -8.645  -5.692  1.00 71.19  ? 33  G   D C6    1 
ATOM   970  O  O6    . G   D 4 3  ? -17.127 -8.022  -4.628  1.00 69.08  ? 33  G   D O6    1 
ATOM   971  N  N1    . G   D 4 3  ? -17.262 -7.987  -6.906  1.00 70.13  ? 33  G   D N1    1 
ATOM   972  C  C2    . G   D 4 3  ? -17.201 -8.575  -8.156  1.00 69.19  ? 33  G   D C2    1 
ATOM   973  N  N2    . G   D 4 3  ? -17.465 -7.795  -9.223  1.00 70.93  ? 33  G   D N2    1 
ATOM   974  N  N3    . G   D 4 3  ? -16.907 -9.848  -8.356  1.00 68.47  ? 33  G   D N3    1 
ATOM   975  C  C4    . G   D 4 3  ? -16.699 -10.504 -7.186  1.00 70.00  ? 33  G   D C4    1 
ATOM   976  P  P     . U   D 4 4  ? -12.008 -13.880 -9.648  1.00 75.95  ? 34  U   D P     1 
ATOM   977  O  OP1   . U   D 4 4  ? -11.328 -14.712 -10.672 1.00 72.07  ? 34  U   D OP1   1 
ATOM   978  O  OP2   . U   D 4 4  ? -11.361 -13.642 -8.342  1.00 73.97  ? 34  U   D OP2   1 
ATOM   979  O  "O5'" . U   D 4 4  ? -12.353 -12.455 -10.265 1.00 76.67  ? 34  U   D "O5'" 1 
ATOM   980  C  "C5'" . U   D 4 4  ? -12.741 -12.356 -11.617 1.00 78.60  ? 34  U   D "C5'" 1 
ATOM   981  C  "C4'" . U   D 4 4  ? -13.068 -10.933 -11.982 1.00 78.21  ? 34  U   D "C4'" 1 
ATOM   982  O  "O4'" . U   D 4 4  ? -14.153 -10.455 -11.148 1.00 76.78  ? 34  U   D "O4'" 1 
ATOM   983  C  "C3'" . U   D 4 4  ? -11.966 -9.917  -11.746 1.00 78.40  ? 34  U   D "C3'" 1 
ATOM   984  O  "O3'" . U   D 4 4  ? -11.079 -9.882  -12.839 1.00 82.36  ? 34  U   D "O3'" 1 
ATOM   985  C  "C2'" . U   D 4 4  ? -12.750 -8.624  -11.673 1.00 79.14  ? 34  U   D "C2'" 1 
ATOM   986  O  "O2'" . U   D 4 4  ? -13.178 -8.253  -12.957 1.00 79.51  ? 34  U   D "O2'" 1 
ATOM   987  C  "C1'" . U   D 4 4  ? -13.985 -9.073  -10.918 1.00 77.76  ? 34  U   D "C1'" 1 
ATOM   988  N  N1    . U   D 4 4  ? -13.842 -8.828  -9.483  1.00 78.21  ? 34  U   D N1    1 
ATOM   989  C  C2    . U   D 4 4  ? -14.122 -7.556  -9.063  1.00 75.92  ? 34  U   D C2    1 
ATOM   990  O  O2    . U   D 4 4  ? -14.433 -6.657  -9.850  1.00 75.93  ? 34  U   D O2    1 
ATOM   991  N  N3    . U   D 4 4  ? -14.033 -7.365  -7.704  1.00 75.63  ? 34  U   D N3    1 
ATOM   992  C  C4    . U   D 4 4  ? -13.686 -8.300  -6.754  1.00 75.97  ? 34  U   D C4    1 
ATOM   993  O  O4    . U   D 4 4  ? -13.825 -8.026  -5.550  1.00 75.33  ? 34  U   D O4    1 
ATOM   994  C  C5    . U   D 4 4  ? -13.367 -9.591  -7.293  1.00 75.47  ? 34  U   D C5    1 
ATOM   995  C  C6    . U   D 4 4  ? -13.458 -9.805  -8.610  1.00 79.17  ? 34  U   D C6    1 
ATOM   996  P  P     . G   D 4 5  ? -9.609  -9.271  -12.648 1.00 83.89  ? 35  G   D P     1 
ATOM   997  O  OP1   . G   D 4 5  ? -8.874  -9.494  -13.925 1.00 80.92  ? 35  G   D OP1   1 
ATOM   998  O  OP2   . G   D 4 5  ? -9.083  -9.835  -11.384 1.00 81.10  ? 35  G   D OP2   1 
ATOM   999  O  "O5'" . G   D 4 5  ? -9.843  -7.704  -12.466 1.00 80.30  ? 35  G   D "O5'" 1 
ATOM   1000 C  "C5'" . G   D 4 5  ? -10.358 -6.928  -13.536 1.00 73.78  ? 35  G   D "C5'" 1 
ATOM   1001 C  "C4'" . G   D 4 5  ? -10.631 -5.513  -13.083 1.00 71.42  ? 35  G   D "C4'" 1 
ATOM   1002 O  "O4'" . G   D 4 5  ? -11.550 -5.542  -11.960 1.00 70.88  ? 35  G   D "O4'" 1 
ATOM   1003 C  "C3'" . G   D 4 5  ? -9.431  -4.733  -12.557 1.00 73.11  ? 35  G   D "C3'" 1 
ATOM   1004 O  "O3'" . G   D 4 5  ? -8.706  -4.152  -13.646 1.00 76.61  ? 35  G   D "O3'" 1 
ATOM   1005 C  "C2'" . G   D 4 5  ? -10.097 -3.681  -11.667 1.00 72.91  ? 35  G   D "C2'" 1 
ATOM   1006 O  "O2'" . G   D 4 5  ? -10.652 -2.574  -12.369 1.00 67.65  ? 35  G   D "O2'" 1 
ATOM   1007 C  "C1'" . G   D 4 5  ? -11.250 -4.484  -11.074 1.00 72.40  ? 35  G   D "C1'" 1 
ATOM   1008 N  N9    . G   D 4 5  ? -11.057 -5.053  -9.746  1.00 73.04  ? 35  G   D N9    1 
ATOM   1009 C  C8    . G   D 4 5  ? -10.725 -6.353  -9.454  1.00 71.70  ? 35  G   D C8    1 
ATOM   1010 N  N7    . G   D 4 5  ? -10.722 -6.601  -8.176  1.00 71.04  ? 35  G   D N7    1 
ATOM   1011 C  C5    . G   D 4 5  ? -11.065 -5.386  -7.587  1.00 70.18  ? 35  G   D C5    1 
ATOM   1012 C  C6    . G   D 4 5  ? -11.259 -5.046  -6.234  1.00 68.64  ? 35  G   D C6    1 
ATOM   1013 O  O6    . G   D 4 5  ? -11.216 -5.795  -5.234  1.00 67.95  ? 35  G   D O6    1 
ATOM   1014 N  N1    . G   D 4 5  ? -11.556 -3.688  -6.084  1.00 67.64  ? 35  G   D N1    1 
ATOM   1015 C  C2    . G   D 4 5  ? -11.671 -2.776  -7.116  1.00 70.78  ? 35  G   D C2    1 
ATOM   1016 N  N2    . G   D 4 5  ? -11.926 -1.504  -6.772  1.00 70.13  ? 35  G   D N2    1 
ATOM   1017 N  N3    . G   D 4 5  ? -11.536 -3.095  -8.388  1.00 70.75  ? 35  G   D N3    1 
ATOM   1018 C  C4    . G   D 4 5  ? -11.233 -4.409  -8.555  1.00 71.69  ? 35  G   D C4    1 
ATOM   1019 P  P     . G   D 4 6  ? -7.123  -3.874  -13.517 1.00 77.29  ? 36  G   D P     1 
ATOM   1020 O  OP1   . G   D 4 6  ? -6.558  -3.790  -14.889 1.00 76.75  ? 36  G   D OP1   1 
ATOM   1021 O  OP2   . G   D 4 6  ? -6.581  -4.875  -12.566 1.00 76.70  ? 36  G   D OP2   1 
ATOM   1022 O  "O5'" . G   D 4 6  ? -7.051  -2.423  -12.863 1.00 75.88  ? 36  G   D "O5'" 1 
ATOM   1023 C  "C5'" . G   D 4 6  ? -7.861  -1.360  -13.359 1.00 71.54  ? 36  G   D "C5'" 1 
ATOM   1024 C  "C4'" . G   D 4 6  ? -7.841  -0.210  -12.392 1.00 78.10  ? 36  G   D "C4'" 1 
ATOM   1025 O  "O4'" . G   D 4 6  ? -8.301  -0.647  -11.104 1.00 78.62  ? 36  G   D "O4'" 1 
ATOM   1026 C  "C3'" . G   D 4 6  ? -6.436  0.333   -12.178 1.00 73.90  ? 36  G   D "C3'" 1 
ATOM   1027 O  "O3'" . G   D 4 6  ? -6.669  1.718   -11.937 1.00 78.44  ? 36  G   D "O3'" 1 
ATOM   1028 C  "C2'" . G   D 4 6  ? -5.913  -0.409  -10.951 1.00 75.35  ? 36  G   D "C2'" 1 
ATOM   1029 O  "O2'" . G   D 4 6  ? -5.002  0.298   -10.135 1.00 70.46  ? 36  G   D "O2'" 1 
ATOM   1030 C  "C1'" . G   D 4 6  ? -7.227  -0.646  -10.205 1.00 73.51  ? 36  G   D "C1'" 1 
ATOM   1031 N  N9    . G   D 4 6  ? -7.379  -1.761  -9.289  1.00 69.10  ? 36  G   D N9    1 
ATOM   1032 C  C8    . G   D 4 6  ? -6.994  -3.064  -9.470  1.00 70.85  ? 36  G   D C8    1 
ATOM   1033 N  N7    . G   D 4 6  ? -7.242  -3.812  -8.428  1.00 69.59  ? 36  G   D N7    1 
ATOM   1034 C  C5    . G   D 4 6  ? -7.834  -2.945  -7.513  1.00 69.76  ? 36  G   D C5    1 
ATOM   1035 C  C6    . G   D 4 6  ? -8.295  -3.168  -6.182  1.00 70.13  ? 36  G   D C6    1 
ATOM   1036 O  O6    . G   D 4 6  ? -8.249  -4.225  -5.514  1.00 72.06  ? 36  G   D O6    1 
ATOM   1037 N  N1    . G   D 4 6  ? -8.835  -2.006  -5.618  1.00 67.11  ? 36  G   D N1    1 
ATOM   1038 C  C2    . G   D 4 6  ? -8.909  -0.786  -6.235  1.00 67.74  ? 36  G   D C2    1 
ATOM   1039 N  N2    . G   D 4 6  ? -9.471  0.205   -5.534  1.00 64.76  ? 36  G   D N2    1 
ATOM   1040 N  N3    . G   D 4 6  ? -8.464  -0.558  -7.460  1.00 69.25  ? 36  G   D N3    1 
ATOM   1041 C  C4    . G   D 4 6  ? -7.945  -1.673  -8.034  1.00 69.28  ? 36  G   D C4    1 
ATOM   1042 P  P     . U   D 4 7  ? -5.668  2.827   -12.486 1.00 79.95  ? 37  U   D P     1 
ATOM   1043 O  OP1   . U   D 4 7  ? -6.409  4.123   -12.521 1.00 72.70  ? 37  U   D OP1   1 
ATOM   1044 O  OP2   . U   D 4 7  ? -5.073  2.270   -13.733 1.00 76.01  ? 37  U   D OP2   1 
ATOM   1045 O  "O5'" . U   D 4 7  ? -4.567  2.956   -11.341 1.00 83.65  ? 37  U   D "O5'" 1 
ATOM   1046 C  "C5'" . U   D 4 7  ? -3.762  4.117   -11.286 1.00 78.72  ? 37  U   D "C5'" 1 
ATOM   1047 C  "C4'" . U   D 4 7  ? -3.686  4.665   -9.890  1.00 77.54  ? 37  U   D "C4'" 1 
ATOM   1048 O  "O4'" . U   D 4 7  ? -5.030  4.937   -9.390  1.00 79.12  ? 37  U   D "O4'" 1 
ATOM   1049 C  "C3'" . U   D 4 7  ? -3.109  3.587   -8.966  1.00 76.42  ? 37  U   D "C3'" 1 
ATOM   1050 O  "O3'" . U   D 4 7  ? -2.110  4.084   -8.100  1.00 70.89  ? 37  U   D "O3'" 1 
ATOM   1051 C  "C2'" . U   D 4 7  ? -4.289  2.955   -8.239  1.00 75.39  ? 37  U   D "C2'" 1 
ATOM   1052 O  "O2'" . U   D 4 7  ? -4.049  2.728   -6.860  1.00 75.98  ? 37  U   D "O2'" 1 
ATOM   1053 C  "C1'" . U   D 4 7  ? -5.286  4.096   -8.292  1.00 75.75  ? 37  U   D "C1'" 1 
ATOM   1054 N  N1    . U   D 4 7  ? -6.692  3.766   -8.146  1.00 75.59  ? 37  U   D N1    1 
ATOM   1055 C  C2    . U   D 4 7  ? -7.190  3.921   -6.870  1.00 75.35  ? 37  U   D C2    1 
ATOM   1056 O  O2    . U   D 4 7  ? -6.531  4.418   -5.958  1.00 72.43  ? 37  U   D O2    1 
ATOM   1057 N  N3    . U   D 4 7  ? -8.477  3.498   -6.696  1.00 77.71  ? 37  U   D N3    1 
ATOM   1058 C  C4    . U   D 4 7  ? -9.307  2.962   -7.655  1.00 79.01  ? 37  U   D C4    1 
ATOM   1059 O  O4    . U   D 4 7  ? -10.395 2.482   -7.309  1.00 81.94  ? 37  U   D O4    1 
ATOM   1060 C  C5    . U   D 4 7  ? -8.732  2.891   -8.969  1.00 78.76  ? 37  U   D C5    1 
ATOM   1061 C  C6    . U   D 4 7  ? -7.471  3.284   -9.162  1.00 78.02  ? 37  U   D C6    1 
ATOM   1062 P  P     . A   D 4 8  ? -0.630  3.511   -8.163  1.00 76.25  ? 38  A   D P     1 
ATOM   1063 O  OP1   . A   D 4 8  ? 0.037   4.140   -6.990  1.00 74.42  ? 38  A   D OP1   1 
ATOM   1064 O  OP2   . A   D 4 8  ? -0.087  3.721   -9.523  1.00 74.93  ? 38  A   D OP2   1 
ATOM   1065 O  "O5'" . A   D 4 8  ? -0.822  1.945   -7.961  1.00 76.20  ? 38  A   D "O5'" 1 
ATOM   1066 C  "C5'" . A   D 4 8  ? -0.540  1.314   -6.732  1.00 67.84  ? 38  A   D "C5'" 1 
ATOM   1067 C  "C4'" . A   D 4 8  ? -0.752  -0.176  -6.867  1.00 69.94  ? 38  A   D "C4'" 1 
ATOM   1068 O  "O4'" . A   D 4 8  ? -0.696  -0.759  -5.556  1.00 65.86  ? 38  A   D "O4'" 1 
ATOM   1069 C  "C3'" . A   D 4 8  ? -2.151  -0.482  -7.418  1.00 68.18  ? 38  A   D "C3'" 1 
ATOM   1070 O  "O3'" . A   D 4 8  ? -2.202  -1.699  -8.198  1.00 66.94  ? 38  A   D "O3'" 1 
ATOM   1071 C  "C2'" . A   D 4 8  ? -3.004  -0.704  -6.175  1.00 67.15  ? 38  A   D "C2'" 1 
ATOM   1072 O  "O2'" . A   D 4 8  ? -3.999  -1.678  -6.386  1.00 65.18  ? 38  A   D "O2'" 1 
ATOM   1073 C  "C1'" . A   D 4 8  ? -1.951  -1.253  -5.212  1.00 67.65  ? 38  A   D "C1'" 1 
ATOM   1074 N  N9    . A   D 4 8  ? -2.119  -1.150  -3.784  1.00 65.95  ? 38  A   D N9    1 
ATOM   1075 C  C8    . A   D 4 8  ? -2.138  -2.200  -2.882  1.00 64.39  ? 38  A   D C8    1 
ATOM   1076 N  N7    . A   D 4 8  ? -2.375  -1.833  -1.652  1.00 63.46  ? 38  A   D N7    1 
ATOM   1077 C  C5    . A   D 4 8  ? -2.493  -0.450  -1.739  1.00 64.68  ? 38  A   D C5    1 
ATOM   1078 C  C6    . A   D 4 8  ? -2.772  0.539   -0.778  1.00 66.93  ? 38  A   D C6    1 
ATOM   1079 N  N6    . A   D 4 8  ? -2.987  0.279   0.529   1.00 62.63  ? 38  A   D N6    1 
ATOM   1080 N  N1    . A   D 4 8  ? -2.841  1.830   -1.207  1.00 65.57  ? 38  A   D N1    1 
ATOM   1081 C  C2    . A   D 4 8  ? -2.650  2.105   -2.521  1.00 66.74  ? 38  A   D C2    1 
ATOM   1082 N  N3    . A   D 4 8  ? -2.387  1.264   -3.518  1.00 62.85  ? 38  A   D N3    1 
ATOM   1083 C  C4    . A   D 4 8  ? -2.323  -0.002  -3.049  1.00 64.61  ? 38  A   D C4    1 
ATOM   1084 P  P     . C   D 4 9  ? -1.726  -1.757  -9.738  1.00 73.82  ? 39  C   D P     1 
ATOM   1085 O  OP1   . C   D 4 9  ? -2.688  -0.958  -10.554 1.00 76.07  ? 39  C   D OP1   1 
ATOM   1086 O  OP2   . C   D 4 9  ? -1.561  -3.209  -10.025 1.00 72.50  ? 39  C   D OP2   1 
ATOM   1087 O  "O5'" . C   D 4 9  ? -0.257  -1.126  -9.754  1.00 76.87  ? 39  C   D "O5'" 1 
ATOM   1088 C  "C5'" . C   D 4 9  ? 0.902   -1.931  -10.015 1.00 76.41  ? 39  C   D "C5'" 1 
ATOM   1089 C  "C4'" . C   D 4 9  ? 1.984   -1.090  -10.660 1.00 79.46  ? 39  C   D "C4'" 1 
ATOM   1090 O  "O4'" . C   D 4 9  ? 1.456   -0.565  -11.901 1.00 81.18  ? 39  C   D "O4'" 1 
ATOM   1091 C  "C3'" . C   D 4 9  ? 2.317   0.126   -9.780  1.00 80.94  ? 39  C   D "C3'" 1 
ATOM   1092 O  "O3'" . C   D 4 9  ? 3.684   0.557   -9.887  1.00 79.00  ? 39  C   D "O3'" 1 
ATOM   1093 C  "C2'" . C   D 4 9  ? 1.452   1.252   -10.333 1.00 81.67  ? 39  C   D "C2'" 1 
ATOM   1094 O  "O2'" . C   D 4 9  ? 2.081   2.515   -10.265 1.00 80.80  ? 39  C   D "O2'" 1 
ATOM   1095 C  "C1'" . C   D 4 9  ? 1.334   0.824   -11.794 1.00 83.30  ? 39  C   D "C1'" 1 
ATOM   1096 N  N1    . C   D 4 9  ? 0.206   1.319   -12.566 1.00 86.87  ? 39  C   D N1    1 
ATOM   1097 C  C2    . C   D 4 9  ? 0.491   2.195   -13.609 1.00 89.88  ? 39  C   D C2    1 
ATOM   1098 O  O2    . C   D 4 9  ? 1.675   2.376   -13.933 1.00 89.07  ? 39  C   D O2    1 
ATOM   1099 N  N3    . C   D 4 9  ? -0.513  2.806   -14.250 1.00 91.33  ? 39  C   D N3    1 
ATOM   1100 C  C4    . C   D 4 9  ? -1.775  2.546   -13.906 1.00 93.39  ? 39  C   D C4    1 
ATOM   1101 N  N4    . C   D 4 9  ? -2.731  3.242   -14.515 1.00 95.13  ? 39  C   D N4    1 
ATOM   1102 C  C5    . C   D 4 9  ? -2.105  1.578   -12.904 1.00 92.36  ? 39  C   D C5    1 
ATOM   1103 C  C6    . C   D 4 9  ? -1.088  0.997   -12.260 1.00 89.94  ? 39  C   D C6    1 
ATOM   1104 P  P     . A   D 4 10 ? 4.851   -0.117  -9.022  1.00 82.92  ? 40  A   D P     1 
ATOM   1105 O  OP1   . A   D 4 10 ? 6.085   0.637   -9.325  1.00 78.15  ? 40  A   D OP1   1 
ATOM   1106 O  OP2   . A   D 4 10 ? 4.842   -1.582  -9.207  1.00 77.02  ? 40  A   D OP2   1 
ATOM   1107 O  "O5'" . A   D 4 10 ? 4.437   0.236   -7.539  1.00 83.50  ? 40  A   D "O5'" 1 
ATOM   1108 C  "C5'" . A   D 4 10 ? 4.021   1.544   -7.215  1.00 75.15  ? 40  A   D "C5'" 1 
ATOM   1109 C  "C4'" . A   D 4 10 ? 3.419   1.552   -5.839  1.00 75.14  ? 40  A   D "C4'" 1 
ATOM   1110 O  "O4'" . A   D 4 10 ? 2.205   0.756   -5.849  1.00 75.14  ? 40  A   D "O4'" 1 
ATOM   1111 C  "C3'" . A   D 4 10 ? 4.271   0.908   -4.751  1.00 73.93  ? 40  A   D "C3'" 1 
ATOM   1112 O  "O3'" . A   D 4 10 ? 5.194   1.834   -4.206  1.00 73.96  ? 40  A   D "O3'" 1 
ATOM   1113 C  "C2'" . A   D 4 10 ? 3.222   0.526   -3.715  1.00 71.64  ? 40  A   D "C2'" 1 
ATOM   1114 O  "O2'" . A   D 4 10 ? 2.792   1.636   -2.950  1.00 74.86  ? 40  A   D "O2'" 1 
ATOM   1115 C  "C1'" . A   D 4 10 ? 2.071   0.077   -4.610  1.00 71.58  ? 40  A   D "C1'" 1 
ATOM   1116 N  N9    . A   D 4 10 ? 2.048   -1.366  -4.874  1.00 68.76  ? 40  A   D N9    1 
ATOM   1117 C  C8    . A   D 4 10 ? 2.417   -2.049  -6.010  1.00 64.33  ? 40  A   D C8    1 
ATOM   1118 N  N7    . A   D 4 10 ? 2.243   -3.350  -5.923  1.00 65.98  ? 40  A   D N7    1 
ATOM   1119 C  C5    . A   D 4 10 ? 1.736   -3.533  -4.641  1.00 66.35  ? 40  A   D C5    1 
ATOM   1120 C  C6    . A   D 4 10 ? 1.353   -4.695  -3.922  1.00 68.06  ? 40  A   D C6    1 
ATOM   1121 N  N6    . A   D 4 10 ? 1.417   -5.946  -4.420  1.00 65.33  ? 40  A   D N6    1 
ATOM   1122 N  N1    . A   D 4 10 ? 0.899   -4.522  -2.658  1.00 68.04  ? 40  A   D N1    1 
ATOM   1123 C  C2    . A   D 4 10 ? 0.839   -3.279  -2.155  1.00 65.96  ? 40  A   D C2    1 
ATOM   1124 N  N3    . A   D 4 10 ? 1.170   -2.120  -2.728  1.00 65.90  ? 40  A   D N3    1 
ATOM   1125 C  C4    . A   D 4 10 ? 1.615   -2.319  -3.980  1.00 66.49  ? 40  A   D C4    1 
ATOM   1126 P  P     . U   D 4 11 ? 6.680   1.359   -3.849  1.00 76.79  ? 41  U   D P     1 
ATOM   1127 O  OP1   . U   D 4 11 ? 7.361   2.582   -3.399  1.00 73.81  ? 41  U   D OP1   1 
ATOM   1128 O  OP2   . U   D 4 11 ? 7.260   0.544   -4.954  1.00 76.86  ? 41  U   D OP2   1 
ATOM   1129 O  "O5'" . U   D 4 11 ? 6.499   0.412   -2.586  1.00 69.34  ? 41  U   D "O5'" 1 
ATOM   1130 C  "C5'" . U   D 4 11 ? 5.905   0.901   -1.394  1.00 65.87  ? 41  U   D "C5'" 1 
ATOM   1131 C  "C4'" . U   D 4 11 ? 5.677   -0.233  -0.409  1.00 68.68  ? 41  U   D "C4'" 1 
ATOM   1132 O  "O4'" . U   D 4 11 ? 4.898   -1.291  -1.036  1.00 68.36  ? 41  U   D "O4'" 1 
ATOM   1133 C  "C3'" . U   D 4 11 ? 6.992   -0.891  0.021   1.00 67.02  ? 41  U   D "C3'" 1 
ATOM   1134 O  "O3'" . U   D 4 11 ? 6.914   -1.043  1.432   1.00 65.13  ? 41  U   D "O3'" 1 
ATOM   1135 C  "C2'" . U   D 4 11 ? 7.130   -2.156  -0.830  1.00 65.89  ? 41  U   D "C2'" 1 
ATOM   1136 O  "O2'" . U   D 4 11 ? 7.710   -3.279  -0.185  1.00 67.70  ? 41  U   D "O2'" 1 
ATOM   1137 C  "C1'" . U   D 4 11 ? 5.667   -2.468  -1.110  1.00 66.40  ? 41  U   D "C1'" 1 
ATOM   1138 N  N1    . U   D 4 11 ? 5.313   -3.277  -2.287  1.00 66.51  ? 41  U   D N1    1 
ATOM   1139 C  C2    . U   D 4 11 ? 4.899   -4.577  -2.017  1.00 66.75  ? 41  U   D C2    1 
ATOM   1140 O  O2    . U   D 4 11 ? 4.731   -4.997  -0.862  1.00 67.73  ? 41  U   D O2    1 
ATOM   1141 N  N3    . U   D 4 11 ? 4.671   -5.356  -3.138  1.00 70.02  ? 41  U   D N3    1 
ATOM   1142 C  C4    . U   D 4 11 ? 4.798   -4.968  -4.471  1.00 71.56  ? 41  U   D C4    1 
ATOM   1143 O  O4    . U   D 4 11 ? 4.714   -5.825  -5.367  1.00 74.63  ? 41  U   D O4    1 
ATOM   1144 C  C5    . U   D 4 11 ? 5.178   -3.584  -4.656  1.00 69.48  ? 41  U   D C5    1 
ATOM   1145 C  C6    . U   D 4 11 ? 5.420   -2.806  -3.583  1.00 68.97  ? 41  U   D C6    1 
ATOM   1146 P  P     . U   D 4 12 ? 8.177   -1.488  2.309   1.00 68.99  ? 42  U   D P     1 
ATOM   1147 O  OP1   . U   D 4 12 ? 8.642   -0.273  3.049   1.00 68.64  ? 42  U   D OP1   1 
ATOM   1148 O  OP2   . U   D 4 12 ? 9.123   -2.260  1.475   1.00 62.18  ? 42  U   D OP2   1 
ATOM   1149 O  "O5'" . U   D 4 12 ? 7.490   -2.490  3.338   1.00 64.57  ? 42  U   D "O5'" 1 
ATOM   1150 C  "C5'" . U   D 4 12 ? 8.243   -3.238  4.290   1.00 60.71  ? 42  U   D "C5'" 1 
ATOM   1151 C  "C4'" . U   D 4 12 ? 7.873   -4.711  4.219   1.00 65.93  ? 42  U   D "C4'" 1 
ATOM   1152 O  "O4'" . U   D 4 12 ? 6.435   -4.843  4.327   1.00 63.78  ? 42  U   D "O4'" 1 
ATOM   1153 C  "C3'" . U   D 4 12 ? 8.228   -5.267  2.843   1.00 65.64  ? 42  U   D "C3'" 1 
ATOM   1154 O  "O3'" . U   D 4 12 ? 8.548   -6.637  2.964   1.00 73.00  ? 42  U   D "O3'" 1 
ATOM   1155 C  "C2'" . U   D 4 12 ? 6.946   -5.189  2.033   1.00 68.05  ? 42  U   D "C2'" 1 
ATOM   1156 O  "O2'" . U   D 4 12 ? 6.798   -6.301  1.198   1.00 72.95  ? 42  U   D "O2'" 1 
ATOM   1157 C  "C1'" . U   D 4 12 ? 5.903   -5.343  3.125   1.00 67.83  ? 42  U   D "C1'" 1 
ATOM   1158 N  N1    . U   D 4 12 ? 4.565   -4.809  2.895   1.00 66.41  ? 42  U   D N1    1 
ATOM   1159 C  C2    . U   D 4 12 ? 3.530   -5.715  2.888   1.00 65.76  ? 42  U   D C2    1 
ATOM   1160 O  O2    . U   D 4 12 ? 3.692   -6.927  3.114   1.00 61.01  ? 42  U   D O2    1 
ATOM   1161 N  N3    . U   D 4 12 ? 2.293   -5.162  2.633   1.00 64.26  ? 42  U   D N3    1 
ATOM   1162 C  C4    . U   D 4 12 ? 1.995   -3.837  2.387   1.00 67.59  ? 42  U   D C4    1 
ATOM   1163 O  O4    . U   D 4 12 ? 0.833   -3.517  2.109   1.00 68.95  ? 42  U   D O4    1 
ATOM   1164 C  C5    . U   D 4 12 ? 3.120   -2.967  2.429   1.00 67.69  ? 42  U   D C5    1 
ATOM   1165 C  C6    . U   D 4 12 ? 4.335   -3.471  2.672   1.00 66.60  ? 42  U   D C6    1 
ATOM   1166 P  P     . A   D 4 13 ? 10.024  -7.167  2.716   1.00 73.63  ? 43  A   D P     1 
ATOM   1167 O  OP1   . A   D 4 13 ? 10.896  -6.630  3.785   1.00 75.80  ? 43  A   D OP1   1 
ATOM   1168 O  OP2   . A   D 4 13 ? 10.415  -6.984  1.289   1.00 68.47  ? 43  A   D OP2   1 
ATOM   1169 O  "O5'" . A   D 4 13 ? 9.824   -8.718  3.019   1.00 70.80  ? 43  A   D "O5'" 1 
ATOM   1170 C  "C5'" . A   D 4 13 ? 9.338   -9.151  4.300   1.00 72.06  ? 43  A   D "C5'" 1 
ATOM   1171 C  "C4'" . A   D 4 13 ? 8.445   -10.357 4.143   1.00 74.74  ? 43  A   D "C4'" 1 
ATOM   1172 O  "O4'" . A   D 4 13 ? 7.223   -9.981  3.470   1.00 78.66  ? 43  A   D "O4'" 1 
ATOM   1173 C  "C3'" . A   D 4 13 ? 9.010   -11.509 3.336   1.00 77.10  ? 43  A   D "C3'" 1 
ATOM   1174 O  "O3'" . A   D 4 13 ? 9.736   -12.349 4.210   1.00 77.03  ? 43  A   D "O3'" 1 
ATOM   1175 C  "C2'" . A   D 4 13 ? 7.747   -12.213 2.864   1.00 78.89  ? 43  A   D "C2'" 1 
ATOM   1176 O  "O2'" . A   D 4 13 ? 7.165   -13.034 3.856   1.00 78.76  ? 43  A   D "O2'" 1 
ATOM   1177 C  "C1'" . A   D 4 13 ? 6.826   -11.023 2.604   1.00 74.91  ? 43  A   D "C1'" 1 
ATOM   1178 N  N9    . A   D 4 13 ? 6.921   -10.510 1.244   1.00 74.25  ? 43  A   D N9    1 
ATOM   1179 C  C8    . A   D 4 13 ? 7.167   -9.209  0.898   1.00 72.46  ? 43  A   D C8    1 
ATOM   1180 N  N7    . A   D 4 13 ? 7.195   -8.997  -0.394  1.00 71.96  ? 43  A   D N7    1 
ATOM   1181 C  C5    . A   D 4 13 ? 6.952   -10.248 -0.945  1.00 71.73  ? 43  A   D C5    1 
ATOM   1182 C  C6    . A   D 4 13 ? 6.859   -10.700 -2.278  1.00 71.78  ? 43  A   D C6    1 
ATOM   1183 N  N6    . A   D 4 13 ? 6.995   -9.909  -3.350  1.00 73.29  ? 43  A   D N6    1 
ATOM   1184 N  N1    . A   D 4 13 ? 6.613   -12.010 -2.477  1.00 69.56  ? 43  A   D N1    1 
ATOM   1185 C  C2    . A   D 4 13 ? 6.468   -12.803 -1.407  1.00 69.96  ? 43  A   D C2    1 
ATOM   1186 N  N3    . A   D 4 13 ? 6.529   -12.501 -0.111  1.00 72.28  ? 43  A   D N3    1 
ATOM   1187 C  C4    . A   D 4 13 ? 6.781   -11.191 0.056   1.00 73.33  ? 43  A   D C4    1 
ATOM   1188 P  P     . C   D 4 14 ? 11.240  -12.761 3.851   1.00 79.88  ? 44  C   D P     1 
ATOM   1189 O  OP1   . C   D 4 14 ? 11.583  -13.793 4.842   1.00 73.31  ? 44  C   D OP1   1 
ATOM   1190 O  OP2   . C   D 4 14 ? 12.080  -11.560 3.727   1.00 62.29  ? 44  C   D OP2   1 
ATOM   1191 O  "O5'" . C   D 4 14 ? 11.129  -13.410 2.405   1.00 74.91  ? 44  C   D "O5'" 1 
ATOM   1192 C  "C5'" . C   D 4 14 ? 10.524  -14.680 2.203   1.00 78.58  ? 44  C   D "C5'" 1 
ATOM   1193 C  "C4'" . C   D 4 14 ? 10.573  -15.021 0.727   1.00 81.26  ? 44  C   D "C4'" 1 
ATOM   1194 O  "O4'" . C   D 4 14 ? 9.585   -14.249 0.000   1.00 81.01  ? 44  C   D "O4'" 1 
ATOM   1195 C  "C3'" . C   D 4 14 ? 11.885  -14.707 0.021   1.00 82.82  ? 44  C   D "C3'" 1 
ATOM   1196 O  "O3'" . C   D 4 14 ? 12.777  -15.786 0.191   1.00 83.12  ? 44  C   D "O3'" 1 
ATOM   1197 C  "C2'" . C   D 4 14 ? 11.454  -14.563 -1.434  1.00 82.63  ? 44  C   D "C2'" 1 
ATOM   1198 O  "O2'" . C   D 4 14 ? 11.320  -15.791 -2.140  1.00 85.36  ? 44  C   D "O2'" 1 
ATOM   1199 C  "C1'" . C   D 4 14 ? 10.103  -13.868 -1.267  1.00 81.80  ? 44  C   D "C1'" 1 
ATOM   1200 N  N1    . C   D 4 14 ? 10.227  -12.405 -1.249  1.00 81.92  ? 44  C   D N1    1 
ATOM   1201 C  C2    . C   D 4 14 ? 10.221  -11.683 -2.464  1.00 83.28  ? 44  C   D C2    1 
ATOM   1202 O  O2    . C   D 4 14 ? 10.132  -12.291 -3.553  1.00 84.46  ? 44  C   D O2    1 
ATOM   1203 N  N3    . C   D 4 14 ? 10.315  -10.336 -2.409  1.00 83.87  ? 44  C   D N3    1 
ATOM   1204 C  C4    . C   D 4 14 ? 10.417  -9.713  -1.221  1.00 81.56  ? 44  C   D C4    1 
ATOM   1205 N  N4    . C   D 4 14 ? 10.522  -8.386  -1.212  1.00 81.10  ? 44  C   D N4    1 
ATOM   1206 C  C5    . C   D 4 14 ? 10.425  -10.428 0.013   1.00 81.61  ? 44  C   D C5    1 
ATOM   1207 C  C6    . C   D 4 14 ? 10.336  -11.754 -0.048  1.00 81.49  ? 44  C   D C6    1 
ATOM   1208 P  P     . C   D 4 15 ? 14.351  -15.515 0.288   1.00 88.32  ? 45  C   D P     1 
ATOM   1209 O  OP1   . C   D 4 15 ? 14.930  -16.825 0.670   1.00 88.36  ? 45  C   D OP1   1 
ATOM   1210 O  OP2   . C   D 4 15 ? 14.634  -14.311 1.113   1.00 84.93  ? 45  C   D OP2   1 
ATOM   1211 O  "O5'" . C   D 4 15 ? 14.769  -15.169 -1.206  1.00 82.14  ? 45  C   D "O5'" 1 
ATOM   1212 C  "C5'" . C   D 4 15 ? 14.668  -16.148 -2.221  1.00 82.08  ? 45  C   D "C5'" 1 
ATOM   1213 C  "C4'" . C   D 4 15 ? 14.877  -15.518 -3.566  1.00 85.58  ? 45  C   D "C4'" 1 
ATOM   1214 O  "O4'" . C   D 4 15 ? 13.847  -14.515 -3.767  1.00 86.68  ? 45  C   D "O4'" 1 
ATOM   1215 C  "C3'" . C   D 4 15 ? 16.164  -14.714 -3.682  1.00 87.79  ? 45  C   D "C3'" 1 
ATOM   1216 O  "O3'" . C   D 4 15 ? 17.292  -15.535 -3.936  1.00 91.39  ? 45  C   D "O3'" 1 
ATOM   1217 C  "C2'" . C   D 4 15 ? 15.848  -13.749 -4.817  1.00 88.86  ? 45  C   D "C2'" 1 
ATOM   1218 O  "O2'" . C   D 4 15 ? 15.969  -14.290 -6.112  1.00 85.39  ? 45  C   D "O2'" 1 
ATOM   1219 C  "C1'" . C   D 4 15 ? 14.379  -13.447 -4.537  1.00 89.37  ? 45  C   D "C1'" 1 
ATOM   1220 N  N1    . C   D 4 15 ? 14.248  -12.192 -3.798  1.00 88.14  ? 45  C   D N1    1 
ATOM   1221 C  C2    . C   D 4 15 ? 14.356  -11.006 -4.531  1.00 88.20  ? 45  C   D C2    1 
ATOM   1222 O  O2    . C   D 4 15 ? 14.583  -11.071 -5.759  1.00 86.57  ? 45  C   D O2    1 
ATOM   1223 N  N3    . C   D 4 15 ? 14.221  -9.820  -3.893  1.00 86.59  ? 45  C   D N3    1 
ATOM   1224 C  C4    . C   D 4 15 ? 13.993  -9.790  -2.575  1.00 87.91  ? 45  C   D C4    1 
ATOM   1225 N  N4    . C   D 4 15 ? 13.851  -8.590  -1.992  1.00 86.14  ? 45  C   D N4    1 
ATOM   1226 C  C5    . C   D 4 15 ? 13.897  -10.987 -1.794  1.00 87.79  ? 45  C   D C5    1 
ATOM   1227 C  C6    . C   D 4 15 ? 14.027  -12.160 -2.445  1.00 88.56  ? 45  C   D C6    1 
ATOM   1228 P  P     . U   D 4 16 ? 18.753  -15.036 -3.491  1.00 95.10  ? 46  U   D P     1 
ATOM   1229 O  OP1   . U   D 4 16 ? 19.659  -16.164 -3.790  1.00 93.74  ? 46  U   D OP1   1 
ATOM   1230 O  OP2   . U   D 4 16 ? 18.703  -14.490 -2.119  1.00 87.10  ? 46  U   D OP2   1 
ATOM   1231 O  "O5'" . U   D 4 16 ? 19.070  -13.858 -4.513  1.00 87.83  ? 46  U   D "O5'" 1 
ATOM   1232 C  "C5'" . U   D 4 16 ? 19.224  -14.163 -5.888  1.00 85.82  ? 46  U   D "C5'" 1 
ATOM   1233 C  "C4'" . U   D 4 16 ? 19.706  -12.971 -6.678  1.00 88.86  ? 46  U   D "C4'" 1 
ATOM   1234 O  "O4'" . U   D 4 16 ? 18.611  -12.040 -6.857  1.00 89.76  ? 46  U   D "O4'" 1 
ATOM   1235 C  "C3'" . U   D 4 16 ? 20.838  -12.136 -6.096  1.00 91.03  ? 46  U   D "C3'" 1 
ATOM   1236 O  "O3'" . U   D 4 16 ? 22.119  -12.674 -6.372  1.00 93.70  ? 46  U   D "O3'" 1 
ATOM   1237 C  "C2'" . U   D 4 16 ? 20.641  -10.812 -6.817  1.00 91.43  ? 46  U   D "C2'" 1 
ATOM   1238 O  "O2'" . U   D 4 16 ? 21.141  -10.862 -8.138  1.00 89.54  ? 46  U   D "O2'" 1 
ATOM   1239 C  "C1'" . U   D 4 16 ? 19.116  -10.715 -6.839  1.00 91.18  ? 46  U   D "C1'" 1 
ATOM   1240 N  N1    . U   D 4 16 ? 18.617  -10.040 -5.626  1.00 89.82  ? 46  U   D N1    1 
ATOM   1241 C  C2    . U   D 4 16 ? 18.589  -8.649  -5.626  1.00 88.64  ? 46  U   D C2    1 
ATOM   1242 O  O2    . U   D 4 16 ? 18.923  -7.970  -6.587  1.00 87.60  ? 46  U   D O2    1 
ATOM   1243 N  N3    . U   D 4 16 ? 18.150  -8.080  -4.458  1.00 87.80  ? 46  U   D N3    1 
ATOM   1244 C  C4    . U   D 4 16 ? 17.739  -8.734  -3.321  1.00 88.14  ? 46  U   D C4    1 
ATOM   1245 O  O4    . U   D 4 16 ? 17.406  -8.079  -2.336  1.00 84.64  ? 46  U   D O4    1 
ATOM   1246 C  C5    . U   D 4 16 ? 17.781  -10.160 -3.403  1.00 87.32  ? 46  U   D C5    1 
ATOM   1247 C  C6    . U   D 4 16 ? 18.208  -10.753 -4.524  1.00 88.34  ? 46  U   D C6    1 
ATOM   1248 P  P     . G   D 4 17 ? 23.383  -12.229 -5.482  1.00 95.62  ? 47  G   D P     1 
ATOM   1249 O  OP1   . G   D 4 17 ? 24.547  -13.027 -5.936  1.00 96.98  ? 47  G   D OP1   1 
ATOM   1250 O  OP2   . G   D 4 17 ? 22.994  -12.240 -4.047  1.00 93.59  ? 47  G   D OP2   1 
ATOM   1251 O  "O5'" . G   D 4 17 ? 23.645  -10.720 -5.914  1.00 86.23  ? 47  G   D "O5'" 1 
ATOM   1252 C  "C5'" . G   D 4 17 ? 24.023  -10.409 -7.246  1.00 83.54  ? 47  G   D "C5'" 1 
ATOM   1253 C  "C4'" . G   D 4 17 ? 24.161  -8.912  -7.432  1.00 88.36  ? 47  G   D "C4'" 1 
ATOM   1254 O  "O4'" . G   D 4 17 ? 22.862  -8.296  -7.238  1.00 92.17  ? 47  G   D "O4'" 1 
ATOM   1255 C  "C3'" . G   D 4 17 ? 25.070  -8.183  -6.447  1.00 86.74  ? 47  G   D "C3'" 1 
ATOM   1256 O  "O3'" . G   D 4 17 ? 26.432  -8.256  -6.838  1.00 82.12  ? 47  G   D "O3'" 1 
ATOM   1257 C  "C2'" . G   D 4 17 ? 24.536  -6.761  -6.520  1.00 89.38  ? 47  G   D "C2'" 1 
ATOM   1258 O  "O2'" . G   D 4 17 ? 24.980  -6.079  -7.671  1.00 86.49  ? 47  G   D "O2'" 1 
ATOM   1259 C  "C1'" . G   D 4 17 ? 23.032  -7.020  -6.633  1.00 90.24  ? 47  G   D "C1'" 1 
ATOM   1260 N  N9    . G   D 4 17 ? 22.398  -7.030  -5.324  1.00 88.17  ? 47  G   D N9    1 
ATOM   1261 C  C8    . G   D 4 17 ? 21.955  -8.121  -4.603  1.00 85.33  ? 47  G   D C8    1 
ATOM   1262 N  N7    . G   D 4 17 ? 21.406  -7.797  -3.468  1.00 82.26  ? 47  G   D N7    1 
ATOM   1263 C  C5    . G   D 4 17 ? 21.506  -6.411  -3.422  1.00 84.72  ? 47  G   D C5    1 
ATOM   1264 C  C6    . G   D 4 17 ? 21.091  -5.483  -2.417  1.00 85.84  ? 47  G   D C6    1 
ATOM   1265 O  O6    . G   D 4 17 ? 20.519  -5.705  -1.337  1.00 86.15  ? 47  G   D O6    1 
ATOM   1266 N  N1    . G   D 4 17 ? 21.405  -4.171  -2.772  1.00 84.02  ? 47  G   D N1    1 
ATOM   1267 C  C2    . G   D 4 17 ? 22.026  -3.790  -3.939  1.00 83.34  ? 47  G   D C2    1 
ATOM   1268 N  N2    . G   D 4 17 ? 22.265  -2.471  -4.082  1.00 79.56  ? 47  G   D N2    1 
ATOM   1269 N  N3    . G   D 4 17 ? 22.395  -4.637  -4.889  1.00 83.41  ? 47  G   D N3    1 
ATOM   1270 C  C4    . G   D 4 17 ? 22.113  -5.926  -4.557  1.00 84.79  ? 47  G   D C4    1 
ATOM   1271 P  P     . C   D 4 18 ? 27.598  -8.126  -5.730  1.00 89.64  ? 48  C   D P     1 
ATOM   1272 O  OP1   . C   D 4 18 ? 28.877  -8.281  -6.485  1.00 91.93  ? 48  C   D OP1   1 
ATOM   1273 O  OP2   . C   D 4 18 ? 27.310  -9.023  -4.577  1.00 75.26  ? 48  C   D OP2   1 
ATOM   1274 O  "O5'" . C   D 4 18 ? 27.513  -6.609  -5.249  1.00 90.23  ? 48  C   D "O5'" 1 
ATOM   1275 C  "C5'" . C   D 4 18 ? 27.724  -5.565  -6.185  1.00 84.97  ? 48  C   D "C5'" 1 
ATOM   1276 C  "C4'" . C   D 4 18 ? 27.669  -4.221  -5.510  1.00 87.96  ? 48  C   D "C4'" 1 
ATOM   1277 O  "O4'" . C   D 4 18 ? 26.289  -3.860  -5.247  1.00 88.68  ? 48  C   D "O4'" 1 
ATOM   1278 C  "C3'" . C   D 4 18 ? 28.367  -4.110  -4.165  1.00 89.13  ? 48  C   D "C3'" 1 
ATOM   1279 O  "O3'" . C   D 4 18 ? 29.765  -3.908  -4.300  1.00 89.45  ? 48  C   D "O3'" 1 
ATOM   1280 C  "C2'" . C   D 4 18 ? 27.647  -2.919  -3.546  1.00 89.49  ? 48  C   D "C2'" 1 
ATOM   1281 O  "O2'" . C   D 4 18 ? 28.094  -1.671  -4.036  1.00 86.39  ? 48  C   D "O2'" 1 
ATOM   1282 C  "C1'" . C   D 4 18 ? 26.213  -3.169  -4.012  1.00 86.78  ? 48  C   D "C1'" 1 
ATOM   1283 N  N1    . C   D 4 18 ? 25.542  -4.054  -3.054  1.00 84.70  ? 48  C   D N1    1 
ATOM   1284 C  C2    . C   D 4 18 ? 25.032  -3.512  -1.867  1.00 83.29  ? 48  C   D C2    1 
ATOM   1285 O  O2    . C   D 4 18 ? 25.141  -2.284  -1.661  1.00 80.04  ? 48  C   D O2    1 
ATOM   1286 N  N3    . C   D 4 18 ? 24.434  -4.339  -0.975  1.00 82.64  ? 48  C   D N3    1 
ATOM   1287 C  C4    . C   D 4 18 ? 24.330  -5.647  -1.240  1.00 83.52  ? 48  C   D C4    1 
ATOM   1288 N  N4    . C   D 4 18 ? 23.729  -6.421  -0.341  1.00 83.67  ? 48  C   D N4    1 
ATOM   1289 C  C5    . C   D 4 18 ? 24.836  -6.220  -2.442  1.00 84.47  ? 48  C   D C5    1 
ATOM   1290 C  C6    . C   D 4 18 ? 25.427  -5.395  -3.312  1.00 83.71  ? 48  C   D C6    1 
ATOM   1291 P  P     . C   D 4 19 ? 30.761  -4.466  -3.169  1.00 93.68  ? 49  C   D P     1 
ATOM   1292 O  OP1   . C   D 4 19 ? 32.145  -4.229  -3.661  1.00 96.32  ? 49  C   D OP1   1 
ATOM   1293 O  OP2   . C   D 4 19 ? 30.336  -5.838  -2.787  1.00 91.24  ? 49  C   D OP2   1 
ATOM   1294 O  "O5'" . C   D 4 19 ? 30.504  -3.492  -1.936  1.00 90.74  ? 49  C   D "O5'" 1 
ATOM   1295 C  "C5'" . C   D 4 19 ? 30.622  -2.080  -2.091  1.00 85.87  ? 49  C   D "C5'" 1 
ATOM   1296 C  "C4'" . C   D 4 19 ? 30.118  -1.365  -0.853  1.00 85.85  ? 49  C   D "C4'" 1 
ATOM   1297 O  "O4'" . C   D 4 19 ? 28.677  -1.522  -0.749  1.00 85.64  ? 49  C   D "O4'" 1 
ATOM   1298 C  "C3'" . C   D 4 19 ? 30.651  -1.873  0.481   1.00 82.22  ? 49  C   D "C3'" 1 
ATOM   1299 O  "O3'" . C   D 4 19 ? 31.945  -1.393  0.858   1.00 81.73  ? 49  C   D "O3'" 1 
ATOM   1300 C  "C2'" . C   D 4 19 ? 29.574  -1.415  1.446   1.00 82.18  ? 49  C   D "C2'" 1 
ATOM   1301 O  "O2'" . C   D 4 19 ? 29.685  -0.031  1.682   1.00 77.58  ? 49  C   D "O2'" 1 
ATOM   1302 C  "C1'" . C   D 4 19 ? 28.314  -1.638  0.612   1.00 84.81  ? 49  C   D "C1'" 1 
ATOM   1303 N  N1    . C   D 4 19 ? 27.710  -2.960  0.825   1.00 87.22  ? 49  C   D N1    1 
ATOM   1304 C  C2    . C   D 4 19 ? 26.860  -3.127  1.910   1.00 86.31  ? 49  C   D C2    1 
ATOM   1305 O  O2    . C   D 4 19 ? 26.668  -2.159  2.683   1.00 86.44  ? 49  C   D O2    1 
ATOM   1306 N  N3    . C   D 4 19 ? 26.277  -4.332  2.100   1.00 86.86  ? 49  C   D N3    1 
ATOM   1307 C  C4    . C   D 4 19 ? 26.510  -5.337  1.249   1.00 86.33  ? 49  C   D C4    1 
ATOM   1308 N  N4    . C   D 4 19 ? 25.889  -6.496  1.464   1.00 84.16  ? 49  C   D N4    1 
ATOM   1309 C  C5    . C   D 4 19 ? 27.388  -5.195  0.145   1.00 88.19  ? 49  C   D C5    1 
ATOM   1310 C  C6    . C   D 4 19 ? 27.959  -3.998  -0.031  1.00 88.80  ? 49  C   D C6    1 
HETATM 1311 S  S     . SO4 E 5 .  ? 1.468   0.277   15.569  0.30 64.28  ? 103 SO4 A S     1 
HETATM 1312 O  O1    . SO4 E 5 .  ? 0.122   0.457   16.091  0.30 59.73  ? 103 SO4 A O1    1 
HETATM 1313 O  O2    . SO4 E 5 .  ? 1.862   -1.115  15.747  0.30 56.36  ? 103 SO4 A O2    1 
HETATM 1314 O  O3    . SO4 E 5 .  ? 1.487   0.600   14.149  0.30 56.48  ? 103 SO4 A O3    1 
HETATM 1315 O  O4    . SO4 E 5 .  ? 2.390   1.156   16.284  0.30 57.47  ? 103 SO4 A O4    1 
HETATM 1316 CO CO    . NCO F 6 .  ? -0.197  -4.198  13.156  0.25 73.09  ? 102 NCO B CO    1 
HETATM 1317 N  N1    . NCO F 6 .  ? -0.076  -2.898  11.618  0.25 69.92  ? 102 NCO B N1    1 
HETATM 1318 N  N2    . NCO F 6 .  ? 1.580   -3.501  13.737  0.25 70.84  ? 102 NCO B N2    1 
HETATM 1319 N  N3    . NCO F 6 .  ? -1.267  -2.976  14.287  0.25 70.33  ? 102 NCO B N3    1 
HETATM 1320 N  N4    . NCO F 6 .  ? 0.827   -5.530  12.170  0.25 69.58  ? 102 NCO B N4    1 
HETATM 1321 N  N5    . NCO F 6 .  ? -0.253  -5.493  14.611  0.25 70.14  ? 102 NCO B N5    1 
HETATM 1322 N  N6    . NCO F 6 .  ? -1.958  -4.894  12.460  0.25 72.05  ? 102 NCO B N6    1 
HETATM 1323 CO CO    . NCO G 6 .  ? 9.293   -0.547  -7.792  0.75 75.65  ? 101 NCO D CO    1 
HETATM 1324 N  N1    . NCO G 6 .  ? 8.394   1.234   -7.546  0.75 56.39  ? 101 NCO D N1    1 
HETATM 1325 N  N2    . NCO G 6 .  ? 8.543   -0.533  -9.620  0.75 58.05  ? 101 NCO D N2    1 
HETATM 1326 N  N3    . NCO G 6 .  ? 11.017  0.243   -8.269  0.75 61.27  ? 101 NCO D N3    1 
HETATM 1327 N  N4    . NCO G 6 .  ? 7.675   -1.500  -7.300  0.75 62.02  ? 101 NCO D N4    1 
HETATM 1328 N  N5    . NCO G 6 .  ? 10.073  -2.311  -8.075  0.75 56.35  ? 101 NCO D N5    1 
HETATM 1329 N  N6    . NCO G 6 .  ? 9.973   -0.522  -5.913  0.75 61.57  ? 101 NCO D N6    1 
HETATM 1330 O  O     . HOH H 7 .  ? -0.790  -0.384  3.519   1.00 62.98  ? 104 HOH A O     1 
HETATM 1331 O  O     . HOH H 7 .  ? 11.307  -0.720  10.836  1.00 62.51  ? 105 HOH A O     1 
HETATM 1332 O  O     . HOH H 7 .  ? -7.426  28.952  1.825   1.00 83.61  ? 106 HOH A O     1 
HETATM 1333 O  O     . HOH I 7 .  ? 10.524  -9.250  8.114   1.00 78.51  ? 103 HOH B O     1 
HETATM 1334 O  O     . HOH I 7 .  ? -1.992  9.142   -8.402  1.00 82.12  ? 104 HOH B O     1 
HETATM 1335 O  O     . HOH J 7 .  ? 11.224  -11.059 -7.192  1.00 67.29  ? 32  HOH C O     1 
HETATM 1336 O  O     . HOH J 7 .  ? -12.768 -7.267  -1.049  1.00 66.24  ? 33  HOH C O     1 
HETATM 1337 O  O     . HOH J 7 .  ? 15.779  -10.545 -10.136 1.00 72.65  ? 34  HOH C O     1 
HETATM 1338 O  O     . HOH J 7 .  ? -25.080 -5.752  -3.474  1.00 79.08  ? 35  HOH C O     1 
HETATM 1339 O  O     . HOH J 7 .  ? -27.034 -6.443  -7.925  1.00 81.48  ? 36  HOH C O     1 
HETATM 1340 O  O     . HOH J 7 .  ? 12.979  0.561   3.744   1.00 68.74  ? 37  HOH C O     1 
HETATM 1341 O  O     . HOH J 7 .  ? 4.577   -11.871 -11.354 1.00 79.29  ? 38  HOH C O     1 
HETATM 1342 O  O     . HOH K 7 .  ? -11.383 -0.207  -10.386 1.00 71.81  ? 3   HOH D O     1 
HETATM 1343 O  O     . HOH K 7 .  ? -0.293  4.583   -3.672  1.00 81.37  ? 4   HOH D O     1 
HETATM 1344 O  O     . HOH K 7 .  ? 13.477  -7.572  0.930   1.00 70.35  ? 7   HOH D O     1 
# 
loop_
_pdbx_poly_seq_scheme.asym_id 
_pdbx_poly_seq_scheme.entity_id 
_pdbx_poly_seq_scheme.seq_id 
_pdbx_poly_seq_scheme.mon_id 
_pdbx_poly_seq_scheme.ndb_seq_num 
_pdbx_poly_seq_scheme.pdb_seq_num 
_pdbx_poly_seq_scheme.auth_seq_num 
_pdbx_poly_seq_scheme.pdb_mon_id 
_pdbx_poly_seq_scheme.auth_mon_id 
_pdbx_poly_seq_scheme.pdb_strand_id 
_pdbx_poly_seq_scheme.pdb_ins_code 
_pdbx_poly_seq_scheme.hetero 
A 1 1  U   1  1  1  U   U   A . n 
A 1 2  C   2  2  2  C   C   A . n 
A 1 3  C   3  3  3  C   C   A . n 
A 1 4  C   4  4  4  C   C   A . n 
A 1 5  3DA 5  5  5  3DA 3DA A . n 
A 1 6  G   6  6  6  G   G   A . n 
A 1 7  U   7  7  7  U   U   A . n 
A 1 8  C   8  8  8  C   C   A . n 
A 1 9  C   9  9  9  C   C   A . n 
A 1 10 A   10 10 10 A   A   A . n 
A 1 11 C   11 11 11 C   C   A . n 
A 1 12 C   12 12 12 C   C   A . n 
A 1 13 G   13 13 13 G   G   A . n 
B 2 1  C   1  2  2  C   C   B . n 
B 2 2  G   2  3  3  G   G   B . n 
B 2 3  G   3  4  4  G   G   B . n 
B 2 4  U   4  5  5  U   U   B . n 
B 2 5  G   5  6  6  G   G   B . n 
B 2 6  A   6  7  7  A   A   B . n 
B 2 7  G   7  8  8  G   G   B . n 
B 2 8  A   8  9  9  A   A   B . n 
B 2 9  A   9  10 10 A   A   B . n 
B 2 10 G   10 11 11 G   G   B . n 
B 2 11 G   11 12 12 G   G   B . n 
B 2 12 G   12 13 13 G   G   B . n 
C 3 1  G   1  15 15 G   G   C . n 
C 3 2  G   2  16 16 G   G   C . n 
C 3 3  C   3  17 17 C   C   C . n 
C 3 4  A   4  18 18 A   A   C . n 
C 3 5  G   5  19 19 G   G   C . n 
C 3 6  A   6  20 20 A   A   C . n 
C 3 7  G   7  21 21 G   G   C . n 
C 3 8  A   8  22 22 A   A   C . n 
C 3 9  A   9  23 23 A   A   C . n 
C 3 10 A   10 24 24 A   A   C . n 
C 3 11 C   11 25 25 C   C   C . n 
C 3 12 A   12 26 26 A   A   C . n 
C 3 13 C   13 27 27 C   C   C . n 
C 3 14 A   14 28 28 A   A   C . n 
C 3 15 C   15 29 29 C   C   C . n 
C 3 16 G   16 30 30 G   G   C . n 
C 3 17 A   17 31 31 A   A   C . n 
D 4 1  U   1  31 31 U   U   D . n 
D 4 2  C   2  32 32 C   C   D . n 
D 4 3  G   3  33 33 G   G   D . n 
D 4 4  U   4  34 34 U   U   D . n 
D 4 5  G   5  35 35 G   G   D . n 
D 4 6  G   6  36 36 G   G   D . n 
D 4 7  U   7  37 37 U   U   D . n 
D 4 8  A   8  38 38 A   A   D . n 
D 4 9  C   9  39 39 C   C   D . n 
D 4 10 A   10 40 40 A   A   D . n 
D 4 11 U   11 41 41 U   U   D . n 
D 4 12 U   12 42 42 U   U   D . n 
D 4 13 A   13 43 43 A   A   D . n 
D 4 14 C   14 44 44 C   C   D . n 
D 4 15 C   15 45 45 C   C   D . n 
D 4 16 U   16 46 46 U   U   D . n 
D 4 17 G   17 47 47 G   G   D . n 
D 4 18 C   18 48 48 C   C   D . n 
D 4 19 C   19 49 49 C   C   D . n 
# 
loop_
_pdbx_nonpoly_scheme.asym_id 
_pdbx_nonpoly_scheme.entity_id 
_pdbx_nonpoly_scheme.mon_id 
_pdbx_nonpoly_scheme.ndb_seq_num 
_pdbx_nonpoly_scheme.pdb_seq_num 
_pdbx_nonpoly_scheme.auth_seq_num 
_pdbx_nonpoly_scheme.pdb_mon_id 
_pdbx_nonpoly_scheme.auth_mon_id 
_pdbx_nonpoly_scheme.pdb_strand_id 
_pdbx_nonpoly_scheme.pdb_ins_code 
E 5 SO4 1 103 103 SO4 SO4 A . 
F 6 NCO 1 102 102 NCO NCO B . 
G 6 NCO 1 101 101 NCO NCO D . 
H 7 HOH 1 104 1   HOH HOH A . 
H 7 HOH 2 105 2   HOH HOH A . 
H 7 HOH 3 106 11  HOH HOH A . 
I 7 HOH 1 103 12  HOH HOH B . 
I 7 HOH 2 104 13  HOH HOH B . 
J 7 HOH 1 32  5   HOH HOH C . 
J 7 HOH 2 33  6   HOH HOH C . 
J 7 HOH 3 34  8   HOH HOH C . 
J 7 HOH 4 35  9   HOH HOH C . 
J 7 HOH 5 36  10  HOH HOH C . 
J 7 HOH 6 37  14  HOH HOH C . 
J 7 HOH 7 38  15  HOH HOH C . 
K 7 HOH 1 3   3   HOH HOH D . 
K 7 HOH 2 4   4   HOH HOH D . 
K 7 HOH 3 7   7   HOH HOH D . 
# 
_pdbx_struct_mod_residue.id               1 
_pdbx_struct_mod_residue.label_asym_id    A 
_pdbx_struct_mod_residue.label_comp_id    3DA 
_pdbx_struct_mod_residue.label_seq_id     5 
_pdbx_struct_mod_residue.auth_asym_id     A 
_pdbx_struct_mod_residue.auth_comp_id     3DA 
_pdbx_struct_mod_residue.auth_seq_id      5 
_pdbx_struct_mod_residue.PDB_ins_code     ? 
_pdbx_struct_mod_residue.parent_comp_id   DA 
_pdbx_struct_mod_residue.details          "3'-DEOXYADENOSINE-5'-MONOPHOSPHATE" 
# 
_pdbx_struct_assembly.id                   1 
_pdbx_struct_assembly.details              author_defined_assembly 
_pdbx_struct_assembly.method_details       ? 
_pdbx_struct_assembly.oligomeric_details   tetrameric 
_pdbx_struct_assembly.oligomeric_count     4 
# 
_pdbx_struct_assembly_gen.assembly_id       1 
_pdbx_struct_assembly_gen.oper_expression   1 
_pdbx_struct_assembly_gen.asym_id_list      A,B,C,D,E,F,G,H,I,J,K 
# 
_pdbx_struct_oper_list.id                   1 
_pdbx_struct_oper_list.type                 'identity operation' 
_pdbx_struct_oper_list.name                 1_555 
_pdbx_struct_oper_list.symmetry_operation   x,y,z 
_pdbx_struct_oper_list.matrix[1][1]         1.0000000000 
_pdbx_struct_oper_list.matrix[1][2]         0.0000000000 
_pdbx_struct_oper_list.matrix[1][3]         0.0000000000 
_pdbx_struct_oper_list.vector[1]            0.0000000000 
_pdbx_struct_oper_list.matrix[2][1]         0.0000000000 
_pdbx_struct_oper_list.matrix[2][2]         1.0000000000 
_pdbx_struct_oper_list.matrix[2][3]         0.0000000000 
_pdbx_struct_oper_list.vector[2]            0.0000000000 
_pdbx_struct_oper_list.matrix[3][1]         0.0000000000 
_pdbx_struct_oper_list.matrix[3][2]         0.0000000000 
_pdbx_struct_oper_list.matrix[3][3]         1.0000000000 
_pdbx_struct_oper_list.vector[3]            0.0000000000 
# 
loop_
_pdbx_audit_revision_history.ordinal 
_pdbx_audit_revision_history.data_content_type 
_pdbx_audit_revision_history.major_revision 
_pdbx_audit_revision_history.minor_revision 
_pdbx_audit_revision_history.revision_date 
1 'Structure model' 1 0 2007-05-22 
2 'Structure model' 1 1 2008-05-01 
3 'Structure model' 1 2 2011-07-13 
4 'Structure model' 1 3 2023-08-30 
# 
_pdbx_audit_revision_details.ordinal             1 
_pdbx_audit_revision_details.revision_ordinal    1 
_pdbx_audit_revision_details.data_content_type   'Structure model' 
_pdbx_audit_revision_details.provider            repository 
_pdbx_audit_revision_details.type                'Initial release' 
_pdbx_audit_revision_details.description         ? 
_pdbx_audit_revision_details.details             ? 
# 
loop_
_pdbx_audit_revision_group.ordinal 
_pdbx_audit_revision_group.revision_ordinal 
_pdbx_audit_revision_group.data_content_type 
_pdbx_audit_revision_group.group 
1 2 'Structure model' 'Version format compliance' 
2 3 'Structure model' 'Version format compliance' 
3 4 'Structure model' 'Data collection'           
4 4 'Structure model' 'Database references'       
5 4 'Structure model' 'Derived calculations'      
6 4 'Structure model' 'Refinement description'    
# 
loop_
_pdbx_audit_revision_category.ordinal 
_pdbx_audit_revision_category.revision_ordinal 
_pdbx_audit_revision_category.data_content_type 
_pdbx_audit_revision_category.category 
1 4 'Structure model' chem_comp_atom                
2 4 'Structure model' chem_comp_bond                
3 4 'Structure model' database_2                    
4 4 'Structure model' pdbx_initial_refinement_model 
5 4 'Structure model' struct_conn                   
6 4 'Structure model' struct_site                   
# 
loop_
_pdbx_audit_revision_item.ordinal 
_pdbx_audit_revision_item.revision_ordinal 
_pdbx_audit_revision_item.data_content_type 
_pdbx_audit_revision_item.item 
1  4 'Structure model' '_database_2.pdbx_DOI'                
2  4 'Structure model' '_database_2.pdbx_database_accession' 
3  4 'Structure model' '_struct_conn.pdbx_dist_value'        
4  4 'Structure model' '_struct_conn.pdbx_leaving_atom_flag' 
5  4 'Structure model' '_struct_conn.ptnr1_auth_comp_id'     
6  4 'Structure model' '_struct_conn.ptnr1_auth_seq_id'      
7  4 'Structure model' '_struct_conn.ptnr1_label_atom_id'    
8  4 'Structure model' '_struct_conn.ptnr1_label_comp_id'    
9  4 'Structure model' '_struct_conn.ptnr1_label_seq_id'     
10 4 'Structure model' '_struct_conn.ptnr2_auth_comp_id'     
11 4 'Structure model' '_struct_conn.ptnr2_auth_seq_id'      
12 4 'Structure model' '_struct_conn.ptnr2_label_comp_id'    
13 4 'Structure model' '_struct_conn.ptnr2_label_seq_id'     
14 4 'Structure model' '_struct_site.pdbx_auth_asym_id'      
15 4 'Structure model' '_struct_site.pdbx_auth_comp_id'      
16 4 'Structure model' '_struct_site.pdbx_auth_seq_id'       
# 
loop_
_software.name 
_software.classification 
_software.version 
_software.citation_id 
_software.pdbx_ordinal 
Blu-Ice      'data collection' . ? 1 
CNS          refinement        . ? 2 
CrystalClear 'data reduction'  . ? 3 
CrystalClear 'data scaling'    . ? 4 
CNS          phasing           . ? 5 
# 
loop_
_pdbx_validate_rmsd_angle.id 
_pdbx_validate_rmsd_angle.PDB_model_num 
_pdbx_validate_rmsd_angle.auth_atom_id_1 
_pdbx_validate_rmsd_angle.auth_asym_id_1 
_pdbx_validate_rmsd_angle.auth_comp_id_1 
_pdbx_validate_rmsd_angle.auth_seq_id_1 
_pdbx_validate_rmsd_angle.PDB_ins_code_1 
_pdbx_validate_rmsd_angle.label_alt_id_1 
_pdbx_validate_rmsd_angle.auth_atom_id_2 
_pdbx_validate_rmsd_angle.auth_asym_id_2 
_pdbx_validate_rmsd_angle.auth_comp_id_2 
_pdbx_validate_rmsd_angle.auth_seq_id_2 
_pdbx_validate_rmsd_angle.PDB_ins_code_2 
_pdbx_validate_rmsd_angle.label_alt_id_2 
_pdbx_validate_rmsd_angle.auth_atom_id_3 
_pdbx_validate_rmsd_angle.auth_asym_id_3 
_pdbx_validate_rmsd_angle.auth_comp_id_3 
_pdbx_validate_rmsd_angle.auth_seq_id_3 
_pdbx_validate_rmsd_angle.PDB_ins_code_3 
_pdbx_validate_rmsd_angle.label_alt_id_3 
_pdbx_validate_rmsd_angle.angle_value 
_pdbx_validate_rmsd_angle.angle_target_value 
_pdbx_validate_rmsd_angle.angle_deviation 
_pdbx_validate_rmsd_angle.angle_standard_deviation 
_pdbx_validate_rmsd_angle.linker_flag 
1 1 "O4'" A G 6  ? ? "C1'" A G 6  ? ? N9 A G 6  ? ? 112.75 108.50 4.25 0.70 N 
2 1 "O4'" D U 37 ? ? "C1'" D U 37 ? ? N1 D U 37 ? ? 113.00 108.50 4.50 0.70 N 
# 
loop_
_pdbx_validate_planes.id 
_pdbx_validate_planes.PDB_model_num 
_pdbx_validate_planes.auth_comp_id 
_pdbx_validate_planes.auth_asym_id 
_pdbx_validate_planes.auth_seq_id 
_pdbx_validate_planes.PDB_ins_code 
_pdbx_validate_planes.label_alt_id 
_pdbx_validate_planes.rmsd 
_pdbx_validate_planes.type 
1 1 G B 8  ? ? 0.072 'SIDE CHAIN' 
2 1 U D 34 ? ? 0.059 'SIDE CHAIN' 
3 1 G D 35 ? ? 0.058 'SIDE CHAIN' 
4 1 U D 37 ? ? 0.071 'SIDE CHAIN' 
5 1 C D 39 ? ? 0.076 'SIDE CHAIN' 
6 1 U D 41 ? ? 0.068 'SIDE CHAIN' 
# 
loop_
_chem_comp_atom.comp_id 
_chem_comp_atom.atom_id 
_chem_comp_atom.type_symbol 
_chem_comp_atom.pdbx_aromatic_flag 
_chem_comp_atom.pdbx_stereo_config 
_chem_comp_atom.pdbx_ordinal 
3DA P      P  N N 1   
3DA O1P    O  N N 2   
3DA O2P    O  N N 3   
3DA "O5'"  O  N N 4   
3DA "C5'"  C  N N 5   
3DA "C4'"  C  N S 6   
3DA "O4'"  O  N N 7   
3DA "C1'"  C  N R 8   
3DA N9     N  Y N 9   
3DA C4     C  Y N 10  
3DA N3     N  Y N 11  
3DA C2     C  Y N 12  
3DA N1     N  Y N 13  
3DA C6     C  Y N 14  
3DA N6     N  N N 15  
3DA C5     C  Y N 16  
3DA N7     N  Y N 17  
3DA C8     C  Y N 18  
3DA "C2'"  C  N R 19  
3DA "O2'"  O  N N 20  
3DA "C3'"  C  N N 21  
3DA O3P    O  N N 22  
3DA HOP2   H  N N 23  
3DA "H5'1" H  N N 24  
3DA "H5'2" H  N N 25  
3DA "H4'"  H  N N 26  
3DA "H1'"  H  N N 27  
3DA H2     H  N N 28  
3DA HN61   H  N N 29  
3DA HN62   H  N N 30  
3DA H8     H  N N 31  
3DA "H2'1" H  N N 32  
3DA "HO'2" H  N N 33  
3DA "H3'1" H  N N 34  
3DA "H3'2" H  N N 35  
3DA HOP3   H  N N 36  
A   OP3    O  N N 37  
A   P      P  N N 38  
A   OP1    O  N N 39  
A   OP2    O  N N 40  
A   "O5'"  O  N N 41  
A   "C5'"  C  N N 42  
A   "C4'"  C  N R 43  
A   "O4'"  O  N N 44  
A   "C3'"  C  N S 45  
A   "O3'"  O  N N 46  
A   "C2'"  C  N R 47  
A   "O2'"  O  N N 48  
A   "C1'"  C  N R 49  
A   N9     N  Y N 50  
A   C8     C  Y N 51  
A   N7     N  Y N 52  
A   C5     C  Y N 53  
A   C6     C  Y N 54  
A   N6     N  N N 55  
A   N1     N  Y N 56  
A   C2     C  Y N 57  
A   N3     N  Y N 58  
A   C4     C  Y N 59  
A   HOP3   H  N N 60  
A   HOP2   H  N N 61  
A   "H5'"  H  N N 62  
A   "H5''" H  N N 63  
A   "H4'"  H  N N 64  
A   "H3'"  H  N N 65  
A   "HO3'" H  N N 66  
A   "H2'"  H  N N 67  
A   "HO2'" H  N N 68  
A   "H1'"  H  N N 69  
A   H8     H  N N 70  
A   H61    H  N N 71  
A   H62    H  N N 72  
A   H2     H  N N 73  
C   OP3    O  N N 74  
C   P      P  N N 75  
C   OP1    O  N N 76  
C   OP2    O  N N 77  
C   "O5'"  O  N N 78  
C   "C5'"  C  N N 79  
C   "C4'"  C  N R 80  
C   "O4'"  O  N N 81  
C   "C3'"  C  N S 82  
C   "O3'"  O  N N 83  
C   "C2'"  C  N R 84  
C   "O2'"  O  N N 85  
C   "C1'"  C  N R 86  
C   N1     N  N N 87  
C   C2     C  N N 88  
C   O2     O  N N 89  
C   N3     N  N N 90  
C   C4     C  N N 91  
C   N4     N  N N 92  
C   C5     C  N N 93  
C   C6     C  N N 94  
C   HOP3   H  N N 95  
C   HOP2   H  N N 96  
C   "H5'"  H  N N 97  
C   "H5''" H  N N 98  
C   "H4'"  H  N N 99  
C   "H3'"  H  N N 100 
C   "HO3'" H  N N 101 
C   "H2'"  H  N N 102 
C   "HO2'" H  N N 103 
C   "H1'"  H  N N 104 
C   H41    H  N N 105 
C   H42    H  N N 106 
C   H5     H  N N 107 
C   H6     H  N N 108 
G   OP3    O  N N 109 
G   P      P  N N 110 
G   OP1    O  N N 111 
G   OP2    O  N N 112 
G   "O5'"  O  N N 113 
G   "C5'"  C  N N 114 
G   "C4'"  C  N R 115 
G   "O4'"  O  N N 116 
G   "C3'"  C  N S 117 
G   "O3'"  O  N N 118 
G   "C2'"  C  N R 119 
G   "O2'"  O  N N 120 
G   "C1'"  C  N R 121 
G   N9     N  Y N 122 
G   C8     C  Y N 123 
G   N7     N  Y N 124 
G   C5     C  Y N 125 
G   C6     C  N N 126 
G   O6     O  N N 127 
G   N1     N  N N 128 
G   C2     C  N N 129 
G   N2     N  N N 130 
G   N3     N  N N 131 
G   C4     C  Y N 132 
G   HOP3   H  N N 133 
G   HOP2   H  N N 134 
G   "H5'"  H  N N 135 
G   "H5''" H  N N 136 
G   "H4'"  H  N N 137 
G   "H3'"  H  N N 138 
G   "HO3'" H  N N 139 
G   "H2'"  H  N N 140 
G   "HO2'" H  N N 141 
G   "H1'"  H  N N 142 
G   H8     H  N N 143 
G   H1     H  N N 144 
G   H21    H  N N 145 
G   H22    H  N N 146 
HOH O      O  N N 147 
HOH H1     H  N N 148 
HOH H2     H  N N 149 
NCO CO     CO N N 150 
NCO N1     N  N N 151 
NCO N2     N  N N 152 
NCO N3     N  N N 153 
NCO N4     N  N N 154 
NCO N5     N  N N 155 
NCO N6     N  N N 156 
NCO HN11   H  N N 157 
NCO HN12   H  N N 158 
NCO HN13   H  N N 159 
NCO HN21   H  N N 160 
NCO HN22   H  N N 161 
NCO HN23   H  N N 162 
NCO HN31   H  N N 163 
NCO HN32   H  N N 164 
NCO HN33   H  N N 165 
NCO HN41   H  N N 166 
NCO HN42   H  N N 167 
NCO HN43   H  N N 168 
NCO HN51   H  N N 169 
NCO HN52   H  N N 170 
NCO HN53   H  N N 171 
NCO HN61   H  N N 172 
NCO HN62   H  N N 173 
NCO HN63   H  N N 174 
SO4 S      S  N N 175 
SO4 O1     O  N N 176 
SO4 O2     O  N N 177 
SO4 O3     O  N N 178 
SO4 O4     O  N N 179 
U   OP3    O  N N 180 
U   P      P  N N 181 
U   OP1    O  N N 182 
U   OP2    O  N N 183 
U   "O5'"  O  N N 184 
U   "C5'"  C  N N 185 
U   "C4'"  C  N R 186 
U   "O4'"  O  N N 187 
U   "C3'"  C  N S 188 
U   "O3'"  O  N N 189 
U   "C2'"  C  N R 190 
U   "O2'"  O  N N 191 
U   "C1'"  C  N R 192 
U   N1     N  N N 193 
U   C2     C  N N 194 
U   O2     O  N N 195 
U   N3     N  N N 196 
U   C4     C  N N 197 
U   O4     O  N N 198 
U   C5     C  N N 199 
U   C6     C  N N 200 
U   HOP3   H  N N 201 
U   HOP2   H  N N 202 
U   "H5'"  H  N N 203 
U   "H5''" H  N N 204 
U   "H4'"  H  N N 205 
U   "H3'"  H  N N 206 
U   "HO3'" H  N N 207 
U   "H2'"  H  N N 208 
U   "HO2'" H  N N 209 
U   "H1'"  H  N N 210 
U   H3     H  N N 211 
U   H5     H  N N 212 
U   H6     H  N N 213 
# 
loop_
_chem_comp_bond.comp_id 
_chem_comp_bond.atom_id_1 
_chem_comp_bond.atom_id_2 
_chem_comp_bond.value_order 
_chem_comp_bond.pdbx_aromatic_flag 
_chem_comp_bond.pdbx_stereo_config 
_chem_comp_bond.pdbx_ordinal 
3DA P     O1P    doub N N 1   
3DA P     O2P    sing N N 2   
3DA P     "O5'"  sing N N 3   
3DA P     O3P    sing N N 4   
3DA O2P   HOP2   sing N N 5   
3DA "O5'" "C5'"  sing N N 6   
3DA "C5'" "C4'"  sing N N 7   
3DA "C5'" "H5'1" sing N N 8   
3DA "C5'" "H5'2" sing N N 9   
3DA "C4'" "O4'"  sing N N 10  
3DA "C4'" "C3'"  sing N N 11  
3DA "C4'" "H4'"  sing N N 12  
3DA "O4'" "C1'"  sing N N 13  
3DA "C1'" N9     sing N N 14  
3DA "C1'" "C2'"  sing N N 15  
3DA "C1'" "H1'"  sing N N 16  
3DA N9    C4     sing Y N 17  
3DA N9    C8     sing Y N 18  
3DA C4    N3     sing Y N 19  
3DA C4    C5     doub Y N 20  
3DA N3    C2     doub Y N 21  
3DA C2    N1     sing Y N 22  
3DA C2    H2     sing N N 23  
3DA N1    C6     doub Y N 24  
3DA C6    N6     sing N N 25  
3DA C6    C5     sing Y N 26  
3DA N6    HN61   sing N N 27  
3DA N6    HN62   sing N N 28  
3DA C5    N7     sing Y N 29  
3DA N7    C8     doub Y N 30  
3DA C8    H8     sing N N 31  
3DA "C2'" "O2'"  sing N N 32  
3DA "C2'" "C3'"  sing N N 33  
3DA "C2'" "H2'1" sing N N 34  
3DA "O2'" "HO'2" sing N N 35  
3DA "C3'" "H3'1" sing N N 36  
3DA "C3'" "H3'2" sing N N 37  
3DA O3P   HOP3   sing N N 38  
A   OP3   P      sing N N 39  
A   OP3   HOP3   sing N N 40  
A   P     OP1    doub N N 41  
A   P     OP2    sing N N 42  
A   P     "O5'"  sing N N 43  
A   OP2   HOP2   sing N N 44  
A   "O5'" "C5'"  sing N N 45  
A   "C5'" "C4'"  sing N N 46  
A   "C5'" "H5'"  sing N N 47  
A   "C5'" "H5''" sing N N 48  
A   "C4'" "O4'"  sing N N 49  
A   "C4'" "C3'"  sing N N 50  
A   "C4'" "H4'"  sing N N 51  
A   "O4'" "C1'"  sing N N 52  
A   "C3'" "O3'"  sing N N 53  
A   "C3'" "C2'"  sing N N 54  
A   "C3'" "H3'"  sing N N 55  
A   "O3'" "HO3'" sing N N 56  
A   "C2'" "O2'"  sing N N 57  
A   "C2'" "C1'"  sing N N 58  
A   "C2'" "H2'"  sing N N 59  
A   "O2'" "HO2'" sing N N 60  
A   "C1'" N9     sing N N 61  
A   "C1'" "H1'"  sing N N 62  
A   N9    C8     sing Y N 63  
A   N9    C4     sing Y N 64  
A   C8    N7     doub Y N 65  
A   C8    H8     sing N N 66  
A   N7    C5     sing Y N 67  
A   C5    C6     sing Y N 68  
A   C5    C4     doub Y N 69  
A   C6    N6     sing N N 70  
A   C6    N1     doub Y N 71  
A   N6    H61    sing N N 72  
A   N6    H62    sing N N 73  
A   N1    C2     sing Y N 74  
A   C2    N3     doub Y N 75  
A   C2    H2     sing N N 76  
A   N3    C4     sing Y N 77  
C   OP3   P      sing N N 78  
C   OP3   HOP3   sing N N 79  
C   P     OP1    doub N N 80  
C   P     OP2    sing N N 81  
C   P     "O5'"  sing N N 82  
C   OP2   HOP2   sing N N 83  
C   "O5'" "C5'"  sing N N 84  
C   "C5'" "C4'"  sing N N 85  
C   "C5'" "H5'"  sing N N 86  
C   "C5'" "H5''" sing N N 87  
C   "C4'" "O4'"  sing N N 88  
C   "C4'" "C3'"  sing N N 89  
C   "C4'" "H4'"  sing N N 90  
C   "O4'" "C1'"  sing N N 91  
C   "C3'" "O3'"  sing N N 92  
C   "C3'" "C2'"  sing N N 93  
C   "C3'" "H3'"  sing N N 94  
C   "O3'" "HO3'" sing N N 95  
C   "C2'" "O2'"  sing N N 96  
C   "C2'" "C1'"  sing N N 97  
C   "C2'" "H2'"  sing N N 98  
C   "O2'" "HO2'" sing N N 99  
C   "C1'" N1     sing N N 100 
C   "C1'" "H1'"  sing N N 101 
C   N1    C2     sing N N 102 
C   N1    C6     sing N N 103 
C   C2    O2     doub N N 104 
C   C2    N3     sing N N 105 
C   N3    C4     doub N N 106 
C   C4    N4     sing N N 107 
C   C4    C5     sing N N 108 
C   N4    H41    sing N N 109 
C   N4    H42    sing N N 110 
C   C5    C6     doub N N 111 
C   C5    H5     sing N N 112 
C   C6    H6     sing N N 113 
G   OP3   P      sing N N 114 
G   OP3   HOP3   sing N N 115 
G   P     OP1    doub N N 116 
G   P     OP2    sing N N 117 
G   P     "O5'"  sing N N 118 
G   OP2   HOP2   sing N N 119 
G   "O5'" "C5'"  sing N N 120 
G   "C5'" "C4'"  sing N N 121 
G   "C5'" "H5'"  sing N N 122 
G   "C5'" "H5''" sing N N 123 
G   "C4'" "O4'"  sing N N 124 
G   "C4'" "C3'"  sing N N 125 
G   "C4'" "H4'"  sing N N 126 
G   "O4'" "C1'"  sing N N 127 
G   "C3'" "O3'"  sing N N 128 
G   "C3'" "C2'"  sing N N 129 
G   "C3'" "H3'"  sing N N 130 
G   "O3'" "HO3'" sing N N 131 
G   "C2'" "O2'"  sing N N 132 
G   "C2'" "C1'"  sing N N 133 
G   "C2'" "H2'"  sing N N 134 
G   "O2'" "HO2'" sing N N 135 
G   "C1'" N9     sing N N 136 
G   "C1'" "H1'"  sing N N 137 
G   N9    C8     sing Y N 138 
G   N9    C4     sing Y N 139 
G   C8    N7     doub Y N 140 
G   C8    H8     sing N N 141 
G   N7    C5     sing Y N 142 
G   C5    C6     sing N N 143 
G   C5    C4     doub Y N 144 
G   C6    O6     doub N N 145 
G   C6    N1     sing N N 146 
G   N1    C2     sing N N 147 
G   N1    H1     sing N N 148 
G   C2    N2     sing N N 149 
G   C2    N3     doub N N 150 
G   N2    H21    sing N N 151 
G   N2    H22    sing N N 152 
G   N3    C4     sing N N 153 
HOH O     H1     sing N N 154 
HOH O     H2     sing N N 155 
NCO CO    N1     sing N N 156 
NCO CO    N2     sing N N 157 
NCO CO    N3     sing N N 158 
NCO CO    N4     sing N N 159 
NCO CO    N5     sing N N 160 
NCO CO    N6     sing N N 161 
NCO N1    HN11   sing N N 162 
NCO N1    HN12   sing N N 163 
NCO N1    HN13   sing N N 164 
NCO N2    HN21   sing N N 165 
NCO N2    HN22   sing N N 166 
NCO N2    HN23   sing N N 167 
NCO N3    HN31   sing N N 168 
NCO N3    HN32   sing N N 169 
NCO N3    HN33   sing N N 170 
NCO N4    HN41   sing N N 171 
NCO N4    HN42   sing N N 172 
NCO N4    HN43   sing N N 173 
NCO N5    HN51   sing N N 174 
NCO N5    HN52   sing N N 175 
NCO N5    HN53   sing N N 176 
NCO N6    HN61   sing N N 177 
NCO N6    HN62   sing N N 178 
NCO N6    HN63   sing N N 179 
SO4 S     O1     doub N N 180 
SO4 S     O2     doub N N 181 
SO4 S     O3     sing N N 182 
SO4 S     O4     sing N N 183 
U   OP3   P      sing N N 184 
U   OP3   HOP3   sing N N 185 
U   P     OP1    doub N N 186 
U   P     OP2    sing N N 187 
U   P     "O5'"  sing N N 188 
U   OP2   HOP2   sing N N 189 
U   "O5'" "C5'"  sing N N 190 
U   "C5'" "C4'"  sing N N 191 
U   "C5'" "H5'"  sing N N 192 
U   "C5'" "H5''" sing N N 193 
U   "C4'" "O4'"  sing N N 194 
U   "C4'" "C3'"  sing N N 195 
U   "C4'" "H4'"  sing N N 196 
U   "O4'" "C1'"  sing N N 197 
U   "C3'" "O3'"  sing N N 198 
U   "C3'" "C2'"  sing N N 199 
U   "C3'" "H3'"  sing N N 200 
U   "O3'" "HO3'" sing N N 201 
U   "C2'" "O2'"  sing N N 202 
U   "C2'" "C1'"  sing N N 203 
U   "C2'" "H2'"  sing N N 204 
U   "O2'" "HO2'" sing N N 205 
U   "C1'" N1     sing N N 206 
U   "C1'" "H1'"  sing N N 207 
U   N1    C2     sing N N 208 
U   N1    C6     sing N N 209 
U   C2    O2     doub N N 210 
U   C2    N3     sing N N 211 
U   N3    C4     sing N N 212 
U   N3    H3     sing N N 213 
U   C4    O4     doub N N 214 
U   C4    C5     sing N N 215 
U   C5    C6     doub N N 216 
U   C5    H5     sing N N 217 
U   C6    H6     sing N N 218 
# 
loop_
_ndb_struct_conf_na.entry_id 
_ndb_struct_conf_na.feature 
2P7F 'double helix'         
2P7F 'a-form double helix'  
2P7F 'bulge loop'           
2P7F 'mismatched base pair' 
2P7F 'internal loop'        
# 
loop_
_ndb_struct_na_base_pair.model_number 
_ndb_struct_na_base_pair.i_label_asym_id 
_ndb_struct_na_base_pair.i_label_comp_id 
_ndb_struct_na_base_pair.i_label_seq_id 
_ndb_struct_na_base_pair.i_symmetry 
_ndb_struct_na_base_pair.j_label_asym_id 
_ndb_struct_na_base_pair.j_label_comp_id 
_ndb_struct_na_base_pair.j_label_seq_id 
_ndb_struct_na_base_pair.j_symmetry 
_ndb_struct_na_base_pair.shear 
_ndb_struct_na_base_pair.stretch 
_ndb_struct_na_base_pair.stagger 
_ndb_struct_na_base_pair.buckle 
_ndb_struct_na_base_pair.propeller 
_ndb_struct_na_base_pair.opening 
_ndb_struct_na_base_pair.pair_number 
_ndb_struct_na_base_pair.pair_name 
_ndb_struct_na_base_pair.i_auth_asym_id 
_ndb_struct_na_base_pair.i_auth_seq_id 
_ndb_struct_na_base_pair.i_PDB_ins_code 
_ndb_struct_na_base_pair.j_auth_asym_id 
_ndb_struct_na_base_pair.j_auth_seq_id 
_ndb_struct_na_base_pair.j_PDB_ins_code 
_ndb_struct_na_base_pair.hbond_type_28 
_ndb_struct_na_base_pair.hbond_type_12 
1 A C   2  1_555 B G 12 1_555 0.318  -0.190 -0.430 6.732   -17.023 2.623    1  A_C2:G13_B  A 2  ? B 13 ? 19 1  
1 A C   3  1_555 B G 11 1_555 0.219  -0.097 -0.006 -4.605  -8.524  0.922    2  A_C3:G12_B  A 3  ? B 12 ? 19 1  
1 A C   4  1_555 B G 10 1_555 0.344  -0.110 0.248  -0.590  5.479   2.467    3  A_C4:G11_B  A 4  ? B 11 ? 19 1  
1 A 3DA 5  1_555 B A 8  1_555 6.568  -3.523 -0.245 6.144   0.296   -29.234  4  A_3DA5:A9_B A 5  ? B 9  ? ?  10 
1 A U   7  1_555 B G 7  1_555 -7.764 -3.049 -0.212 8.063   14.786  -20.456  5  A_U7:G8_B   A 7  ? B 8  ? ?  ?  
1 A C   8  1_555 B A 6  1_555 -2.734 0.711  -1.090 22.297  -14.731 4.133    6  A_C8:A7_B   A 8  ? B 7  ? ?  ?  
1 A C   9  1_555 B G 5  1_555 0.489  0.017  0.039  8.796   -12.276 5.029    7  A_C9:G6_B   A 9  ? B 6  ? 19 1  
1 A A   10 1_555 B U 4  1_555 0.168  -0.024 0.480  5.130   -18.223 3.873    8  A_A10:U5_B  A 10 ? B 5  ? 20 1  
1 A C   11 1_555 B G 3  1_555 0.565  0.199  0.239  7.711   -14.703 12.195   9  A_C11:G4_B  A 11 ? B 4  ? ?  1  
1 A C   12 1_555 B G 2  1_555 0.955  -0.052 0.415  2.394   -12.879 9.361    10 A_C12:G3_B  A 12 ? B 3  ? 19 1  
1 A G   13 1_555 B C 1  1_555 0.085  -0.063 0.265  2.179   -7.751  3.668    11 A_G13:C2_B  A 13 ? B 2  ? 19 1  
1 C G   1  1_555 D C 19 1_555 -0.196 0.015  0.666  3.508   -1.364  0.730    12 C_G15:C49_D C 15 ? D 49 ? 19 1  
1 C G   2  1_555 D C 18 1_555 -0.684 -0.128 0.706  13.719  -11.824 0.739    13 C_G16:C48_D C 16 ? D 48 ? 19 1  
1 C C   3  1_555 D G 17 1_555 0.259  -0.019 0.075  8.092   -13.716 0.603    14 C_C17:G47_D C 17 ? D 47 ? 19 1  
1 C A   4  1_555 D U 16 1_555 0.054  0.058  -0.212 -1.565  -7.606  5.623    15 C_A18:U46_D C 18 ? D 46 ? 20 1  
1 C G   5  1_555 D C 15 1_555 -0.339 -0.027 -0.439 -9.911  -8.583  1.953    16 C_G19:C45_D C 19 ? D 45 ? 19 1  
1 C A   6  1_555 D C 14 1_555 1.982  0.504  -0.646 -16.673 -7.591  17.467   17 C_A20:C44_D C 20 ? D 44 ? ?  ?  
1 C G   7  1_555 D A 13 1_555 6.905  -4.438 -0.318 -3.260  1.742   -5.787   18 C_G21:A43_D C 21 ? D 43 ? 11 10 
1 C A   8  1_555 D U 11 1_555 -4.166 -1.776 0.077  -5.431  -8.203  -102.791 19 C_A22:U41_D C 22 ? D 41 ? 24 4  
1 C A   9  1_555 D A 10 1_555 -4.550 0.749  -0.352 -0.088  -20.455 -96.388  20 C_A23:A40_D C 23 ? D 40 ? ?  ?  
1 C A   10 1_555 D A 8  1_555 5.045  3.495  -0.370 -4.199  -14.930 -155.027 21 C_A24:A38_D C 24 ? D 38 ? ?  ?  
1 C C   11 1_555 A G 6  1_555 0.009  -0.045 0.176  12.788  -9.035  0.929    22 C_C25:G6_A  C 25 ? A 6  ? 19 1  
1 C A   12 1_555 D G 6  1_555 0.039  1.416  -0.450 -11.469 -20.338 -17.864  23 C_A26:G36_D C 26 ? D 36 ? 8  ?  
1 C C   13 1_555 D G 5  1_555 0.191  -0.233 0.040  6.821   -19.904 -0.626   24 C_C27:G35_D C 27 ? D 35 ? 19 1  
1 C A   14 1_555 D U 4  1_555 0.023  -0.188 0.199  2.488   -18.684 -0.084   25 C_A28:U34_D C 28 ? D 34 ? 20 1  
1 C C   15 1_555 D G 3  1_555 0.073  -0.097 0.077  3.396   -15.206 2.061    26 C_C29:G33_D C 29 ? D 33 ? 19 1  
1 C G   16 1_555 D C 2  1_555 -0.537 -0.030 0.185  -5.807  -11.420 -0.993   27 C_G30:C32_D C 30 ? D 32 ? 19 1  
1 C A   17 1_555 D U 1  1_555 0.517  -0.115 0.222  -0.379  -8.522  -0.490   28 C_A31:U31_D C 31 ? D 31 ? 20 1  
# 
loop_
_ndb_struct_na_base_pair_step.model_number 
_ndb_struct_na_base_pair_step.i_label_asym_id_1 
_ndb_struct_na_base_pair_step.i_label_comp_id_1 
_ndb_struct_na_base_pair_step.i_label_seq_id_1 
_ndb_struct_na_base_pair_step.i_symmetry_1 
_ndb_struct_na_base_pair_step.j_label_asym_id_1 
_ndb_struct_na_base_pair_step.j_label_comp_id_1 
_ndb_struct_na_base_pair_step.j_label_seq_id_1 
_ndb_struct_na_base_pair_step.j_symmetry_1 
_ndb_struct_na_base_pair_step.i_label_asym_id_2 
_ndb_struct_na_base_pair_step.i_label_comp_id_2 
_ndb_struct_na_base_pair_step.i_label_seq_id_2 
_ndb_struct_na_base_pair_step.i_symmetry_2 
_ndb_struct_na_base_pair_step.j_label_asym_id_2 
_ndb_struct_na_base_pair_step.j_label_comp_id_2 
_ndb_struct_na_base_pair_step.j_label_seq_id_2 
_ndb_struct_na_base_pair_step.j_symmetry_2 
_ndb_struct_na_base_pair_step.shift 
_ndb_struct_na_base_pair_step.slide 
_ndb_struct_na_base_pair_step.rise 
_ndb_struct_na_base_pair_step.tilt 
_ndb_struct_na_base_pair_step.roll 
_ndb_struct_na_base_pair_step.twist 
_ndb_struct_na_base_pair_step.x_displacement 
_ndb_struct_na_base_pair_step.y_displacement 
_ndb_struct_na_base_pair_step.helical_rise 
_ndb_struct_na_base_pair_step.inclination 
_ndb_struct_na_base_pair_step.tip 
_ndb_struct_na_base_pair_step.helical_twist 
_ndb_struct_na_base_pair_step.step_number 
_ndb_struct_na_base_pair_step.step_name 
_ndb_struct_na_base_pair_step.i_auth_asym_id_1 
_ndb_struct_na_base_pair_step.i_auth_seq_id_1 
_ndb_struct_na_base_pair_step.i_PDB_ins_code_1 
_ndb_struct_na_base_pair_step.j_auth_asym_id_1 
_ndb_struct_na_base_pair_step.j_auth_seq_id_1 
_ndb_struct_na_base_pair_step.j_PDB_ins_code_1 
_ndb_struct_na_base_pair_step.i_auth_asym_id_2 
_ndb_struct_na_base_pair_step.i_auth_seq_id_2 
_ndb_struct_na_base_pair_step.i_PDB_ins_code_2 
_ndb_struct_na_base_pair_step.j_auth_asym_id_2 
_ndb_struct_na_base_pair_step.j_auth_seq_id_2 
_ndb_struct_na_base_pair_step.j_PDB_ins_code_2 
1 A C   2  1_555 B G 12 1_555 A C   3  1_555 B G 11 1_555 -0.544 -1.853 3.568 -1.745  11.070 31.357  -5.095 0.658  2.796 19.711 
3.107   33.252  1  AA_C2C3:G12G13_BB   A 2  ? B 13 ? A 3  ? B 12 ? 
1 A C   3  1_555 B G 11 1_555 A C   4  1_555 B G 10 1_555 0.482  -1.549 3.346 0.737   8.043  27.346  -4.911 -0.818 2.797 16.560 
-1.518  28.492  2  AA_C3C4:G11G12_BB   A 3  ? B 12 ? A 4  ? B 11 ? 
1 A C   4  1_555 B G 10 1_555 A 3DA 5  1_555 B A 8  1_555 -0.172 -0.989 5.290 -3.401  23.711 75.939  -1.809 -0.013 4.867 18.831 
2.701   79.080  3  AA_C43DA5:A9G11_BB  A 4  ? B 11 ? A 5  ? B 9  ? 
1 A 3DA 5  1_555 B A 8  1_555 A U   7  1_555 B G 7  1_555 -1.763 -0.116 3.352 9.100   4.452  11.276  -3.473 12.883 1.409 18.482 
-37.780 15.147  4  AA_3DA5U7:G8A9_BB   A 5  ? B 9  ? A 7  ? B 8  ? 
1 A U   7  1_555 B G 7  1_555 A C   8  1_555 B A 6  1_555 0.718  -1.255 3.130 -2.766  9.158  48.053  -2.152 -1.059 2.817 11.117 
3.357   48.940  5  AA_U7C8:A7G8_BB     A 7  ? B 8  ? A 8  ? B 7  ? 
1 A C   8  1_555 B A 6  1_555 A C   9  1_555 B G 5  1_555 -0.058 -1.370 3.868 -9.367  9.805  41.721  -2.906 -0.944 3.414 13.350 
12.754  43.776  6  AA_C8C9:G6A7_BB     A 8  ? B 7  ? A 9  ? B 6  ? 
1 A C   9  1_555 B G 5  1_555 A A   10 1_555 B U 4  1_555 -0.180 -1.798 3.188 -2.601  7.834  32.815  -4.249 -0.075 2.705 13.600 
4.515   33.809  7  AA_C9A10:U5G6_BB    A 9  ? B 6  ? A 10 ? B 5  ? 
1 A A   10 1_555 B U 4  1_555 A C   11 1_555 B G 3  1_555 0.050  -1.582 3.176 2.071   5.072  29.056  -4.103 0.310  2.861 9.998  
-4.081  29.557  8  AA_A10C11:G4U5_BB   A 10 ? B 5  ? A 11 ? B 4  ? 
1 A C   11 1_555 B G 3  1_555 A C   12 1_555 B G 2  1_555 -0.153 -1.985 3.218 -0.945  7.215  31.631  -4.719 0.121  2.714 13.021 
1.705   32.436  9  AA_C11C12:G3G4_BB   A 11 ? B 4  ? A 12 ? B 3  ? 
1 A C   12 1_555 B G 2  1_555 A G   13 1_555 B C 1  1_555 -0.272 -1.784 2.996 2.139   9.708  30.434  -4.699 0.816  2.308 17.903 
-3.944  31.980  10 AA_C12G13:C2G3_BB   A 12 ? B 3  ? A 13 ? B 2  ? 
1 C G   1  1_555 D C 19 1_555 C G   2  1_555 D C 18 1_555 -0.656 -1.382 2.861 -2.307  4.944  32.005  -3.211 0.829  2.662 8.887  
4.146   32.455  11 CC_G15G16:C48C49_DD C 15 ? D 49 ? C 16 ? D 48 ? 
1 C G   2  1_555 D C 18 1_555 C C   3  1_555 D G 17 1_555 0.234  -1.274 3.395 3.813   6.703  39.074  -2.656 0.103  3.151 9.905  
-5.634  39.799  12 CC_G16C17:G47C48_DD C 16 ? D 48 ? C 17 ? D 47 ? 
1 C C   3  1_555 D G 17 1_555 C A   4  1_555 D U 16 1_555 0.321  -1.756 3.402 1.196   11.229 29.641  -5.182 -0.379 2.592 21.013 
-2.238  31.674  13 CC_C17A18:U46G47_DD C 17 ? D 47 ? C 18 ? D 46 ? 
1 C A   4  1_555 D U 16 1_555 C G   5  1_555 D C 15 1_555 0.111  -2.004 3.490 0.465   8.729  30.244  -5.303 -0.118 2.818 16.306 
-0.869  31.454  14 CC_A18G19:C45U46_DD C 18 ? D 46 ? C 19 ? D 45 ? 
1 C G   5  1_555 D C 15 1_555 C A   6  1_555 D C 14 1_555 1.058  -1.233 3.543 3.784   8.955  35.649  -3.226 -1.131 3.242 14.302 
-6.044  36.910  15 CC_G19A20:C44C45_DD C 19 ? D 45 ? C 20 ? D 44 ? 
1 C A   6  1_555 D C 14 1_555 C G   7  1_555 D A 13 1_555 -0.538 -0.926 3.060 4.759   5.974  58.957  -1.211 0.764  2.915 6.042  
-4.813  59.406  16 CC_A20G21:A43C44_DD C 20 ? D 44 ? C 21 ? D 43 ? 
1 C G   7  1_555 D A 13 1_555 C A   8  1_555 D U 11 1_555 -2.288 -0.506 3.523 2.566   -0.790 13.668  -1.314 11.948 3.066 -3.277 
-10.647 13.928  17 CC_G21A22:U41A43_DD C 21 ? D 43 ? C 22 ? D 41 ? 
1 C A   8  1_555 D U 11 1_555 C A   9  1_555 D A 10 1_555 0.058  -2.464 3.526 -10.624 7.478  44.255  -3.807 -1.007 3.004 9.681  
13.755  46.030  18 CC_A22A23:A40U41_DD C 22 ? D 41 ? C 23 ? D 40 ? 
1 C A   9  1_555 D A 10 1_555 C A   10 1_555 D A 8  1_555 -3.723 -3.077 3.531 -7.013  -1.975 72.545  -2.517 2.875  3.898 -1.665 
5.912   72.860  19 CC_A23A24:A38A40_DD C 23 ? D 40 ? C 24 ? D 38 ? 
1 C A   10 1_555 D A 8  1_555 C C   11 1_555 A G 6  1_555 2.583  -0.111 2.959 1.258   1.604  -32.380 -0.052 4.819  2.862 -2.872 
2.253   -32.442 20 CC_A24C25:G6A38_AD  C 24 ? D 38 ? C 25 ? A 6  ? 
1 C C   11 1_555 A G 6  1_555 C A   12 1_555 D G 6  1_555 0.502  -2.013 3.717 6.434   7.265  49.323  -2.949 -0.081 3.442 8.609  
-7.624  50.210  21 CC_C25A26:G36G6_DA  C 25 ? A 6  ? C 26 ? D 36 ? 
1 C A   12 1_555 D G 6  1_555 C C   13 1_555 D G 5  1_555 1.080  -0.660 2.879 -3.981  3.066  30.549  -1.740 -2.677 2.643 5.770  
7.491   30.950  22 CC_A26C27:G35G36_DD C 26 ? D 36 ? C 27 ? D 35 ? 
1 C C   13 1_555 D G 5  1_555 C A   14 1_555 D U 4  1_555 0.018  -1.180 3.291 -0.907  10.541 34.660  -3.318 -0.151 2.822 17.204 
1.481   36.191  23 CC_C27A28:U34G35_DD C 27 ? D 35 ? C 28 ? D 34 ? 
1 C A   14 1_555 D U 4  1_555 C C   15 1_555 D G 3  1_555 0.555  -1.028 3.233 3.011   -0.586 32.900  -1.709 -0.468 3.287 -1.031 
-5.302  33.039  24 CC_A28C29:G33U34_DD C 28 ? D 34 ? C 29 ? D 33 ? 
1 C C   15 1_555 D G 3  1_555 C G   16 1_555 D C 2  1_555 0.369  -1.721 3.276 1.115   11.150 33.000  -4.444 -0.461 2.587 18.961 
-1.897  34.800  25 CC_C29G30:C32G33_DD C 29 ? D 33 ? C 30 ? D 32 ? 
1 C G   16 1_555 D C 2  1_555 C A   17 1_555 D U 1  1_555 0.688  -1.622 3.027 3.344   4.720  34.271  -3.368 -0.691 2.837 7.939  
-5.625  34.742  26 CC_G30A31:U31C32_DD C 30 ? D 32 ? C 31 ? D 31 ? 
# 
loop_
_pdbx_entity_nonpoly.entity_id 
_pdbx_entity_nonpoly.name 
_pdbx_entity_nonpoly.comp_id 
5 'SULFATE ION'           SO4 
6 'COBALT HEXAMMINE(III)' NCO 
7 water                   HOH 
# 
_pdbx_initial_refinement_model.id               1 
_pdbx_initial_refinement_model.entity_id_list   ? 
_pdbx_initial_refinement_model.type             'experimental model' 
_pdbx_initial_refinement_model.source_name      PDB 
_pdbx_initial_refinement_model.accession_code   1ZFR 
_pdbx_initial_refinement_model.details          'PDB ENTRY 1ZFR' 
# 
